data_8XAC
#
_entry.id   8XAC
#
_cell.length_a   165.280
_cell.length_b   165.280
_cell.length_c   160.612
_cell.angle_alpha   90.000
_cell.angle_beta   90.000
_cell.angle_gamma   90.000
#
_symmetry.space_group_name_H-M   'I 41'
#
loop_
_entity.id
_entity.type
_entity.pdbx_description
1 polymer 'Amidase family protein'
2 water water
#
_entity_poly.entity_id   1
_entity_poly.type   'polypeptide(L)'
_entity_poly.pdbx_seq_one_letter_code
;MGMSEPCHATIAELQAGIASGAYSREDVVAAHLGRTERINPVTNSYCELRGDQVLAEARAADREYGRELSGPLDGVPMSI
KDSFAVRGLRRTDGLPVHADRVADEDDEVVARLRDAGGLVLGHANVPDICIRWNTISGLYGIARNPRDPSRTAGGSSGGD
AANVAAGMATVGMGQDLGGSIRVPASFCGVYGLRPGAGTVPNLSVIPPFPASPTLDAMGTSGPFARSAADLRTMFSVIAG
AHPHDPVSVPAPLAGTASPRVAVLRGETGAVLDAEIEARLDATVDALRRAGFEVAEDVVPDLRRAPEVWAAINGTELINI
ALPEVGAEMTGSGRQHIEDMFGIFDLGLDLRAYHAVWLERRALQDALVRFLEDYPIIVAPVAGMPAPPLDFDHLIGREAS
ARLFDRMRCVPWVNLFGLPGLALPNGIQLVTRRFHEPDLLATAEAIEPLLPAVEVADPVLEHHHHHH
;
_entity_poly.pdbx_strand_id   A,B,C,D
#
# COMPACT_ATOMS: atom_id res chain seq x y z
N GLU A 5 5.06 -22.47 42.48
CA GLU A 5 6.14 -23.42 42.09
C GLU A 5 7.32 -22.62 41.54
N PRO A 6 8.57 -23.11 41.75
CA PRO A 6 9.74 -22.48 41.14
C PRO A 6 9.59 -22.24 39.64
N CYS A 7 8.96 -23.18 38.94
CA CYS A 7 8.85 -23.11 37.49
C CYS A 7 7.98 -21.94 37.06
N HIS A 8 7.12 -21.43 37.96
CA HIS A 8 6.30 -20.27 37.66
C HIS A 8 6.83 -19.02 38.34
N ALA A 9 7.98 -19.11 39.02
CA ALA A 9 8.43 -18.05 39.90
C ALA A 9 9.28 -17.03 39.14
N THR A 10 9.31 -15.79 39.66
CA THR A 10 10.23 -14.77 39.17
C THR A 10 11.53 -14.88 39.95
N ILE A 11 12.55 -14.15 39.47
CA ILE A 11 13.87 -14.20 40.10
C ILE A 11 13.70 -13.83 41.57
N ALA A 12 12.97 -12.75 41.83
CA ALA A 12 12.78 -12.28 43.19
C ALA A 12 12.18 -13.37 44.06
N GLU A 13 11.20 -14.09 43.52
CA GLU A 13 10.47 -15.12 44.25
C GLU A 13 11.37 -16.32 44.49
N LEU A 14 12.19 -16.67 43.49
CA LEU A 14 13.15 -17.76 43.62
C LEU A 14 14.15 -17.41 44.71
N GLN A 15 14.77 -16.24 44.54
CA GLN A 15 15.81 -15.76 45.45
C GLN A 15 15.24 -15.67 46.87
N ALA A 16 14.02 -15.14 46.98
CA ALA A 16 13.31 -15.07 48.25
C ALA A 16 13.14 -16.46 48.87
N GLY A 17 12.66 -17.41 48.06
CA GLY A 17 12.48 -18.78 48.50
C GLY A 17 13.77 -19.42 48.99
N ILE A 18 14.87 -19.18 48.26
CA ILE A 18 16.16 -19.73 48.63
C ILE A 18 16.59 -19.16 49.98
N ALA A 19 16.43 -17.84 50.16
CA ALA A 19 16.84 -17.14 51.36
C ALA A 19 15.96 -17.54 52.56
N SER A 20 14.64 -17.68 52.34
CA SER A 20 13.72 -18.00 53.41
C SER A 20 13.95 -19.43 53.88
N GLY A 21 14.60 -20.23 53.05
CA GLY A 21 14.75 -21.66 53.32
C GLY A 21 13.51 -22.42 52.88
N ALA A 22 12.64 -21.76 52.12
CA ALA A 22 11.49 -22.43 51.54
C ALA A 22 11.97 -23.56 50.63
N TYR A 23 12.96 -23.28 49.78
CA TYR A 23 13.55 -24.33 48.95
C TYR A 23 15.05 -24.09 48.74
N SER A 24 15.72 -25.13 48.21
CA SER A 24 17.14 -25.09 47.91
C SER A 24 17.34 -24.70 46.45
N ARG A 25 18.56 -24.35 46.07
CA ARG A 25 18.86 -24.06 44.67
C ARG A 25 18.75 -25.33 43.84
N GLU A 26 19.18 -26.44 44.42
CA GLU A 26 19.07 -27.73 43.75
C GLU A 26 17.60 -28.09 43.52
N ASP A 27 16.73 -27.65 44.43
CA ASP A 27 15.31 -27.87 44.30
C ASP A 27 14.81 -27.19 43.03
N VAL A 28 15.25 -25.94 42.81
CA VAL A 28 14.79 -25.15 41.69
C VAL A 28 15.24 -25.80 40.39
N VAL A 29 16.54 -26.13 40.29
CA VAL A 29 17.08 -26.73 39.08
C VAL A 29 16.29 -28.00 38.75
N ALA A 30 16.12 -28.87 39.76
CA ALA A 30 15.53 -30.19 39.57
C ALA A 30 14.09 -30.10 39.07
N ALA A 31 13.33 -29.15 39.63
CA ALA A 31 11.98 -28.89 39.16
C ALA A 31 12.01 -28.59 37.67
N HIS A 32 12.84 -27.62 37.27
CA HIS A 32 12.90 -27.19 35.88
C HIS A 32 13.23 -28.37 34.99
N LEU A 33 14.22 -29.18 35.37
CA LEU A 33 14.63 -30.33 34.58
C LEU A 33 13.50 -31.36 34.53
N GLY A 34 12.70 -31.44 35.60
CA GLY A 34 11.53 -32.28 35.63
C GLY A 34 10.50 -31.87 34.58
N ARG A 35 10.13 -30.59 34.61
CA ARG A 35 9.25 -29.99 33.61
C ARG A 35 9.84 -30.20 32.22
N THR A 36 11.13 -29.91 32.05
CA THR A 36 11.83 -30.08 30.78
C THR A 36 11.57 -31.49 30.27
N GLU A 37 11.70 -32.47 31.17
CA GLU A 37 11.53 -33.87 30.83
C GLU A 37 10.16 -34.08 30.17
N ARG A 38 9.11 -33.48 30.74
CA ARG A 38 7.75 -33.67 30.24
C ARG A 38 7.51 -32.85 28.97
N ILE A 39 7.85 -31.55 28.99
CA ILE A 39 7.42 -30.64 27.93
C ILE A 39 8.38 -30.69 26.75
N ASN A 40 9.69 -30.84 27.00
CA ASN A 40 10.66 -30.68 25.93
C ASN A 40 10.46 -31.71 24.82
N PRO A 41 9.98 -32.96 25.08
CA PRO A 41 9.53 -33.86 24.01
C PRO A 41 8.56 -33.25 23.00
N VAL A 42 7.66 -32.38 23.48
CA VAL A 42 6.72 -31.70 22.60
C VAL A 42 7.42 -30.51 21.95
N THR A 43 7.93 -29.56 22.76
CA THR A 43 8.44 -28.30 22.24
C THR A 43 9.69 -28.47 21.39
N ASN A 44 10.62 -29.36 21.80
CA ASN A 44 11.92 -29.53 21.14
C ASN A 44 12.70 -28.21 21.22
N SER A 45 12.54 -27.51 22.36
CA SER A 45 13.07 -26.18 22.55
C SER A 45 14.50 -26.22 23.11
N TYR A 46 14.84 -27.27 23.87
CA TYR A 46 16.19 -27.47 24.36
C TYR A 46 16.91 -28.49 23.46
N CYS A 47 18.02 -28.10 22.81
CA CYS A 47 18.75 -28.97 21.90
C CYS A 47 19.79 -29.83 22.63
N GLU A 48 20.42 -29.26 23.67
CA GLU A 48 21.42 -29.94 24.48
C GLU A 48 21.25 -29.51 25.93
N LEU A 49 21.17 -30.46 26.86
CA LEU A 49 20.92 -30.14 28.25
C LEU A 49 22.11 -30.60 29.10
N ARG A 50 22.52 -29.74 30.04
CA ARG A 50 23.61 -30.06 30.96
C ARG A 50 23.04 -30.30 32.35
N GLY A 51 22.10 -31.25 32.45
CA GLY A 51 21.31 -31.44 33.66
C GLY A 51 22.13 -31.93 34.86
N ASP A 52 23.02 -32.91 34.64
CA ASP A 52 23.81 -33.48 35.72
C ASP A 52 24.77 -32.42 36.26
N GLN A 53 25.35 -31.64 35.34
CA GLN A 53 26.35 -30.62 35.66
C GLN A 53 25.68 -29.47 36.42
N VAL A 54 24.56 -28.96 35.93
CA VAL A 54 23.89 -27.83 36.55
C VAL A 54 23.48 -28.15 37.99
N LEU A 55 23.09 -29.40 38.23
CA LEU A 55 22.66 -29.80 39.57
C LEU A 55 23.84 -29.78 40.54
N ALA A 56 25.03 -30.19 40.07
CA ALA A 56 26.26 -30.08 40.85
C ALA A 56 26.55 -28.63 41.24
N GLU A 57 26.40 -27.73 40.27
CA GLU A 57 26.66 -26.30 40.45
C GLU A 57 25.70 -25.72 41.48
N ALA A 58 24.42 -26.08 41.40
CA ALA A 58 23.42 -25.56 42.34
C ALA A 58 23.61 -26.19 43.72
N ARG A 59 24.09 -27.44 43.75
CA ARG A 59 24.42 -28.11 45.00
C ARG A 59 25.58 -27.37 45.66
N ALA A 60 26.63 -27.13 44.86
CA ALA A 60 27.82 -26.43 45.32
C ALA A 60 27.42 -25.11 45.99
N ALA A 61 26.62 -24.30 45.31
CA ALA A 61 26.22 -22.99 45.79
C ALA A 61 25.50 -23.11 47.13
N ASP A 62 24.53 -24.04 47.19
CA ASP A 62 23.83 -24.37 48.42
C ASP A 62 24.85 -24.61 49.53
N ARG A 63 25.95 -25.32 49.20
CA ARG A 63 27.02 -25.55 50.14
C ARG A 63 27.64 -24.23 50.59
N GLU A 64 28.23 -23.47 49.65
CA GLU A 64 28.90 -22.23 49.99
C GLU A 64 27.90 -21.20 50.56
N TYR A 65 26.99 -20.69 49.71
CA TYR A 65 26.24 -19.48 50.05
C TYR A 65 24.97 -19.78 50.85
N GLY A 66 24.45 -21.01 50.78
CA GLY A 66 23.27 -21.40 51.54
C GLY A 66 22.09 -20.44 51.32
N ARG A 67 21.58 -19.86 52.41
CA ARG A 67 20.45 -18.94 52.34
C ARG A 67 20.93 -17.53 51.97
N GLU A 68 22.25 -17.31 52.04
CA GLU A 68 22.82 -16.07 51.55
C GLU A 68 22.96 -16.16 50.03
N LEU A 69 22.46 -15.13 49.33
CA LEU A 69 22.53 -15.05 47.87
C LEU A 69 23.66 -14.09 47.52
N SER A 70 24.61 -14.52 46.67
CA SER A 70 25.72 -13.65 46.33
C SER A 70 25.69 -13.23 44.86
N GLY A 71 24.52 -13.35 44.23
CA GLY A 71 24.39 -12.92 42.85
C GLY A 71 23.03 -12.34 42.58
N PRO A 72 22.88 -11.43 41.60
CA PRO A 72 21.56 -10.94 41.19
C PRO A 72 20.77 -12.10 40.58
N LEU A 73 21.49 -13.03 39.93
CA LEU A 73 20.88 -14.15 39.23
C LEU A 73 21.16 -15.49 39.92
N ASP A 74 21.49 -15.46 41.21
CA ASP A 74 21.75 -16.68 41.94
C ASP A 74 20.45 -17.47 42.08
N GLY A 75 20.50 -18.78 41.77
CA GLY A 75 19.36 -19.66 41.93
C GLY A 75 18.40 -19.60 40.75
N VAL A 76 18.85 -19.02 39.63
CA VAL A 76 18.00 -18.82 38.46
C VAL A 76 18.45 -19.76 37.34
N PRO A 77 17.59 -20.72 36.93
CA PRO A 77 17.87 -21.57 35.79
C PRO A 77 17.67 -20.77 34.50
N MET A 78 18.59 -20.98 33.54
CA MET A 78 18.68 -20.18 32.35
C MET A 78 18.81 -21.03 31.08
N SER A 79 18.02 -20.67 30.07
CA SER A 79 18.15 -21.20 28.72
C SER A 79 19.11 -20.31 27.93
N ILE A 80 20.01 -20.93 27.14
CA ILE A 80 20.98 -20.20 26.35
C ILE A 80 20.93 -20.69 24.91
N LYS A 81 20.94 -19.76 23.94
CA LYS A 81 20.91 -20.10 22.52
C LYS A 81 22.22 -20.78 22.11
N ASP A 82 22.11 -21.77 21.21
CA ASP A 82 23.25 -22.52 20.71
C ASP A 82 24.30 -21.54 20.17
N SER A 83 23.86 -20.34 19.80
CA SER A 83 24.75 -19.34 19.20
C SER A 83 25.76 -18.84 20.23
N PHE A 84 25.50 -19.09 21.52
CA PHE A 84 26.37 -18.65 22.60
C PHE A 84 27.18 -19.84 23.12
N ALA A 85 28.50 -19.71 23.08
CA ALA A 85 29.40 -20.75 23.57
C ALA A 85 29.20 -20.96 25.07
N VAL A 86 28.84 -22.19 25.45
CA VAL A 86 28.85 -22.64 26.84
C VAL A 86 29.86 -23.76 26.90
N ARG A 87 30.70 -23.80 27.95
CA ARG A 87 31.78 -24.78 28.04
C ARG A 87 31.20 -26.17 28.16
N GLY A 88 31.61 -27.07 27.25
CA GLY A 88 31.17 -28.45 27.26
C GLY A 88 29.88 -28.68 26.48
N LEU A 89 29.29 -27.60 25.94
CA LEU A 89 28.13 -27.68 25.09
C LEU A 89 28.56 -27.34 23.67
N ARG A 90 27.95 -28.02 22.69
CA ARG A 90 28.36 -27.89 21.31
C ARG A 90 27.79 -26.62 20.70
N ARG A 91 28.60 -26.00 19.82
CA ARG A 91 28.20 -24.84 19.06
C ARG A 91 27.87 -25.30 17.65
N THR A 92 26.67 -25.86 17.48
CA THR A 92 26.29 -26.53 16.24
C THR A 92 25.90 -25.53 15.17
N ASP A 93 25.21 -24.46 15.58
CA ASP A 93 24.57 -23.56 14.64
C ASP A 93 23.41 -24.25 13.95
N GLY A 94 22.93 -25.35 14.54
CA GLY A 94 21.79 -26.08 14.01
C GLY A 94 22.16 -27.00 12.85
N LEU A 95 23.45 -27.02 12.49
CA LEU A 95 23.92 -27.73 11.32
C LEU A 95 24.45 -29.08 11.79
N PRO A 96 24.14 -30.19 11.07
CA PRO A 96 24.72 -31.48 11.42
C PRO A 96 26.24 -31.52 11.30
N VAL A 97 26.80 -30.73 10.37
CA VAL A 97 28.23 -30.68 10.17
C VAL A 97 28.97 -30.30 11.46
N HIS A 98 28.36 -29.44 12.30
CA HIS A 98 29.02 -28.92 13.48
C HIS A 98 28.50 -29.60 14.74
N ALA A 99 28.14 -30.89 14.64
CA ALA A 99 27.43 -31.55 15.71
C ALA A 99 28.37 -31.93 16.85
N ASP A 100 29.66 -32.12 16.52
CA ASP A 100 30.65 -32.54 17.50
C ASP A 100 31.62 -31.40 17.78
N ARG A 101 31.20 -30.16 17.47
CA ARG A 101 31.99 -28.97 17.72
C ARG A 101 31.75 -28.49 19.15
N VAL A 102 32.68 -28.79 20.06
CA VAL A 102 32.47 -28.53 21.47
C VAL A 102 33.20 -27.24 21.85
N ALA A 103 32.74 -26.59 22.93
CA ALA A 103 33.29 -25.31 23.34
C ALA A 103 34.18 -25.53 24.56
N ASP A 104 35.37 -24.89 24.55
CA ASP A 104 36.25 -24.89 25.71
C ASP A 104 35.80 -23.83 26.71
N GLU A 105 35.40 -22.63 26.21
CA GLU A 105 35.22 -21.45 27.05
C GLU A 105 33.83 -20.86 26.87
N ASP A 106 33.37 -20.14 27.92
CA ASP A 106 32.08 -19.46 27.91
C ASP A 106 32.24 -18.10 27.22
N ASP A 107 31.26 -17.69 26.40
CA ASP A 107 31.23 -16.36 25.83
C ASP A 107 31.07 -15.32 26.94
N GLU A 108 31.46 -14.07 26.66
CA GLU A 108 31.52 -13.06 27.69
C GLU A 108 30.18 -13.00 28.42
N VAL A 109 29.11 -12.93 27.62
CA VAL A 109 27.75 -12.79 28.14
C VAL A 109 27.39 -13.99 29.00
N VAL A 110 27.87 -15.17 28.61
CA VAL A 110 27.61 -16.40 29.35
C VAL A 110 28.30 -16.29 30.71
N ALA A 111 29.61 -16.00 30.67
CA ALA A 111 30.43 -15.86 31.86
C ALA A 111 29.82 -14.86 32.83
N ARG A 112 29.49 -13.68 32.32
CA ARG A 112 28.91 -12.63 33.14
C ARG A 112 27.69 -13.14 33.89
N LEU A 113 26.79 -13.82 33.17
CA LEU A 113 25.55 -14.33 33.74
C LEU A 113 25.85 -15.37 34.80
N ARG A 114 26.79 -16.27 34.50
CA ARG A 114 27.19 -17.35 35.41
C ARG A 114 27.85 -16.79 36.67
N ASP A 115 28.70 -15.76 36.52
CA ASP A 115 29.37 -15.11 37.63
C ASP A 115 28.39 -14.30 38.48
N ALA A 116 27.19 -14.02 37.95
CA ALA A 116 26.15 -13.38 38.73
C ALA A 116 25.30 -14.42 39.45
N GLY A 117 25.66 -15.70 39.30
CA GLY A 117 25.00 -16.78 40.00
C GLY A 117 24.09 -17.61 39.09
N GLY A 118 23.89 -17.18 37.85
CA GLY A 118 22.97 -17.82 36.93
C GLY A 118 23.41 -19.26 36.67
N LEU A 119 22.42 -20.16 36.53
CA LEU A 119 22.66 -21.59 36.36
C LEU A 119 22.11 -22.04 35.02
N VAL A 120 23.02 -22.42 34.10
CA VAL A 120 22.65 -22.80 32.73
C VAL A 120 22.01 -24.19 32.72
N LEU A 121 20.71 -24.28 32.41
CA LEU A 121 20.06 -25.57 32.26
C LEU A 121 20.58 -26.29 31.02
N GLY A 122 20.69 -25.58 29.90
CA GLY A 122 21.13 -26.19 28.65
C GLY A 122 20.96 -25.26 27.46
N HIS A 123 21.42 -25.71 26.29
CA HIS A 123 21.35 -24.96 25.04
C HIS A 123 19.94 -25.08 24.43
N ALA A 124 19.58 -24.10 23.59
CA ALA A 124 18.24 -24.01 23.02
C ALA A 124 18.33 -24.14 21.50
N ASN A 125 17.30 -24.73 20.89
CA ASN A 125 17.29 -25.03 19.47
C ASN A 125 17.30 -23.72 18.69
N VAL A 126 17.93 -23.75 17.51
CA VAL A 126 18.05 -22.58 16.66
C VAL A 126 17.84 -23.02 15.21
N PRO A 127 17.41 -22.10 14.31
CA PRO A 127 17.43 -22.34 12.87
C PRO A 127 18.82 -22.67 12.34
N ASP A 128 18.91 -23.08 11.07
CA ASP A 128 20.11 -23.68 10.52
C ASP A 128 21.27 -22.69 10.47
N ILE A 129 21.07 -21.46 9.99
CA ILE A 129 22.22 -20.57 10.05
C ILE A 129 21.92 -19.46 11.04
N CYS A 130 20.92 -19.70 11.91
CA CYS A 130 20.37 -18.69 12.79
C CYS A 130 19.75 -17.56 11.96
N ILE A 131 19.22 -17.89 10.77
CA ILE A 131 18.66 -16.88 9.88
C ILE A 131 17.29 -17.36 9.40
N ARG A 132 16.32 -17.41 10.33
CA ARG A 132 14.95 -17.77 10.00
C ARG A 132 14.01 -17.41 11.15
N TRP A 133 12.74 -17.17 10.84
CA TRP A 133 11.73 -16.86 11.86
C TRP A 133 11.00 -18.11 12.35
N ASN A 134 11.52 -19.28 12.01
CA ASN A 134 10.99 -20.55 12.48
C ASN A 134 12.19 -21.36 12.89
N THR A 135 12.16 -21.94 14.10
CA THR A 135 13.30 -22.66 14.63
C THR A 135 13.25 -24.11 14.13
N ILE A 136 13.77 -24.33 12.91
CA ILE A 136 13.89 -25.64 12.29
C ILE A 136 15.36 -25.88 11.99
N SER A 137 15.94 -26.89 12.66
CA SER A 137 17.33 -27.30 12.50
C SER A 137 17.43 -28.69 11.89
N GLY A 138 18.43 -28.91 11.02
CA GLY A 138 18.70 -30.21 10.44
C GLY A 138 19.19 -31.21 11.51
N LEU A 139 19.90 -30.71 12.52
CA LEU A 139 20.33 -31.55 13.63
C LEU A 139 19.19 -31.83 14.60
N TYR A 140 18.48 -30.80 15.08
CA TYR A 140 17.61 -30.97 16.24
C TYR A 140 16.11 -30.87 15.90
N GLY A 141 15.76 -30.47 14.66
CA GLY A 141 14.36 -30.46 14.25
C GLY A 141 13.69 -29.11 14.53
N ILE A 142 12.38 -29.15 14.78
CA ILE A 142 11.54 -27.97 14.88
C ILE A 142 11.15 -27.76 16.34
N ALA A 143 11.08 -26.49 16.74
CA ALA A 143 10.62 -26.12 18.07
C ALA A 143 9.21 -25.59 17.93
N ARG A 144 8.33 -25.98 18.85
CA ARG A 144 6.92 -25.66 18.75
C ARG A 144 6.50 -24.81 19.95
N ASN A 145 5.65 -23.83 19.66
CA ASN A 145 5.12 -22.92 20.67
C ASN A 145 4.43 -23.74 21.77
N PRO A 146 4.84 -23.62 23.06
CA PRO A 146 4.18 -24.35 24.14
C PRO A 146 2.69 -24.02 24.28
N ARG A 147 2.30 -22.84 23.81
CA ARG A 147 0.92 -22.37 23.97
C ARG A 147 0.05 -23.04 22.92
N ASP A 148 0.61 -23.22 21.72
CA ASP A 148 -0.01 -24.04 20.69
C ASP A 148 1.08 -24.71 19.84
N PRO A 149 1.44 -25.99 20.11
CA PRO A 149 2.48 -26.66 19.33
C PRO A 149 2.17 -26.77 17.83
N SER A 150 0.96 -26.35 17.45
CA SER A 150 0.59 -26.28 16.05
C SER A 150 1.18 -25.03 15.42
N ARG A 151 1.82 -24.19 16.24
CA ARG A 151 2.29 -22.89 15.82
C ARG A 151 3.80 -22.80 15.98
N THR A 152 4.39 -21.83 15.29
CA THR A 152 5.82 -21.60 15.35
C THR A 152 6.16 -20.94 16.69
N ALA A 153 7.38 -21.20 17.15
CA ALA A 153 7.89 -20.61 18.38
C ALA A 153 8.62 -19.31 18.07
N GLY A 154 9.13 -19.13 16.84
CA GLY A 154 9.77 -17.88 16.47
C GLY A 154 11.19 -17.99 15.90
N GLY A 155 11.74 -16.82 15.56
CA GLY A 155 12.83 -16.71 14.60
C GLY A 155 14.21 -16.49 15.21
N SER A 156 15.06 -17.49 15.01
CA SER A 156 16.40 -17.60 15.56
C SER A 156 16.31 -18.12 16.99
N SER A 157 15.80 -17.31 17.92
CA SER A 157 15.83 -17.63 19.33
C SER A 157 14.48 -18.20 19.79
N GLY A 158 13.95 -19.12 18.99
CA GLY A 158 12.61 -19.65 19.25
C GLY A 158 12.65 -20.65 20.41
N GLY A 159 13.76 -21.39 20.49
CA GLY A 159 14.01 -22.30 21.60
C GLY A 159 13.96 -21.57 22.94
N ASP A 160 14.80 -20.52 23.06
CA ASP A 160 14.91 -19.79 24.32
C ASP A 160 13.54 -19.25 24.73
N ALA A 161 12.82 -18.65 23.78
CA ALA A 161 11.50 -18.12 24.05
C ALA A 161 10.55 -19.22 24.49
N ALA A 162 10.60 -20.35 23.78
CA ALA A 162 9.74 -21.47 24.08
C ALA A 162 10.03 -22.01 25.47
N ASN A 163 11.32 -22.11 25.82
CA ASN A 163 11.71 -22.60 27.13
C ASN A 163 11.13 -21.73 28.25
N VAL A 164 11.29 -20.41 28.14
CA VAL A 164 10.86 -19.47 29.17
C VAL A 164 9.34 -19.44 29.27
N ALA A 165 8.65 -19.62 28.14
CA ALA A 165 7.20 -19.57 28.09
C ALA A 165 6.57 -20.80 28.74
N ALA A 166 7.33 -21.92 28.77
CA ALA A 166 6.82 -23.18 29.28
C ALA A 166 7.37 -23.46 30.68
N GLY A 167 8.10 -22.51 31.26
CA GLY A 167 8.59 -22.66 32.63
C GLY A 167 9.71 -23.69 32.73
N MET A 168 10.30 -24.06 31.58
CA MET A 168 11.51 -24.87 31.52
C MET A 168 12.76 -24.00 31.71
N ALA A 169 12.55 -22.68 31.74
CA ALA A 169 13.57 -21.75 32.19
C ALA A 169 12.93 -20.46 32.66
N THR A 170 13.48 -19.84 33.70
CA THR A 170 12.97 -18.59 34.25
C THR A 170 13.36 -17.47 33.30
N VAL A 171 14.53 -17.66 32.70
CA VAL A 171 15.17 -16.65 31.89
C VAL A 171 15.81 -17.35 30.69
N GLY A 172 15.97 -16.63 29.58
CA GLY A 172 16.65 -17.13 28.40
C GLY A 172 17.47 -16.00 27.77
N MET A 173 18.39 -16.37 26.87
CA MET A 173 19.27 -15.42 26.20
C MET A 173 19.25 -15.69 24.68
N GLY A 174 19.16 -14.63 23.86
CA GLY A 174 19.15 -14.77 22.41
C GLY A 174 19.88 -13.63 21.71
N GLN A 175 19.71 -13.56 20.37
CA GLN A 175 20.33 -12.53 19.53
C GLN A 175 19.29 -12.02 18.52
N ASP A 176 19.46 -10.79 18.01
CA ASP A 176 18.45 -10.13 17.17
C ASP A 176 19.07 -9.35 16.01
N LEU A 177 19.25 -9.98 14.83
CA LEU A 177 19.71 -9.28 13.63
C LEU A 177 18.50 -8.83 12.81
N GLY A 178 17.47 -9.70 12.76
CA GLY A 178 16.17 -9.40 12.18
C GLY A 178 15.18 -9.12 13.30
N GLY A 179 14.18 -9.98 13.49
CA GLY A 179 13.38 -9.87 14.70
C GLY A 179 13.77 -10.92 15.74
N SER A 180 15.04 -11.33 15.76
CA SER A 180 15.39 -12.68 16.20
C SER A 180 15.23 -12.87 17.72
N ILE A 181 15.07 -11.81 18.52
CA ILE A 181 14.60 -11.93 19.90
C ILE A 181 13.12 -11.55 19.97
N ARG A 182 12.77 -10.42 19.33
CA ARG A 182 11.46 -9.83 19.50
C ARG A 182 10.38 -10.70 18.88
N VAL A 183 10.65 -11.25 17.68
CA VAL A 183 9.70 -12.11 16.98
C VAL A 183 9.39 -13.34 17.84
N PRO A 184 10.37 -14.17 18.26
CA PRO A 184 10.11 -15.28 19.18
C PRO A 184 9.30 -14.99 20.43
N ALA A 185 9.64 -13.87 21.09
CA ALA A 185 9.00 -13.51 22.35
C ALA A 185 7.53 -13.19 22.14
N SER A 186 7.26 -12.45 21.05
CA SER A 186 5.92 -12.08 20.65
C SER A 186 5.14 -13.33 20.30
N PHE A 187 5.76 -14.23 19.53
CA PHE A 187 5.09 -15.45 19.09
C PHE A 187 4.83 -16.33 20.30
N CYS A 188 5.82 -16.44 21.20
CA CYS A 188 5.77 -17.35 22.34
C CYS A 188 5.13 -16.68 23.57
N GLY A 189 4.72 -15.42 23.44
CA GLY A 189 4.04 -14.72 24.52
C GLY A 189 4.91 -14.51 25.76
N VAL A 190 6.13 -14.00 25.57
CA VAL A 190 7.07 -13.73 26.64
C VAL A 190 7.74 -12.37 26.38
N TYR A 191 8.46 -11.85 27.38
CA TYR A 191 9.25 -10.63 27.22
C TYR A 191 10.57 -10.94 26.51
N GLY A 192 11.01 -10.03 25.64
CA GLY A 192 12.35 -10.11 25.08
C GLY A 192 12.94 -8.72 24.81
N LEU A 193 14.21 -8.50 25.16
CA LEU A 193 14.82 -7.19 24.99
C LEU A 193 15.96 -7.29 23.99
N ARG A 194 15.83 -6.58 22.85
CA ARG A 194 16.96 -6.38 21.96
C ARG A 194 17.72 -5.16 22.44
N PRO A 195 18.92 -5.32 23.04
CA PRO A 195 19.74 -4.17 23.42
C PRO A 195 20.11 -3.40 22.16
N GLY A 196 20.33 -2.10 22.30
CA GLY A 196 20.81 -1.30 21.19
C GLY A 196 22.30 -1.57 20.96
N ALA A 197 22.90 -0.82 20.05
CA ALA A 197 24.28 -1.07 19.68
C ALA A 197 25.22 -0.49 20.73
N GLY A 198 26.20 -1.31 21.17
CA GLY A 198 27.25 -0.83 22.06
C GLY A 198 27.06 -1.24 23.52
N THR A 199 25.82 -1.56 23.94
CA THR A 199 25.51 -1.74 25.35
C THR A 199 25.98 -3.09 25.87
N VAL A 200 25.88 -4.14 25.04
CA VAL A 200 26.19 -5.49 25.49
C VAL A 200 27.28 -6.01 24.58
N PRO A 201 28.38 -6.61 25.11
CA PRO A 201 29.52 -7.01 24.27
C PRO A 201 29.30 -8.33 23.56
N ASN A 202 29.89 -8.46 22.36
CA ASN A 202 29.83 -9.69 21.60
C ASN A 202 31.25 -10.24 21.44
N LEU A 203 31.62 -11.18 22.31
CA LEU A 203 32.92 -11.85 22.26
C LEU A 203 32.66 -13.35 22.06
N SER A 204 32.48 -13.74 20.79
CA SER A 204 32.14 -15.11 20.43
C SER A 204 33.40 -15.91 20.11
N VAL A 205 33.61 -17.02 20.83
CA VAL A 205 34.73 -17.91 20.59
C VAL A 205 34.50 -18.67 19.28
N ILE A 206 33.36 -19.35 19.14
CA ILE A 206 32.99 -19.96 17.86
C ILE A 206 31.82 -19.17 17.28
N PRO A 207 32.09 -18.14 16.46
CA PRO A 207 31.03 -17.22 16.02
C PRO A 207 30.04 -17.84 15.04
N PRO A 208 28.72 -17.56 15.19
CA PRO A 208 27.73 -17.96 14.18
C PRO A 208 27.65 -17.00 12.98
N PHE A 209 28.46 -15.94 13.02
CA PHE A 209 28.43 -14.81 12.08
C PHE A 209 29.89 -14.47 11.80
N PRO A 210 30.29 -13.55 10.87
CA PRO A 210 31.70 -13.21 10.79
C PRO A 210 32.09 -11.78 11.20
N ALA A 211 31.26 -11.14 12.03
CA ALA A 211 31.57 -9.79 12.47
C ALA A 211 31.58 -8.88 11.25
N SER A 212 30.63 -9.14 10.35
CA SER A 212 30.35 -8.25 9.23
C SER A 212 30.17 -6.84 9.79
N PRO A 213 30.53 -5.76 9.06
CA PRO A 213 30.16 -4.42 9.50
C PRO A 213 28.65 -4.27 9.71
N THR A 214 27.85 -5.18 9.12
CA THR A 214 26.41 -5.15 9.31
C THR A 214 26.06 -5.72 10.68
N LEU A 215 26.57 -6.89 11.06
CA LEU A 215 26.28 -7.46 12.37
C LEU A 215 26.68 -6.47 13.47
N ASP A 216 27.76 -5.73 13.20
CA ASP A 216 28.26 -4.70 14.10
C ASP A 216 27.22 -3.60 14.28
N ALA A 217 26.42 -3.32 13.25
CA ALA A 217 25.38 -2.31 13.33
C ALA A 217 24.05 -2.88 13.81
N MET A 218 23.64 -4.04 13.28
CA MET A 218 22.24 -4.43 13.37
C MET A 218 22.01 -5.64 14.28
N GLY A 219 23.08 -6.24 14.82
CA GLY A 219 22.96 -7.47 15.59
C GLY A 219 23.39 -7.28 17.06
N THR A 220 22.53 -7.70 18.00
CA THR A 220 22.82 -7.58 19.43
C THR A 220 22.36 -8.84 20.15
N SER A 221 22.81 -8.99 21.42
CA SER A 221 22.52 -10.13 22.26
C SER A 221 21.70 -9.67 23.46
N GLY A 222 20.64 -10.40 23.84
CA GLY A 222 19.73 -9.89 24.87
C GLY A 222 18.88 -10.95 25.56
N PRO A 223 18.17 -10.57 26.64
CA PRO A 223 17.38 -11.51 27.44
C PRO A 223 15.92 -11.78 27.05
N PHE A 224 15.43 -12.96 27.48
CA PHE A 224 14.04 -13.37 27.44
C PHE A 224 13.54 -13.48 28.88
N ALA A 225 12.25 -13.25 29.15
CA ALA A 225 11.76 -13.36 30.53
C ALA A 225 10.24 -13.30 30.61
N ARG A 226 9.71 -13.50 31.82
CA ARG A 226 8.27 -13.45 32.03
C ARG A 226 7.88 -12.21 32.82
N SER A 227 8.85 -11.37 33.18
CA SER A 227 8.59 -10.15 33.94
C SER A 227 9.53 -9.04 33.50
N ALA A 228 9.09 -7.78 33.69
CA ALA A 228 9.89 -6.62 33.30
C ALA A 228 11.10 -6.47 34.22
N ALA A 229 10.91 -6.76 35.52
CA ALA A 229 12.00 -6.73 36.47
C ALA A 229 13.06 -7.78 36.13
N ASP A 230 12.60 -8.97 35.69
CA ASP A 230 13.50 -10.05 35.36
C ASP A 230 14.31 -9.68 34.13
N LEU A 231 13.66 -8.98 33.18
CA LEU A 231 14.37 -8.45 32.02
C LEU A 231 15.41 -7.44 32.46
N ARG A 232 15.03 -6.58 33.40
CA ARG A 232 15.93 -5.58 33.94
C ARG A 232 17.17 -6.24 34.57
N THR A 233 16.94 -7.21 35.47
CA THR A 233 18.03 -7.85 36.19
C THR A 233 19.02 -8.46 35.22
N MET A 234 18.49 -9.16 34.21
CA MET A 234 19.32 -9.87 33.25
C MET A 234 20.18 -8.86 32.47
N PHE A 235 19.54 -7.77 32.03
CA PHE A 235 20.22 -6.77 31.23
C PHE A 235 21.36 -6.17 32.04
N SER A 236 21.12 -5.96 33.33
CA SER A 236 22.09 -5.32 34.20
C SER A 236 23.38 -6.13 34.24
N VAL A 237 23.28 -7.47 34.15
CA VAL A 237 24.45 -8.34 34.26
C VAL A 237 25.26 -8.35 32.96
N ILE A 238 24.58 -8.53 31.83
CA ILE A 238 25.22 -8.71 30.52
C ILE A 238 25.71 -7.37 30.01
N ALA A 239 25.03 -6.29 30.45
CA ALA A 239 25.35 -4.94 30.01
C ALA A 239 26.74 -4.56 30.53
N GLY A 240 27.37 -3.59 29.86
CA GLY A 240 28.75 -3.22 30.16
C GLY A 240 29.62 -3.48 28.94
N ALA A 241 30.75 -2.80 28.87
CA ALA A 241 31.56 -2.82 27.66
C ALA A 241 32.81 -3.67 27.90
N HIS A 242 33.32 -4.27 26.83
CA HIS A 242 34.59 -4.96 26.93
C HIS A 242 35.54 -4.33 25.92
N PRO A 243 36.81 -4.11 26.32
CA PRO A 243 37.86 -3.66 25.39
C PRO A 243 38.03 -4.48 24.12
N HIS A 244 37.81 -5.80 24.25
CA HIS A 244 38.05 -6.75 23.20
C HIS A 244 36.90 -6.75 22.20
N ASP A 245 35.76 -6.15 22.58
CA ASP A 245 34.70 -5.88 21.62
C ASP A 245 34.81 -4.42 21.20
N PRO A 246 35.22 -4.15 19.94
CA PRO A 246 35.35 -2.78 19.44
C PRO A 246 33.98 -2.13 19.29
N VAL A 247 32.94 -2.94 19.06
CA VAL A 247 31.60 -2.41 18.86
C VAL A 247 31.00 -1.99 20.20
N SER A 248 31.62 -2.45 21.28
CA SER A 248 31.23 -2.09 22.63
C SER A 248 31.66 -0.66 22.91
N VAL A 249 30.79 0.19 23.47
CA VAL A 249 31.17 1.55 23.78
C VAL A 249 31.13 1.74 25.30
N PRO A 250 32.10 2.45 25.93
CA PRO A 250 32.08 2.73 27.38
C PRO A 250 31.12 3.84 27.79
N ALA A 251 29.83 3.68 27.49
CA ALA A 251 28.88 4.77 27.69
C ALA A 251 27.95 4.42 28.84
N PRO A 252 27.57 5.39 29.69
CA PRO A 252 26.58 5.14 30.73
C PRO A 252 25.22 4.87 30.10
N LEU A 253 24.41 4.08 30.80
CA LEU A 253 23.03 3.86 30.40
C LEU A 253 22.19 5.03 30.93
N ALA A 254 21.08 5.32 30.25
CA ALA A 254 20.40 6.59 30.45
C ALA A 254 18.90 6.38 30.47
N GLY A 255 18.21 7.34 31.13
CA GLY A 255 16.76 7.32 31.24
C GLY A 255 16.21 8.74 31.27
N THR A 256 15.45 9.11 30.23
CA THR A 256 14.74 10.39 30.19
C THR A 256 13.59 10.39 31.20
N ALA A 257 13.16 11.61 31.57
CA ALA A 257 12.05 11.81 32.48
C ALA A 257 10.77 12.04 31.66
N SER A 258 9.65 11.51 32.17
CA SER A 258 8.38 11.59 31.48
C SER A 258 8.58 11.44 29.97
N PRO A 259 9.17 10.33 29.49
CA PRO A 259 9.38 10.11 28.06
C PRO A 259 8.06 10.23 27.31
N ARG A 260 8.14 10.55 26.01
CA ARG A 260 6.96 10.67 25.16
C ARG A 260 6.91 9.50 24.17
N VAL A 261 5.69 9.03 23.85
CA VAL A 261 5.54 7.85 23.03
C VAL A 261 4.78 8.20 21.76
N ALA A 262 5.29 7.72 20.63
CA ALA A 262 4.65 7.88 19.34
C ALA A 262 4.18 6.50 18.87
N VAL A 263 3.00 6.44 18.24
CA VAL A 263 2.44 5.16 17.81
C VAL A 263 2.83 4.95 16.35
N LEU A 264 3.50 3.83 16.09
CA LEU A 264 3.91 3.46 14.74
C LEU A 264 3.01 2.34 14.25
N ARG A 265 2.27 2.60 13.17
CA ARG A 265 1.45 1.59 12.51
C ARG A 265 2.03 1.30 11.13
N GLY A 266 1.53 1.98 10.09
CA GLY A 266 1.90 1.62 8.72
C GLY A 266 3.06 2.43 8.17
N GLU A 267 3.78 3.15 9.05
CA GLU A 267 4.87 4.03 8.62
C GLU A 267 6.05 3.25 8.05
N THR A 268 6.03 1.91 8.21
CA THR A 268 7.02 1.03 7.62
C THR A 268 6.39 0.18 6.52
N GLY A 269 5.08 0.31 6.32
CA GLY A 269 4.37 -0.43 5.29
C GLY A 269 3.81 -1.76 5.78
N ALA A 270 3.80 -2.00 7.10
CA ALA A 270 3.45 -3.30 7.65
C ALA A 270 1.98 -3.64 7.38
N VAL A 271 1.74 -4.89 6.95
CA VAL A 271 0.39 -5.42 6.89
C VAL A 271 0.09 -6.03 8.25
N LEU A 272 -0.73 -5.34 9.06
CA LEU A 272 -1.03 -5.76 10.42
C LEU A 272 -2.40 -6.44 10.48
N ASP A 273 -2.48 -7.55 11.23
CA ASP A 273 -3.75 -8.21 11.48
C ASP A 273 -4.54 -7.39 12.48
N ALA A 274 -5.86 -7.59 12.52
CA ALA A 274 -6.74 -6.78 13.34
C ALA A 274 -6.49 -6.95 14.85
N GLU A 275 -6.02 -8.13 15.29
CA GLU A 275 -5.75 -8.39 16.70
C GLU A 275 -4.50 -7.66 17.15
N ILE A 276 -3.49 -7.62 16.28
CA ILE A 276 -2.24 -6.95 16.61
C ILE A 276 -2.49 -5.45 16.75
N GLU A 277 -3.35 -4.90 15.89
CA GLU A 277 -3.68 -3.48 15.95
C GLU A 277 -4.50 -3.19 17.22
N ALA A 278 -5.44 -4.09 17.52
CA ALA A 278 -6.22 -4.02 18.74
C ALA A 278 -5.31 -4.05 19.97
N ARG A 279 -4.32 -4.95 19.96
CA ARG A 279 -3.37 -5.07 21.05
C ARG A 279 -2.52 -3.81 21.15
N LEU A 280 -2.24 -3.21 19.98
CA LEU A 280 -1.48 -1.97 19.92
C LEU A 280 -2.29 -0.90 20.63
N ASP A 281 -3.57 -0.84 20.29
CA ASP A 281 -4.47 0.13 20.90
C ASP A 281 -4.55 -0.10 22.41
N ALA A 282 -4.44 -1.35 22.85
CA ALA A 282 -4.44 -1.68 24.27
C ALA A 282 -3.18 -1.17 24.96
N THR A 283 -2.04 -1.34 24.30
CA THR A 283 -0.78 -0.95 24.92
C THR A 283 -0.72 0.57 25.00
N VAL A 284 -1.20 1.26 23.95
CA VAL A 284 -1.33 2.72 23.95
C VAL A 284 -2.15 3.15 25.17
N ASP A 285 -3.30 2.50 25.37
CA ASP A 285 -4.23 2.94 26.41
C ASP A 285 -3.61 2.68 27.77
N ALA A 286 -2.88 1.58 27.91
CA ALA A 286 -2.22 1.26 29.17
C ALA A 286 -1.19 2.34 29.49
N LEU A 287 -0.45 2.74 28.45
CA LEU A 287 0.55 3.79 28.58
C LEU A 287 -0.12 5.06 29.07
N ARG A 288 -1.17 5.50 28.35
CA ARG A 288 -1.87 6.74 28.66
C ARG A 288 -2.38 6.73 30.10
N ARG A 289 -2.84 5.56 30.56
CA ARG A 289 -3.31 5.39 31.93
C ARG A 289 -2.14 5.52 32.91
N ALA A 290 -0.95 5.04 32.53
CA ALA A 290 0.23 5.12 33.36
C ALA A 290 0.93 6.47 33.25
N GLY A 291 0.31 7.46 32.57
CA GLY A 291 0.78 8.81 32.59
C GLY A 291 1.68 9.18 31.41
N PHE A 292 1.84 8.26 30.46
CA PHE A 292 2.67 8.51 29.30
C PHE A 292 1.90 9.37 28.31
N GLU A 293 2.63 10.20 27.55
CA GLU A 293 2.04 10.99 26.49
C GLU A 293 2.21 10.19 25.20
N VAL A 294 1.09 9.89 24.53
CA VAL A 294 1.17 9.11 23.31
C VAL A 294 0.58 9.93 22.17
N ALA A 295 1.29 9.95 21.04
CA ALA A 295 0.86 10.71 19.88
C ALA A 295 0.77 9.77 18.67
N GLU A 296 -0.15 10.09 17.76
CA GLU A 296 -0.36 9.27 16.58
C GLU A 296 -0.10 10.12 15.34
N ASP A 297 0.22 9.46 14.22
CA ASP A 297 0.41 10.13 12.95
C ASP A 297 1.57 11.13 13.03
N VAL A 298 2.59 10.80 13.84
CA VAL A 298 3.72 11.69 14.04
C VAL A 298 5.01 11.08 13.47
N VAL A 299 5.03 9.75 13.27
CA VAL A 299 6.26 9.06 12.91
C VAL A 299 6.56 9.35 11.44
N PRO A 300 7.82 9.69 11.06
CA PRO A 300 8.21 9.91 9.66
C PRO A 300 7.98 8.68 8.78
N ASP A 301 8.35 8.78 7.50
CA ASP A 301 8.05 7.71 6.56
C ASP A 301 9.22 6.75 6.42
N LEU A 302 9.14 5.60 7.11
CA LEU A 302 10.27 4.69 7.23
C LEU A 302 10.03 3.45 6.39
N ARG A 303 9.21 3.60 5.35
CA ARG A 303 8.82 2.47 4.52
C ARG A 303 10.02 1.84 3.84
N ARG A 304 11.07 2.63 3.57
CA ARG A 304 12.24 2.12 2.87
C ARG A 304 13.20 1.42 3.82
N ALA A 305 13.07 1.69 5.12
CA ALA A 305 14.01 1.17 6.10
C ALA A 305 13.97 -0.35 6.12
N PRO A 306 12.80 -1.01 6.25
CA PRO A 306 12.75 -2.47 6.17
C PRO A 306 13.46 -2.96 4.90
N GLU A 307 13.22 -2.28 3.78
CA GLU A 307 13.72 -2.72 2.48
C GLU A 307 15.24 -2.52 2.35
N VAL A 308 15.78 -1.47 2.98
CA VAL A 308 17.21 -1.25 3.02
C VAL A 308 17.91 -2.32 3.86
N TRP A 309 17.27 -2.72 4.95
CA TRP A 309 17.75 -3.84 5.76
C TRP A 309 17.75 -5.12 4.92
N ALA A 310 16.68 -5.35 4.18
CA ALA A 310 16.57 -6.58 3.41
C ALA A 310 17.66 -6.64 2.34
N ALA A 311 17.91 -5.49 1.71
CA ALA A 311 18.89 -5.41 0.65
C ALA A 311 20.29 -5.71 1.17
N ILE A 312 20.67 -5.08 2.29
CA ILE A 312 21.98 -5.28 2.87
C ILE A 312 22.15 -6.73 3.31
N ASN A 313 21.18 -7.25 4.07
CA ASN A 313 21.30 -8.57 4.66
C ASN A 313 21.15 -9.63 3.56
N GLY A 314 20.21 -9.41 2.64
CA GLY A 314 19.89 -10.36 1.60
C GLY A 314 21.01 -10.51 0.58
N THR A 315 21.54 -9.36 0.11
CA THR A 315 22.64 -9.35 -0.84
C THR A 315 23.76 -10.23 -0.29
N GLU A 316 24.05 -10.09 1.00
CA GLU A 316 25.14 -10.79 1.62
C GLU A 316 24.79 -12.26 1.86
N LEU A 317 23.58 -12.54 2.33
CA LEU A 317 23.21 -13.93 2.56
C LEU A 317 23.33 -14.73 1.25
N ILE A 318 22.66 -14.24 0.21
CA ILE A 318 22.55 -14.95 -1.07
C ILE A 318 23.92 -15.06 -1.74
N ASN A 319 24.68 -13.97 -1.77
CA ASN A 319 25.91 -13.91 -2.55
C ASN A 319 27.16 -14.35 -1.76
N ILE A 320 27.17 -14.13 -0.43
CA ILE A 320 28.33 -14.47 0.39
C ILE A 320 28.07 -15.74 1.21
N ALA A 321 27.07 -15.72 2.09
CA ALA A 321 26.88 -16.78 3.08
C ALA A 321 26.36 -18.06 2.43
N LEU A 322 25.21 -17.99 1.76
CA LEU A 322 24.54 -19.16 1.20
C LEU A 322 25.51 -19.99 0.36
N PRO A 323 26.38 -19.39 -0.49
CA PRO A 323 27.42 -20.14 -1.20
C PRO A 323 28.46 -20.92 -0.39
N GLU A 324 28.73 -20.52 0.86
CA GLU A 324 29.69 -21.24 1.69
C GLU A 324 29.00 -22.38 2.44
N VAL A 325 27.73 -22.21 2.84
CA VAL A 325 27.06 -23.16 3.74
C VAL A 325 25.78 -23.68 3.13
N GLY A 326 25.72 -23.79 1.79
CA GLY A 326 24.46 -24.02 1.09
C GLY A 326 23.94 -25.45 1.23
N ALA A 327 24.84 -26.43 1.03
CA ALA A 327 24.47 -27.85 1.04
C ALA A 327 24.20 -28.36 2.44
N GLU A 328 24.80 -27.71 3.45
CA GLU A 328 24.70 -28.14 4.83
C GLU A 328 23.40 -27.63 5.47
N MET A 329 22.79 -26.59 4.93
CA MET A 329 21.60 -26.07 5.59
C MET A 329 20.38 -26.82 5.03
N THR A 330 19.28 -26.81 5.79
CA THR A 330 18.02 -27.38 5.33
C THR A 330 17.62 -26.73 4.01
N GLY A 331 16.89 -27.46 3.17
CA GLY A 331 16.36 -26.90 1.93
C GLY A 331 15.23 -25.91 2.20
N SER A 332 14.43 -26.22 3.23
CA SER A 332 13.36 -25.36 3.70
C SER A 332 13.90 -23.98 4.09
N GLY A 333 14.98 -23.98 4.89
CA GLY A 333 15.63 -22.76 5.32
C GLY A 333 16.31 -22.04 4.16
N ARG A 334 16.99 -22.80 3.29
CA ARG A 334 17.70 -22.25 2.15
C ARG A 334 16.73 -21.58 1.19
N GLN A 335 15.59 -22.23 0.95
CA GLN A 335 14.60 -21.72 0.00
C GLN A 335 13.86 -20.52 0.60
N HIS A 336 13.69 -20.48 1.93
CA HIS A 336 13.12 -19.30 2.58
C HIS A 336 13.96 -18.08 2.26
N ILE A 337 15.28 -18.20 2.37
CA ILE A 337 16.16 -17.06 2.15
C ILE A 337 16.10 -16.65 0.67
N GLU A 338 16.14 -17.65 -0.20
CA GLU A 338 16.13 -17.38 -1.63
C GLU A 338 14.80 -16.76 -2.06
N ASP A 339 13.70 -17.29 -1.53
CA ASP A 339 12.36 -16.85 -1.89
C ASP A 339 12.14 -15.40 -1.43
N MET A 340 12.36 -15.11 -0.15
CA MET A 340 12.12 -13.79 0.41
C MET A 340 13.20 -12.80 0.01
N PHE A 341 14.47 -13.11 0.30
CA PHE A 341 15.54 -12.14 0.14
C PHE A 341 15.95 -12.03 -1.33
N GLY A 342 15.44 -12.95 -2.16
CA GLY A 342 15.69 -12.88 -3.59
C GLY A 342 15.17 -11.58 -4.21
N ILE A 343 14.17 -10.96 -3.56
CA ILE A 343 13.51 -9.78 -4.08
C ILE A 343 14.43 -8.57 -3.94
N PHE A 344 15.13 -8.49 -2.81
CA PHE A 344 15.94 -7.33 -2.47
C PHE A 344 17.42 -7.57 -2.79
N ASP A 345 17.75 -8.69 -3.46
CA ASP A 345 19.11 -8.98 -3.85
C ASP A 345 19.60 -7.91 -4.82
N LEU A 346 20.67 -7.19 -4.47
CA LEU A 346 21.18 -6.11 -5.30
C LEU A 346 22.24 -6.63 -6.27
N GLY A 347 22.58 -7.93 -6.16
CA GLY A 347 23.68 -8.51 -6.92
C GLY A 347 25.04 -8.07 -6.40
N LEU A 348 26.09 -8.38 -7.17
CA LEU A 348 27.46 -8.27 -6.67
C LEU A 348 28.08 -6.89 -6.90
N ASP A 349 27.39 -6.01 -7.61
CA ASP A 349 27.90 -4.68 -7.87
C ASP A 349 27.98 -3.90 -6.56
N LEU A 350 29.21 -3.56 -6.16
CA LEU A 350 29.45 -2.80 -4.94
C LEU A 350 28.70 -1.47 -4.97
N ARG A 351 28.56 -0.87 -6.16
CA ARG A 351 28.01 0.47 -6.27
C ARG A 351 26.58 0.53 -5.75
N ALA A 352 25.81 -0.54 -5.99
CA ALA A 352 24.44 -0.65 -5.50
C ALA A 352 24.42 -0.69 -3.96
N TYR A 353 25.19 -1.63 -3.39
CA TYR A 353 25.24 -1.89 -1.95
C TYR A 353 25.64 -0.65 -1.18
N HIS A 354 26.70 0.04 -1.66
CA HIS A 354 27.14 1.29 -1.05
C HIS A 354 25.98 2.24 -0.87
N ALA A 355 25.17 2.38 -1.92
CA ALA A 355 24.09 3.35 -1.95
C ALA A 355 23.04 3.00 -0.91
N VAL A 356 22.71 1.71 -0.83
CA VAL A 356 21.69 1.27 0.10
C VAL A 356 22.14 1.61 1.53
N TRP A 357 23.45 1.61 1.77
CA TRP A 357 23.98 1.97 3.07
C TRP A 357 23.85 3.47 3.34
N LEU A 358 23.95 4.27 2.28
CA LEU A 358 23.80 5.72 2.36
C LEU A 358 22.35 6.08 2.59
N GLU A 359 21.43 5.28 2.03
CA GLU A 359 20.00 5.46 2.23
C GLU A 359 19.63 5.22 3.69
N ARG A 360 20.30 4.26 4.32
CA ARG A 360 20.13 4.01 5.75
C ARG A 360 20.43 5.30 6.50
N ARG A 361 21.61 5.87 6.28
CA ARG A 361 22.07 6.99 7.10
C ARG A 361 21.13 8.17 6.90
N ALA A 362 20.56 8.27 5.70
CA ALA A 362 19.54 9.25 5.40
C ALA A 362 18.32 9.04 6.29
N LEU A 363 17.79 7.82 6.30
CA LEU A 363 16.64 7.50 7.12
C LEU A 363 16.99 7.60 8.60
N GLN A 364 18.21 7.20 8.95
CA GLN A 364 18.67 7.20 10.33
C GLN A 364 18.75 8.63 10.85
N ASP A 365 19.21 9.57 10.03
CA ASP A 365 19.43 10.91 10.53
C ASP A 365 18.08 11.60 10.75
N ALA A 366 17.01 11.09 10.12
CA ALA A 366 15.65 11.58 10.35
C ALA A 366 15.07 11.03 11.66
N LEU A 367 15.28 9.73 11.91
CA LEU A 367 14.73 9.07 13.08
C LEU A 367 15.39 9.63 14.33
N VAL A 368 16.69 9.91 14.26
CA VAL A 368 17.41 10.34 15.44
C VAL A 368 16.92 11.74 15.81
N ARG A 369 16.55 12.53 14.80
CA ARG A 369 16.02 13.86 15.01
C ARG A 369 14.62 13.78 15.63
N PHE A 370 13.76 12.89 15.10
CA PHE A 370 12.40 12.71 15.57
C PHE A 370 12.37 12.14 16.99
N LEU A 371 13.28 11.21 17.30
CA LEU A 371 13.35 10.57 18.60
C LEU A 371 13.61 11.59 19.70
N GLU A 372 14.21 12.74 19.34
CA GLU A 372 14.44 13.79 20.30
C GLU A 372 13.12 14.40 20.73
N ASP A 373 12.18 14.50 19.79
CA ASP A 373 10.83 14.94 20.09
C ASP A 373 10.11 13.83 20.86
N TYR A 374 9.95 12.67 20.20
CA TYR A 374 9.24 11.52 20.73
C TYR A 374 10.22 10.40 21.01
N PRO A 375 10.86 10.34 22.19
CA PRO A 375 11.92 9.36 22.46
C PRO A 375 11.59 7.88 22.34
N ILE A 376 10.32 7.53 22.61
CA ILE A 376 9.90 6.14 22.65
C ILE A 376 8.88 5.94 21.55
N ILE A 377 9.04 4.85 20.79
CA ILE A 377 8.09 4.46 19.76
C ILE A 377 7.44 3.16 20.21
N VAL A 378 6.10 3.14 20.27
CA VAL A 378 5.37 1.91 20.50
C VAL A 378 4.93 1.42 19.11
N ALA A 379 5.13 0.13 18.86
CA ALA A 379 4.85 -0.42 17.54
C ALA A 379 4.62 -1.92 17.64
N PRO A 380 3.93 -2.54 16.67
CA PRO A 380 3.83 -4.00 16.63
C PRO A 380 5.21 -4.58 16.34
N VAL A 381 5.45 -5.81 16.82
CA VAL A 381 6.60 -6.55 16.38
C VAL A 381 6.23 -7.21 15.04
N ALA A 382 5.46 -8.29 15.14
CA ALA A 382 4.98 -8.98 13.96
C ALA A 382 3.55 -8.55 13.73
N GLY A 383 3.08 -8.61 12.49
CA GLY A 383 1.74 -8.17 12.18
C GLY A 383 0.70 -9.25 12.49
N MET A 384 1.18 -10.43 12.92
CA MET A 384 0.33 -11.60 13.06
C MET A 384 0.63 -12.28 14.40
N PRO A 385 -0.39 -12.90 15.04
CA PRO A 385 -0.13 -13.87 16.09
C PRO A 385 0.71 -14.99 15.51
N ALA A 386 1.29 -15.83 16.38
CA ALA A 386 2.14 -16.91 15.94
C ALA A 386 1.51 -17.62 14.75
N PRO A 387 2.14 -17.55 13.54
CA PRO A 387 1.67 -18.28 12.37
C PRO A 387 1.75 -19.81 12.55
N PRO A 388 1.20 -20.62 11.63
CA PRO A 388 1.37 -22.08 11.65
C PRO A 388 2.81 -22.51 11.40
N LEU A 389 3.13 -23.75 11.78
CA LEU A 389 4.49 -24.26 11.68
C LEU A 389 4.99 -24.28 10.24
N ASP A 390 4.08 -24.24 9.25
CA ASP A 390 4.43 -24.35 7.85
C ASP A 390 4.51 -22.98 7.18
N PHE A 391 4.62 -21.91 7.97
CA PHE A 391 4.39 -20.58 7.44
C PHE A 391 5.48 -20.26 6.43
N ASP A 392 6.71 -20.77 6.63
CA ASP A 392 7.80 -20.49 5.71
C ASP A 392 8.17 -21.71 4.87
N HIS A 393 7.40 -22.81 4.96
CA HIS A 393 7.76 -24.01 4.24
C HIS A 393 7.49 -23.88 2.73
N LEU A 394 8.57 -23.65 1.97
CA LEU A 394 8.49 -23.63 0.52
C LEU A 394 7.24 -22.88 0.04
N ILE A 395 7.09 -21.61 0.45
CA ILE A 395 5.88 -20.85 0.16
C ILE A 395 5.99 -20.14 -1.19
N GLY A 396 7.21 -19.99 -1.72
CA GLY A 396 7.40 -19.26 -2.97
C GLY A 396 7.66 -17.76 -2.76
N ARG A 397 8.10 -17.11 -3.83
CA ARG A 397 8.50 -15.71 -3.77
C ARG A 397 7.33 -14.81 -3.40
N GLU A 398 6.18 -15.04 -4.02
CA GLU A 398 5.02 -14.17 -3.87
C GLU A 398 4.51 -14.20 -2.43
N ALA A 399 4.38 -15.39 -1.85
CA ALA A 399 3.93 -15.54 -0.48
C ALA A 399 4.97 -15.05 0.53
N SER A 400 6.26 -15.20 0.17
CA SER A 400 7.36 -14.75 0.99
C SER A 400 7.40 -13.22 1.03
N ALA A 401 7.05 -12.58 -0.09
CA ALA A 401 6.91 -11.14 -0.14
C ALA A 401 5.77 -10.70 0.77
N ARG A 402 4.63 -11.38 0.67
CA ARG A 402 3.50 -11.07 1.51
C ARG A 402 3.88 -11.17 2.99
N LEU A 403 4.63 -12.21 3.34
CA LEU A 403 5.05 -12.39 4.72
C LEU A 403 5.98 -11.26 5.15
N PHE A 404 6.94 -10.89 4.29
CA PHE A 404 7.89 -9.83 4.60
C PHE A 404 7.12 -8.57 5.00
N ASP A 405 6.00 -8.33 4.30
CA ASP A 405 5.21 -7.12 4.49
C ASP A 405 4.60 -7.17 5.88
N ARG A 406 4.29 -8.38 6.36
CA ARG A 406 3.68 -8.52 7.67
C ARG A 406 4.69 -8.26 8.80
N MET A 407 5.99 -8.35 8.48
CA MET A 407 7.02 -8.28 9.50
C MET A 407 7.85 -7.01 9.33
N ARG A 408 7.25 -5.98 8.72
CA ARG A 408 7.98 -4.76 8.40
C ARG A 408 8.20 -3.87 9.62
N CYS A 409 7.65 -4.23 10.78
CA CYS A 409 7.89 -3.41 11.96
C CYS A 409 9.06 -3.96 12.78
N VAL A 410 9.64 -5.09 12.37
CA VAL A 410 10.73 -5.68 13.16
C VAL A 410 12.09 -5.15 12.65
N PRO A 411 12.42 -5.18 11.33
CA PRO A 411 13.78 -4.92 10.86
C PRO A 411 14.39 -3.52 10.99
N TRP A 412 13.55 -2.49 11.16
CA TRP A 412 14.06 -1.13 11.16
C TRP A 412 14.83 -0.84 12.44
N VAL A 413 14.47 -1.52 13.54
CA VAL A 413 15.11 -1.37 14.85
C VAL A 413 16.56 -1.79 14.72
N ASN A 414 16.80 -2.85 13.96
CA ASN A 414 18.14 -3.37 13.74
C ASN A 414 18.91 -2.42 12.82
N LEU A 415 18.27 -1.94 11.75
CA LEU A 415 18.97 -1.13 10.77
C LEU A 415 19.62 0.08 11.45
N PHE A 416 18.98 0.62 12.50
CA PHE A 416 19.39 1.88 13.09
C PHE A 416 20.06 1.69 14.45
N GLY A 417 20.32 0.43 14.84
CA GLY A 417 21.08 0.13 16.04
C GLY A 417 20.35 0.49 17.33
N LEU A 418 19.01 0.39 17.30
CA LEU A 418 18.16 0.94 18.34
C LEU A 418 17.75 -0.18 19.28
N PRO A 419 17.57 0.10 20.58
CA PRO A 419 16.99 -0.90 21.48
C PRO A 419 15.50 -1.12 21.25
N GLY A 420 15.07 -2.39 21.31
CA GLY A 420 13.67 -2.75 21.20
C GLY A 420 13.28 -3.77 22.27
N LEU A 421 12.32 -3.38 23.12
CA LEU A 421 11.78 -4.28 24.12
C LEU A 421 10.44 -4.84 23.64
N ALA A 422 10.37 -6.16 23.49
CA ALA A 422 9.15 -6.82 23.06
C ALA A 422 8.33 -7.19 24.29
N LEU A 423 7.09 -6.67 24.35
CA LEU A 423 6.17 -7.03 25.41
C LEU A 423 5.58 -8.39 25.06
N PRO A 424 5.06 -9.15 26.06
CA PRO A 424 4.43 -10.44 25.77
C PRO A 424 3.23 -10.41 24.83
N ASN A 425 2.64 -9.22 24.55
CA ASN A 425 1.47 -9.13 23.68
C ASN A 425 1.88 -9.02 22.21
N GLY A 426 3.18 -8.99 21.91
CA GLY A 426 3.65 -8.78 20.56
C GLY A 426 3.64 -7.30 20.14
N ILE A 427 3.63 -6.41 21.14
CA ILE A 427 3.80 -4.98 20.94
C ILE A 427 5.18 -4.63 21.50
N GLN A 428 5.90 -3.74 20.81
CA GLN A 428 7.28 -3.44 21.19
C GLN A 428 7.39 -1.97 21.56
N LEU A 429 8.34 -1.69 22.46
CA LEU A 429 8.79 -0.34 22.76
C LEU A 429 10.21 -0.18 22.20
N VAL A 430 10.45 0.94 21.52
CA VAL A 430 11.72 1.18 20.85
C VAL A 430 12.20 2.56 21.33
N THR A 431 13.52 2.71 21.56
CA THR A 431 14.06 3.98 22.05
C THR A 431 15.40 4.30 21.36
N ARG A 432 16.09 5.30 21.90
CA ARG A 432 17.39 5.72 21.40
C ARG A 432 18.46 4.82 22.01
N ARG A 433 19.62 4.79 21.36
CA ARG A 433 20.73 3.98 21.83
C ARG A 433 21.11 4.43 23.23
N PHE A 434 21.38 3.45 24.11
CA PHE A 434 21.86 3.71 25.45
C PHE A 434 20.73 4.15 26.37
N HIS A 435 19.48 4.09 25.88
CA HIS A 435 18.31 4.47 26.65
C HIS A 435 17.47 3.23 26.98
N GLU A 436 18.11 2.05 26.90
CA GLU A 436 17.45 0.79 27.23
C GLU A 436 16.72 0.90 28.57
N PRO A 437 17.29 1.58 29.60
CA PRO A 437 16.61 1.78 30.87
C PRO A 437 15.20 2.36 30.79
N ASP A 438 14.98 3.26 29.83
CA ASP A 438 13.65 3.85 29.63
C ASP A 438 12.64 2.82 29.16
N LEU A 439 13.09 1.87 28.32
CA LEU A 439 12.20 0.81 27.85
C LEU A 439 11.75 -0.06 29.02
N LEU A 440 12.74 -0.46 29.84
CA LEU A 440 12.52 -1.34 30.99
C LEU A 440 11.53 -0.72 31.96
N ALA A 441 11.65 0.60 32.21
CA ALA A 441 10.74 1.31 33.09
C ALA A 441 9.35 1.44 32.47
N THR A 442 9.25 1.77 31.17
CA THR A 442 7.94 1.97 30.55
C THR A 442 7.16 0.66 30.58
N ALA A 443 7.87 -0.45 30.31
CA ALA A 443 7.28 -1.76 30.29
C ALA A 443 6.74 -2.16 31.66
N GLU A 444 7.50 -1.85 32.71
CA GLU A 444 7.12 -2.11 34.09
C GLU A 444 5.85 -1.36 34.49
N ALA A 445 5.69 -0.13 34.00
CA ALA A 445 4.53 0.69 34.28
C ALA A 445 3.25 0.10 33.68
N ILE A 446 3.32 -0.35 32.41
CA ILE A 446 2.13 -0.88 31.74
C ILE A 446 1.94 -2.36 32.05
N GLU A 447 2.91 -3.00 32.73
CA GLU A 447 2.87 -4.43 33.00
C GLU A 447 1.60 -4.79 33.79
N PRO A 448 1.26 -4.05 34.87
CA PRO A 448 0.04 -4.32 35.63
C PRO A 448 -1.26 -4.18 34.86
N LEU A 449 -1.25 -3.38 33.79
CA LEU A 449 -2.49 -2.98 33.14
C LEU A 449 -2.72 -3.77 31.86
N LEU A 450 -1.83 -4.72 31.57
CA LEU A 450 -1.94 -5.52 30.37
C LEU A 450 -2.03 -6.98 30.81
N PRO A 451 -2.48 -7.90 29.92
CA PRO A 451 -2.68 -9.30 30.32
C PRO A 451 -1.38 -9.81 30.90
N ALA A 452 -1.50 -10.74 31.85
CA ALA A 452 -0.36 -11.28 32.58
C ALA A 452 0.30 -12.44 31.82
N VAL A 453 1.58 -12.68 32.11
CA VAL A 453 2.33 -13.77 31.53
C VAL A 453 2.15 -14.99 32.40
N GLU A 454 1.80 -16.13 31.81
CA GLU A 454 1.69 -17.38 32.53
C GLU A 454 2.52 -18.43 31.81
N VAL A 455 3.04 -19.43 32.54
CA VAL A 455 3.82 -20.51 31.94
C VAL A 455 2.82 -21.47 31.27
N ALA A 456 3.31 -22.35 30.38
CA ALA A 456 2.43 -23.15 29.55
C ALA A 456 2.87 -24.62 29.51
N ASP A 457 1.88 -25.52 29.54
CA ASP A 457 2.13 -26.96 29.53
C ASP A 457 1.36 -27.58 28.38
N PRO A 458 2.02 -27.94 27.25
CA PRO A 458 1.32 -28.59 26.14
C PRO A 458 0.85 -30.00 26.51
N VAL A 459 1.61 -30.67 27.39
CA VAL A 459 1.35 -32.05 27.78
C VAL A 459 0.06 -32.13 28.62
N LEU A 460 -0.20 -31.09 29.44
CA LEU A 460 -1.32 -31.11 30.37
C LEU A 460 -2.12 -29.82 30.19
N GLU B 5 -31.52 -34.22 14.88
CA GLU B 5 -32.37 -33.17 15.53
C GLU B 5 -32.75 -32.13 14.47
N PRO B 6 -34.02 -31.65 14.42
CA PRO B 6 -34.46 -30.70 13.40
C PRO B 6 -33.61 -29.44 13.23
N CYS B 7 -33.14 -28.92 14.37
CA CYS B 7 -32.45 -27.64 14.40
C CYS B 7 -31.09 -27.75 13.72
N HIS B 8 -30.56 -28.99 13.63
CA HIS B 8 -29.26 -29.25 13.03
C HIS B 8 -29.40 -29.83 11.62
N ALA B 9 -30.60 -29.73 11.03
CA ALA B 9 -30.90 -30.50 9.83
C ALA B 9 -31.01 -29.58 8.61
N THR B 10 -30.62 -30.13 7.45
CA THR B 10 -30.72 -29.43 6.17
C THR B 10 -32.19 -29.34 5.78
N ILE B 11 -32.50 -28.58 4.71
CA ILE B 11 -33.86 -28.50 4.19
C ILE B 11 -34.29 -29.89 3.71
N ALA B 12 -33.30 -30.67 3.25
CA ALA B 12 -33.53 -32.02 2.76
C ALA B 12 -33.75 -32.99 3.92
N GLU B 13 -32.94 -32.88 4.97
CA GLU B 13 -33.05 -33.78 6.12
C GLU B 13 -34.40 -33.57 6.81
N LEU B 14 -34.92 -32.35 6.78
CA LEU B 14 -36.22 -32.01 7.37
C LEU B 14 -37.34 -32.62 6.54
N GLN B 15 -37.27 -32.43 5.21
CA GLN B 15 -38.29 -32.91 4.31
C GLN B 15 -38.33 -34.45 4.25
N ALA B 16 -37.18 -35.08 4.50
CA ALA B 16 -37.09 -36.53 4.62
C ALA B 16 -37.86 -37.03 5.84
N GLY B 17 -37.52 -36.51 7.02
CA GLY B 17 -38.10 -36.96 8.28
C GLY B 17 -39.56 -36.53 8.46
N ILE B 18 -39.96 -35.44 7.80
CA ILE B 18 -41.37 -35.06 7.77
C ILE B 18 -42.16 -36.15 7.05
N ALA B 19 -41.60 -36.62 5.92
CA ALA B 19 -42.20 -37.65 5.09
C ALA B 19 -42.12 -39.03 5.76
N SER B 20 -41.03 -39.31 6.46
CA SER B 20 -40.85 -40.55 7.20
C SER B 20 -41.78 -40.60 8.41
N GLY B 21 -42.38 -39.45 8.78
CA GLY B 21 -43.31 -39.36 9.90
C GLY B 21 -42.60 -39.32 11.26
N ALA B 22 -41.25 -39.33 11.26
CA ALA B 22 -40.47 -39.26 12.49
C ALA B 22 -40.53 -37.86 13.11
N TYR B 23 -40.78 -36.84 12.29
CA TYR B 23 -41.00 -35.48 12.77
C TYR B 23 -42.26 -34.93 12.08
N SER B 24 -42.70 -33.74 12.50
CA SER B 24 -43.77 -33.03 11.83
C SER B 24 -43.32 -31.58 11.64
N ARG B 25 -44.05 -30.81 10.83
CA ARG B 25 -43.76 -29.39 10.65
C ARG B 25 -43.85 -28.66 11.99
N GLU B 26 -44.86 -29.03 12.79
CA GLU B 26 -45.06 -28.44 14.10
C GLU B 26 -43.84 -28.73 14.99
N ASP B 27 -43.38 -29.99 14.98
CA ASP B 27 -42.25 -30.40 15.81
C ASP B 27 -41.01 -29.59 15.44
N VAL B 28 -40.83 -29.37 14.13
CA VAL B 28 -39.74 -28.56 13.61
C VAL B 28 -39.89 -27.12 14.10
N VAL B 29 -41.06 -26.50 13.83
CA VAL B 29 -41.29 -25.11 14.23
C VAL B 29 -41.10 -24.95 15.74
N ALA B 30 -41.55 -25.92 16.53
CA ALA B 30 -41.48 -25.83 17.98
C ALA B 30 -40.04 -25.98 18.47
N ALA B 31 -39.31 -26.95 17.90
CA ALA B 31 -37.92 -27.14 18.23
C ALA B 31 -37.16 -25.83 18.11
N HIS B 32 -37.37 -25.12 16.99
CA HIS B 32 -36.67 -23.87 16.72
C HIS B 32 -37.13 -22.80 17.73
N LEU B 33 -38.45 -22.67 17.90
CA LEU B 33 -39.03 -21.67 18.79
C LEU B 33 -38.54 -21.86 20.22
N GLY B 34 -38.27 -23.12 20.58
CA GLY B 34 -37.65 -23.44 21.87
C GLY B 34 -36.23 -22.90 21.96
N ARG B 35 -35.39 -23.30 21.00
CA ARG B 35 -34.00 -22.87 20.96
C ARG B 35 -33.93 -21.34 20.92
N THR B 36 -34.82 -20.72 20.13
CA THR B 36 -34.89 -19.28 20.04
C THR B 36 -35.01 -18.71 21.45
N GLU B 37 -35.85 -19.35 22.28
CA GLU B 37 -36.17 -18.84 23.60
C GLU B 37 -34.93 -18.91 24.49
N ARG B 38 -34.08 -19.90 24.25
CA ARG B 38 -32.84 -20.06 25.00
C ARG B 38 -31.78 -19.09 24.48
N ILE B 39 -31.49 -19.12 23.18
CA ILE B 39 -30.31 -18.44 22.64
C ILE B 39 -30.62 -16.96 22.37
N ASN B 40 -31.84 -16.63 21.94
CA ASN B 40 -32.09 -15.28 21.44
C ASN B 40 -31.87 -14.21 22.51
N PRO B 41 -32.07 -14.50 23.83
CA PRO B 41 -31.62 -13.57 24.87
C PRO B 41 -30.16 -13.14 24.74
N VAL B 42 -29.29 -14.07 24.34
CA VAL B 42 -27.88 -13.77 24.18
C VAL B 42 -27.67 -13.08 22.84
N THR B 43 -28.10 -13.70 21.73
CA THR B 43 -27.72 -13.23 20.41
C THR B 43 -28.48 -11.95 20.04
N ASN B 44 -29.71 -11.79 20.55
CA ASN B 44 -30.57 -10.68 20.15
C ASN B 44 -30.70 -10.69 18.62
N SER B 45 -30.61 -11.88 18.01
CA SER B 45 -30.64 -12.01 16.56
C SER B 45 -32.03 -11.80 15.98
N TYR B 46 -33.09 -12.19 16.72
CA TYR B 46 -34.47 -12.07 16.26
C TYR B 46 -35.16 -10.88 16.95
N CYS B 47 -35.66 -9.89 16.18
CA CYS B 47 -36.37 -8.77 16.77
C CYS B 47 -37.85 -9.06 17.03
N GLU B 48 -38.55 -9.66 16.05
CA GLU B 48 -39.98 -9.94 16.17
C GLU B 48 -40.23 -11.39 15.78
N LEU B 49 -40.98 -12.13 16.61
CA LEU B 49 -41.19 -13.56 16.39
C LEU B 49 -42.69 -13.87 16.34
N ARG B 50 -43.15 -14.34 15.17
CA ARG B 50 -44.54 -14.71 14.94
C ARG B 50 -44.73 -16.19 15.26
N GLY B 51 -44.50 -16.55 16.53
CA GLY B 51 -44.52 -17.93 17.00
C GLY B 51 -45.88 -18.61 16.79
N ASP B 52 -46.88 -18.21 17.60
CA ASP B 52 -48.22 -18.76 17.51
C ASP B 52 -48.63 -18.90 16.05
N GLN B 53 -48.55 -17.79 15.31
CA GLN B 53 -48.88 -17.75 13.88
C GLN B 53 -48.23 -18.94 13.17
N VAL B 54 -46.89 -18.94 13.08
CA VAL B 54 -46.17 -19.95 12.33
C VAL B 54 -46.47 -21.35 12.87
N LEU B 55 -46.62 -21.49 14.20
CA LEU B 55 -46.91 -22.79 14.79
C LEU B 55 -48.18 -23.36 14.17
N ALA B 56 -49.23 -22.54 14.06
CA ALA B 56 -50.51 -22.93 13.49
C ALA B 56 -50.41 -23.19 11.99
N GLU B 57 -49.51 -22.46 11.31
CA GLU B 57 -49.24 -22.68 9.89
C GLU B 57 -48.71 -24.10 9.67
N ALA B 58 -47.85 -24.57 10.58
CA ALA B 58 -47.28 -25.90 10.48
C ALA B 58 -48.33 -26.98 10.74
N ARG B 59 -49.24 -26.72 11.70
CA ARG B 59 -50.29 -27.68 12.05
C ARG B 59 -51.29 -27.73 10.90
N ALA B 60 -51.62 -26.57 10.34
CA ALA B 60 -52.46 -26.48 9.15
C ALA B 60 -51.85 -27.27 8.00
N ALA B 61 -50.59 -26.97 7.67
CA ALA B 61 -49.91 -27.64 6.57
C ALA B 61 -49.52 -29.07 6.95
N ASP B 62 -49.34 -29.36 8.25
CA ASP B 62 -49.17 -30.74 8.70
C ASP B 62 -50.41 -31.52 8.32
N ARG B 63 -51.59 -30.91 8.51
CA ARG B 63 -52.86 -31.55 8.22
C ARG B 63 -53.05 -31.70 6.71
N GLU B 64 -52.91 -30.60 5.95
CA GLU B 64 -53.16 -30.64 4.52
C GLU B 64 -52.27 -31.70 3.84
N TYR B 65 -50.95 -31.48 3.81
CA TYR B 65 -50.07 -32.30 2.98
C TYR B 65 -49.56 -33.51 3.74
N GLY B 66 -49.61 -33.50 5.08
CA GLY B 66 -49.20 -34.65 5.86
C GLY B 66 -47.74 -35.05 5.62
N ARG B 67 -47.52 -36.29 5.18
CA ARG B 67 -46.17 -36.79 4.94
C ARG B 67 -45.66 -36.36 3.56
N GLU B 68 -46.56 -35.84 2.72
CA GLU B 68 -46.19 -35.29 1.42
C GLU B 68 -45.66 -33.87 1.62
N LEU B 69 -44.95 -33.33 0.63
CA LEU B 69 -44.30 -32.03 0.73
C LEU B 69 -44.97 -31.02 -0.20
N SER B 70 -45.41 -29.88 0.34
CA SER B 70 -46.01 -28.80 -0.44
C SER B 70 -45.08 -28.43 -1.59
N GLY B 71 -43.80 -28.23 -1.26
CA GLY B 71 -42.79 -27.87 -2.24
C GLY B 71 -41.41 -27.79 -1.61
N PRO B 72 -40.49 -26.99 -2.20
CA PRO B 72 -39.08 -26.98 -1.81
C PRO B 72 -38.81 -26.71 -0.33
N LEU B 73 -39.53 -25.75 0.24
CA LEU B 73 -39.23 -25.27 1.58
C LEU B 73 -40.28 -25.72 2.59
N ASP B 74 -41.07 -26.76 2.26
CA ASP B 74 -42.08 -27.25 3.19
C ASP B 74 -41.40 -27.71 4.48
N GLY B 75 -41.88 -27.23 5.63
CA GLY B 75 -41.32 -27.59 6.91
C GLY B 75 -39.93 -26.98 7.12
N VAL B 76 -39.70 -25.81 6.50
CA VAL B 76 -38.44 -25.11 6.64
C VAL B 76 -38.71 -23.77 7.35
N PRO B 77 -38.26 -23.62 8.61
CA PRO B 77 -38.38 -22.35 9.31
C PRO B 77 -37.37 -21.39 8.69
N MET B 78 -37.76 -20.11 8.59
CA MET B 78 -36.93 -19.11 7.94
C MET B 78 -36.83 -17.84 8.77
N SER B 79 -35.63 -17.25 8.76
CA SER B 79 -35.38 -15.94 9.35
C SER B 79 -35.42 -14.91 8.23
N ILE B 80 -36.17 -13.81 8.45
CA ILE B 80 -36.36 -12.81 7.43
C ILE B 80 -35.96 -11.45 8.00
N LYS B 81 -35.04 -10.76 7.31
CA LYS B 81 -34.57 -9.43 7.67
C LYS B 81 -35.75 -8.49 7.86
N ASP B 82 -35.63 -7.53 8.80
CA ASP B 82 -36.64 -6.52 9.03
C ASP B 82 -36.87 -5.70 7.77
N SER B 83 -35.91 -5.71 6.85
CA SER B 83 -36.00 -4.96 5.61
C SER B 83 -36.99 -5.58 4.62
N PHE B 84 -37.38 -6.83 4.89
CA PHE B 84 -38.37 -7.52 4.07
C PHE B 84 -39.71 -7.48 4.81
N ALA B 85 -40.71 -6.84 4.20
CA ALA B 85 -42.05 -6.82 4.74
C ALA B 85 -42.63 -8.23 4.85
N VAL B 86 -42.94 -8.67 6.07
CA VAL B 86 -43.71 -9.88 6.31
C VAL B 86 -45.05 -9.43 6.91
N ARG B 87 -46.13 -10.15 6.59
CA ARG B 87 -47.47 -9.75 6.99
C ARG B 87 -47.57 -9.74 8.52
N GLY B 88 -47.87 -8.57 9.09
CA GLY B 88 -48.14 -8.42 10.51
C GLY B 88 -46.88 -8.14 11.33
N LEU B 89 -45.73 -8.03 10.65
CA LEU B 89 -44.48 -7.78 11.33
C LEU B 89 -44.10 -6.35 11.02
N ARG B 90 -43.51 -5.67 12.01
CA ARG B 90 -43.17 -4.26 11.86
C ARG B 90 -41.97 -4.12 10.93
N ARG B 91 -42.01 -3.05 10.12
CA ARG B 91 -40.89 -2.64 9.30
C ARG B 91 -40.18 -1.49 10.00
N THR B 92 -39.32 -1.82 10.99
CA THR B 92 -38.75 -0.84 11.90
C THR B 92 -37.62 -0.06 11.21
N ASP B 93 -36.88 -0.73 10.32
CA ASP B 93 -35.64 -0.18 9.78
C ASP B 93 -34.62 0.00 10.91
N GLY B 94 -34.91 -0.57 12.09
CA GLY B 94 -34.05 -0.45 13.26
C GLY B 94 -34.39 0.77 14.11
N LEU B 95 -35.01 1.76 13.45
CA LEU B 95 -35.37 3.03 14.05
C LEU B 95 -36.56 2.83 14.99
N PRO B 96 -36.57 3.45 16.19
CA PRO B 96 -37.74 3.38 17.07
C PRO B 96 -39.00 4.08 16.56
N VAL B 97 -38.82 5.10 15.70
CA VAL B 97 -39.95 5.82 15.13
C VAL B 97 -40.89 4.85 14.40
N HIS B 98 -40.33 3.86 13.70
CA HIS B 98 -41.11 2.95 12.88
C HIS B 98 -41.47 1.68 13.67
N ALA B 99 -41.56 1.80 15.01
CA ALA B 99 -41.74 0.65 15.87
C ALA B 99 -43.14 0.06 15.70
N ASP B 100 -44.12 0.92 15.37
CA ASP B 100 -45.49 0.50 15.21
C ASP B 100 -45.95 0.70 13.77
N ARG B 101 -44.99 0.67 12.83
CA ARG B 101 -45.29 0.59 11.41
C ARG B 101 -45.35 -0.88 11.02
N VAL B 102 -46.57 -1.38 10.81
CA VAL B 102 -46.76 -2.79 10.54
C VAL B 102 -46.90 -2.97 9.02
N ALA B 103 -46.55 -4.18 8.54
CA ALA B 103 -46.63 -4.52 7.14
C ALA B 103 -47.94 -5.28 6.89
N ASP B 104 -48.77 -4.72 6.01
CA ASP B 104 -50.02 -5.35 5.59
C ASP B 104 -49.71 -6.60 4.77
N GLU B 105 -48.74 -6.52 3.85
CA GLU B 105 -48.50 -7.56 2.86
C GLU B 105 -47.09 -8.11 2.99
N ASP B 106 -46.90 -9.30 2.40
CA ASP B 106 -45.59 -9.91 2.23
C ASP B 106 -44.87 -9.20 1.09
N ASP B 107 -43.53 -9.12 1.15
CA ASP B 107 -42.72 -8.70 0.02
C ASP B 107 -42.72 -9.84 -0.99
N GLU B 108 -42.42 -9.52 -2.26
CA GLU B 108 -42.44 -10.50 -3.33
C GLU B 108 -41.66 -11.73 -2.90
N VAL B 109 -40.42 -11.52 -2.49
CA VAL B 109 -39.52 -12.59 -2.08
C VAL B 109 -40.17 -13.42 -0.97
N VAL B 110 -40.78 -12.75 0.02
CA VAL B 110 -41.35 -13.46 1.17
C VAL B 110 -42.48 -14.36 0.71
N ALA B 111 -43.35 -13.83 -0.16
CA ALA B 111 -44.43 -14.60 -0.75
C ALA B 111 -43.87 -15.87 -1.41
N ARG B 112 -42.87 -15.68 -2.28
CA ARG B 112 -42.29 -16.76 -3.06
C ARG B 112 -41.85 -17.89 -2.13
N LEU B 113 -41.12 -17.52 -1.07
CA LEU B 113 -40.59 -18.48 -0.11
C LEU B 113 -41.73 -19.19 0.61
N ARG B 114 -42.70 -18.41 1.09
CA ARG B 114 -43.81 -18.97 1.85
C ARG B 114 -44.63 -19.90 0.96
N ASP B 115 -44.81 -19.50 -0.31
CA ASP B 115 -45.51 -20.28 -1.30
C ASP B 115 -44.86 -21.66 -1.47
N ALA B 116 -43.53 -21.75 -1.30
CA ALA B 116 -42.80 -23.00 -1.46
C ALA B 116 -42.79 -23.81 -0.16
N GLY B 117 -43.67 -23.47 0.78
CA GLY B 117 -43.83 -24.22 2.02
C GLY B 117 -43.09 -23.57 3.20
N GLY B 118 -42.43 -22.44 2.93
CA GLY B 118 -41.61 -21.76 3.91
C GLY B 118 -42.46 -21.18 5.03
N LEU B 119 -42.04 -21.47 6.27
CA LEU B 119 -42.73 -20.98 7.46
C LEU B 119 -41.85 -19.90 8.10
N VAL B 120 -42.32 -18.65 8.08
CA VAL B 120 -41.56 -17.52 8.61
C VAL B 120 -41.58 -17.55 10.15
N LEU B 121 -40.44 -17.91 10.76
CA LEU B 121 -40.31 -17.96 12.21
C LEU B 121 -40.46 -16.57 12.82
N GLY B 122 -39.77 -15.58 12.25
CA GLY B 122 -39.85 -14.23 12.76
C GLY B 122 -38.94 -13.26 11.99
N HIS B 123 -38.98 -12.00 12.41
CA HIS B 123 -38.14 -10.95 11.85
C HIS B 123 -36.78 -10.93 12.56
N ALA B 124 -35.74 -10.54 11.82
CA ALA B 124 -34.37 -10.55 12.29
C ALA B 124 -33.90 -9.12 12.51
N ASN B 125 -32.98 -8.93 13.47
CA ASN B 125 -32.51 -7.61 13.84
C ASN B 125 -31.67 -7.02 12.70
N VAL B 126 -31.66 -5.69 12.61
CA VAL B 126 -30.89 -4.99 11.60
C VAL B 126 -30.23 -3.78 12.25
N PRO B 127 -29.17 -3.19 11.65
CA PRO B 127 -28.64 -1.89 12.08
C PRO B 127 -29.68 -0.78 11.86
N ASP B 128 -29.40 0.41 12.39
CA ASP B 128 -30.40 1.46 12.47
C ASP B 128 -30.84 1.92 11.09
N ILE B 129 -29.95 1.99 10.11
CA ILE B 129 -30.42 2.44 8.81
C ILE B 129 -30.10 1.38 7.76
N CYS B 130 -29.83 0.15 8.22
CA CYS B 130 -29.39 -0.93 7.35
C CYS B 130 -28.10 -0.53 6.61
N ILE B 131 -27.37 0.44 7.15
CA ILE B 131 -26.12 0.89 6.57
C ILE B 131 -25.03 0.85 7.65
N ARG B 132 -24.63 -0.37 8.00
CA ARG B 132 -23.55 -0.62 8.94
C ARG B 132 -23.16 -2.10 8.92
N TRP B 133 -21.90 -2.40 9.25
CA TRP B 133 -21.38 -3.77 9.32
C TRP B 133 -21.50 -4.35 10.72
N ASN B 134 -22.28 -3.68 11.59
CA ASN B 134 -22.56 -4.18 12.92
C ASN B 134 -24.04 -3.95 13.19
N THR B 135 -24.74 -5.02 13.60
CA THR B 135 -26.18 -4.99 13.75
C THR B 135 -26.51 -4.43 15.13
N ILE B 136 -26.59 -3.10 15.20
CA ILE B 136 -26.97 -2.39 16.42
C ILE B 136 -28.10 -1.44 16.06
N SER B 137 -29.29 -1.70 16.64
CA SER B 137 -30.46 -0.86 16.44
C SER B 137 -30.84 -0.16 17.74
N GLY B 138 -31.32 1.08 17.63
CA GLY B 138 -31.79 1.82 18.79
C GLY B 138 -33.09 1.24 19.35
N LEU B 139 -33.81 0.49 18.52
CA LEU B 139 -35.02 -0.18 18.98
C LEU B 139 -34.68 -1.49 19.66
N TYR B 140 -33.93 -2.39 18.99
CA TYR B 140 -33.80 -3.76 19.45
C TYR B 140 -32.42 -4.04 20.07
N GLY B 141 -31.44 -3.18 19.83
CA GLY B 141 -30.14 -3.33 20.47
C GLY B 141 -29.13 -4.05 19.58
N ILE B 142 -28.09 -4.62 20.21
CA ILE B 142 -26.97 -5.22 19.50
C ILE B 142 -27.22 -6.72 19.33
N ALA B 143 -26.86 -7.23 18.15
CA ALA B 143 -26.91 -8.66 17.87
C ALA B 143 -25.51 -9.24 17.97
N ARG B 144 -25.38 -10.36 18.69
CA ARG B 144 -24.06 -10.91 18.98
C ARG B 144 -23.86 -12.21 18.20
N ASN B 145 -22.58 -12.53 17.97
CA ASN B 145 -22.19 -13.73 17.26
C ASN B 145 -22.48 -14.95 18.14
N PRO B 146 -23.30 -15.92 17.68
CA PRO B 146 -23.51 -17.14 18.46
C PRO B 146 -22.23 -17.91 18.74
N ARG B 147 -21.29 -17.82 17.80
CA ARG B 147 -20.04 -18.53 17.90
C ARG B 147 -19.21 -17.94 19.04
N ASP B 148 -19.12 -16.60 19.05
CA ASP B 148 -18.53 -15.85 20.16
C ASP B 148 -19.33 -14.58 20.36
N PRO B 149 -20.20 -14.50 21.40
CA PRO B 149 -20.98 -13.28 21.64
C PRO B 149 -20.14 -12.04 21.93
N SER B 150 -18.82 -12.24 22.09
CA SER B 150 -17.88 -11.14 22.26
C SER B 150 -17.65 -10.43 20.92
N ARG B 151 -17.82 -11.17 19.81
CA ARG B 151 -17.56 -10.66 18.48
C ARG B 151 -18.88 -10.18 17.87
N THR B 152 -18.77 -9.42 16.76
CA THR B 152 -19.93 -8.91 16.05
C THR B 152 -20.60 -10.03 15.25
N ALA B 153 -21.92 -9.89 15.03
CA ALA B 153 -22.67 -10.77 14.15
C ALA B 153 -22.51 -10.35 12.69
N GLY B 154 -22.18 -9.08 12.46
CA GLY B 154 -22.01 -8.54 11.12
C GLY B 154 -23.19 -7.66 10.77
N GLY B 155 -23.05 -6.87 9.71
CA GLY B 155 -24.14 -6.02 9.23
C GLY B 155 -24.22 -6.08 7.71
N SER B 156 -25.38 -5.77 7.14
CA SER B 156 -26.56 -5.32 7.86
C SER B 156 -27.41 -6.52 8.29
N SER B 157 -27.39 -7.59 7.47
CA SER B 157 -28.21 -8.77 7.70
C SER B 157 -27.56 -9.71 8.72
N GLY B 158 -27.17 -9.16 9.88
CA GLY B 158 -26.39 -9.91 10.86
C GLY B 158 -27.27 -10.78 11.76
N GLY B 159 -28.53 -10.37 11.91
CA GLY B 159 -29.53 -11.14 12.64
C GLY B 159 -29.79 -12.49 11.96
N ASP B 160 -30.11 -12.46 10.67
CA ASP B 160 -30.46 -13.67 9.95
C ASP B 160 -29.30 -14.66 10.03
N ALA B 161 -28.09 -14.18 9.76
CA ALA B 161 -26.90 -15.01 9.77
C ALA B 161 -26.68 -15.64 11.15
N ALA B 162 -26.84 -14.84 12.22
CA ALA B 162 -26.71 -15.32 13.58
C ALA B 162 -27.77 -16.38 13.86
N ASN B 163 -29.00 -16.14 13.39
CA ASN B 163 -30.11 -17.08 13.53
C ASN B 163 -29.72 -18.42 12.90
N VAL B 164 -29.29 -18.38 11.63
CA VAL B 164 -28.90 -19.57 10.89
C VAL B 164 -27.75 -20.28 11.60
N ALA B 165 -26.76 -19.50 12.06
CA ALA B 165 -25.58 -20.09 12.66
C ALA B 165 -25.91 -20.74 14.00
N ALA B 166 -27.03 -20.34 14.61
CA ALA B 166 -27.37 -20.78 15.95
C ALA B 166 -28.59 -21.69 15.95
N GLY B 167 -28.88 -22.32 14.81
CA GLY B 167 -29.98 -23.27 14.74
C GLY B 167 -31.30 -22.65 15.17
N MET B 168 -31.48 -21.35 14.89
CA MET B 168 -32.75 -20.70 15.13
C MET B 168 -33.49 -20.48 13.80
N ALA B 169 -32.83 -20.83 12.70
CA ALA B 169 -33.47 -20.89 11.40
C ALA B 169 -32.62 -21.76 10.49
N THR B 170 -33.25 -22.64 9.72
CA THR B 170 -32.50 -23.45 8.77
C THR B 170 -31.91 -22.52 7.71
N VAL B 171 -32.72 -21.56 7.25
CA VAL B 171 -32.33 -20.60 6.23
C VAL B 171 -32.60 -19.20 6.73
N GLY B 172 -32.13 -18.21 5.95
CA GLY B 172 -32.37 -16.79 6.22
C GLY B 172 -32.42 -15.98 4.92
N MET B 173 -32.87 -14.73 5.01
CA MET B 173 -32.96 -13.87 3.85
C MET B 173 -32.32 -12.52 4.20
N GLY B 174 -31.56 -11.93 3.26
CA GLY B 174 -30.89 -10.65 3.51
C GLY B 174 -30.77 -9.78 2.27
N GLN B 175 -30.11 -8.62 2.43
CA GLN B 175 -29.77 -7.72 1.34
C GLN B 175 -28.27 -7.40 1.38
N ASP B 176 -27.70 -6.99 0.24
CA ASP B 176 -26.25 -6.80 0.15
C ASP B 176 -25.92 -5.61 -0.75
N LEU B 177 -26.02 -4.40 -0.20
CA LEU B 177 -25.61 -3.21 -0.93
C LEU B 177 -24.10 -3.03 -0.78
N GLY B 178 -23.64 -2.89 0.46
CA GLY B 178 -22.24 -3.13 0.82
C GLY B 178 -22.08 -4.62 1.04
N GLY B 179 -21.12 -5.07 1.85
CA GLY B 179 -20.99 -6.49 2.08
C GLY B 179 -22.12 -7.07 2.94
N SER B 180 -23.36 -6.64 2.73
CA SER B 180 -24.40 -6.76 3.74
C SER B 180 -24.99 -8.17 3.86
N ILE B 181 -24.73 -9.11 2.92
CA ILE B 181 -25.00 -10.54 3.11
C ILE B 181 -23.69 -11.28 3.40
N ARG B 182 -22.67 -11.04 2.56
CA ARG B 182 -21.44 -11.84 2.57
C ARG B 182 -20.67 -11.65 3.88
N VAL B 183 -20.58 -10.40 4.38
CA VAL B 183 -19.83 -10.11 5.59
C VAL B 183 -20.41 -10.85 6.79
N PRO B 184 -21.71 -10.68 7.12
CA PRO B 184 -22.29 -11.37 8.26
C PRO B 184 -22.09 -12.89 8.19
N ALA B 185 -22.30 -13.43 6.98
CA ALA B 185 -22.18 -14.86 6.72
C ALA B 185 -20.79 -15.36 7.02
N SER B 186 -19.80 -14.58 6.56
CA SER B 186 -18.40 -14.86 6.82
C SER B 186 -18.10 -14.77 8.32
N PHE B 187 -18.62 -13.72 8.97
CA PHE B 187 -18.34 -13.53 10.39
C PHE B 187 -19.02 -14.60 11.23
N CYS B 188 -20.25 -14.99 10.83
CA CYS B 188 -21.05 -15.90 11.63
C CYS B 188 -20.86 -17.36 11.18
N GLY B 189 -19.97 -17.58 10.20
CA GLY B 189 -19.60 -18.91 9.77
C GLY B 189 -20.77 -19.68 9.16
N VAL B 190 -21.42 -19.04 8.17
CA VAL B 190 -22.51 -19.64 7.43
C VAL B 190 -22.39 -19.25 5.95
N TYR B 191 -23.17 -19.90 5.08
CA TYR B 191 -23.20 -19.56 3.67
C TYR B 191 -24.08 -18.32 3.50
N GLY B 192 -23.76 -17.51 2.48
CA GLY B 192 -24.63 -16.40 2.09
C GLY B 192 -24.43 -16.07 0.61
N LEU B 193 -25.52 -15.78 -0.10
CA LEU B 193 -25.43 -15.54 -1.53
C LEU B 193 -25.96 -14.14 -1.85
N ARG B 194 -25.12 -13.30 -2.44
CA ARG B 194 -25.56 -12.07 -3.07
C ARG B 194 -25.84 -12.40 -4.54
N PRO B 195 -27.12 -12.40 -4.99
CA PRO B 195 -27.41 -12.55 -6.42
C PRO B 195 -26.76 -11.39 -7.18
N GLY B 196 -26.68 -11.52 -8.51
CA GLY B 196 -26.29 -10.40 -9.36
C GLY B 196 -27.47 -9.46 -9.62
N ALA B 197 -27.27 -8.51 -10.53
CA ALA B 197 -28.36 -7.64 -10.94
C ALA B 197 -29.34 -8.40 -11.84
N GLY B 198 -30.64 -8.29 -11.54
CA GLY B 198 -31.70 -8.75 -12.43
C GLY B 198 -32.26 -10.12 -12.04
N THR B 199 -31.48 -10.93 -11.31
CA THR B 199 -31.83 -12.32 -11.12
C THR B 199 -32.96 -12.50 -10.11
N VAL B 200 -33.02 -11.65 -9.06
CA VAL B 200 -34.01 -11.77 -7.98
C VAL B 200 -34.73 -10.43 -7.87
N PRO B 201 -36.08 -10.41 -7.89
CA PRO B 201 -36.80 -9.14 -7.95
C PRO B 201 -37.01 -8.53 -6.57
N ASN B 202 -37.00 -7.19 -6.51
CA ASN B 202 -37.29 -6.48 -5.27
C ASN B 202 -38.58 -5.68 -5.43
N LEU B 203 -39.64 -6.18 -4.78
CA LEU B 203 -40.94 -5.52 -4.76
C LEU B 203 -41.34 -5.25 -3.31
N SER B 204 -40.85 -4.13 -2.76
CA SER B 204 -41.00 -3.81 -1.35
C SER B 204 -42.30 -3.04 -1.10
N VAL B 205 -43.08 -3.54 -0.13
CA VAL B 205 -44.28 -2.87 0.33
C VAL B 205 -43.87 -1.55 1.00
N ILE B 206 -43.04 -1.64 2.05
CA ILE B 206 -42.45 -0.48 2.70
C ILE B 206 -40.94 -0.55 2.48
N PRO B 207 -40.37 0.34 1.64
CA PRO B 207 -38.96 0.24 1.23
C PRO B 207 -37.88 0.49 2.29
N PRO B 208 -36.84 -0.37 2.40
CA PRO B 208 -35.69 -0.07 3.26
C PRO B 208 -34.95 1.19 2.81
N PHE B 209 -34.81 1.33 1.48
CA PHE B 209 -34.03 2.39 0.88
C PHE B 209 -34.79 2.97 -0.31
N PRO B 210 -34.45 4.21 -0.74
CA PRO B 210 -34.91 4.75 -2.02
C PRO B 210 -34.53 3.85 -3.20
N ALA B 211 -35.33 3.89 -4.26
CA ALA B 211 -34.97 3.18 -5.49
C ALA B 211 -33.96 4.02 -6.27
N SER B 212 -32.80 4.25 -5.65
CA SER B 212 -31.71 4.98 -6.29
C SER B 212 -31.14 4.15 -7.43
N PRO B 213 -30.50 4.77 -8.43
CA PRO B 213 -29.74 4.01 -9.43
C PRO B 213 -28.60 3.24 -8.76
N THR B 214 -28.14 3.74 -7.60
CA THR B 214 -27.18 3.03 -6.79
C THR B 214 -27.76 1.71 -6.31
N LEU B 215 -28.94 1.75 -5.69
CA LEU B 215 -29.56 0.53 -5.19
C LEU B 215 -29.84 -0.40 -6.35
N ASP B 216 -30.36 0.15 -7.45
CA ASP B 216 -30.68 -0.64 -8.61
C ASP B 216 -29.44 -1.40 -9.06
N ALA B 217 -28.33 -0.67 -9.25
CA ALA B 217 -27.11 -1.24 -9.75
C ALA B 217 -26.41 -2.12 -8.71
N MET B 218 -26.32 -1.68 -7.45
CA MET B 218 -25.38 -2.31 -6.52
C MET B 218 -26.06 -3.16 -5.44
N GLY B 219 -27.40 -3.17 -5.34
CA GLY B 219 -28.06 -3.83 -4.23
C GLY B 219 -28.94 -5.00 -4.68
N THR B 220 -28.78 -6.17 -4.04
CA THR B 220 -29.59 -7.35 -4.34
C THR B 220 -30.02 -8.02 -3.03
N SER B 221 -31.02 -8.92 -3.13
CA SER B 221 -31.58 -9.65 -1.99
C SER B 221 -31.23 -11.14 -2.12
N GLY B 222 -30.69 -11.76 -1.07
CA GLY B 222 -30.16 -13.11 -1.21
C GLY B 222 -30.34 -13.96 0.04
N PRO B 223 -30.09 -15.29 -0.03
CA PRO B 223 -30.25 -16.18 1.10
C PRO B 223 -29.03 -16.45 1.99
N PHE B 224 -29.29 -16.91 3.22
CA PHE B 224 -28.26 -17.41 4.13
C PHE B 224 -28.55 -18.89 4.39
N ALA B 225 -27.52 -19.72 4.56
CA ALA B 225 -27.73 -21.15 4.76
C ALA B 225 -26.51 -21.83 5.39
N ARG B 226 -26.69 -23.09 5.81
CA ARG B 226 -25.61 -23.89 6.36
C ARG B 226 -25.11 -24.92 5.35
N SER B 227 -25.72 -24.95 4.16
CA SER B 227 -25.37 -25.93 3.13
C SER B 227 -25.46 -25.26 1.76
N ALA B 228 -24.51 -25.60 0.88
CA ALA B 228 -24.49 -25.04 -0.45
C ALA B 228 -25.75 -25.45 -1.20
N ALA B 229 -26.24 -26.66 -0.91
CA ALA B 229 -27.46 -27.17 -1.51
C ALA B 229 -28.66 -26.33 -1.09
N ASP B 230 -28.73 -26.04 0.22
CA ASP B 230 -29.86 -25.30 0.78
C ASP B 230 -29.86 -23.88 0.23
N LEU B 231 -28.66 -23.37 -0.10
CA LEU B 231 -28.54 -22.09 -0.76
C LEU B 231 -29.32 -22.10 -2.07
N ARG B 232 -29.07 -23.11 -2.91
CA ARG B 232 -29.62 -23.13 -4.27
C ARG B 232 -31.14 -23.28 -4.20
N THR B 233 -31.63 -24.12 -3.29
CA THR B 233 -33.06 -24.31 -3.09
C THR B 233 -33.70 -22.94 -2.88
N MET B 234 -33.07 -22.12 -2.04
CA MET B 234 -33.55 -20.80 -1.69
C MET B 234 -33.38 -19.83 -2.86
N PHE B 235 -32.24 -19.90 -3.55
CA PHE B 235 -32.02 -19.08 -4.73
C PHE B 235 -33.04 -19.48 -5.80
N SER B 236 -33.33 -20.79 -5.89
CA SER B 236 -34.29 -21.30 -6.86
C SER B 236 -35.64 -20.60 -6.70
N VAL B 237 -36.16 -20.58 -5.46
CA VAL B 237 -37.49 -20.04 -5.19
C VAL B 237 -37.48 -18.54 -5.50
N ILE B 238 -36.55 -17.81 -4.88
CA ILE B 238 -36.58 -16.35 -4.90
C ILE B 238 -36.24 -15.84 -6.30
N ALA B 239 -35.45 -16.62 -7.05
CA ALA B 239 -35.07 -16.26 -8.41
C ALA B 239 -36.29 -16.26 -9.31
N GLY B 240 -36.16 -15.63 -10.48
CA GLY B 240 -37.29 -15.36 -11.36
C GLY B 240 -37.50 -13.86 -11.48
N ALA B 241 -38.23 -13.41 -12.50
CA ALA B 241 -38.33 -12.00 -12.78
C ALA B 241 -39.78 -11.56 -12.65
N HIS B 242 -40.01 -10.34 -12.15
CA HIS B 242 -41.34 -9.77 -12.08
C HIS B 242 -41.37 -8.53 -12.97
N PRO B 243 -42.45 -8.33 -13.77
CA PRO B 243 -42.54 -7.16 -14.65
C PRO B 243 -42.58 -5.84 -13.89
N HIS B 244 -43.04 -5.91 -12.63
CA HIS B 244 -43.21 -4.73 -11.81
C HIS B 244 -41.88 -4.28 -11.21
N ASP B 245 -40.86 -5.16 -11.20
CA ASP B 245 -39.50 -4.73 -10.87
C ASP B 245 -38.78 -4.39 -12.17
N PRO B 246 -38.55 -3.09 -12.48
CA PRO B 246 -37.88 -2.71 -13.73
C PRO B 246 -36.46 -3.25 -13.83
N VAL B 247 -35.79 -3.40 -12.68
CA VAL B 247 -34.40 -3.82 -12.65
C VAL B 247 -34.31 -5.30 -12.98
N SER B 248 -35.37 -6.05 -12.60
CA SER B 248 -35.44 -7.48 -12.80
C SER B 248 -35.39 -7.75 -14.30
N VAL B 249 -34.37 -8.49 -14.77
CA VAL B 249 -34.24 -8.77 -16.18
C VAL B 249 -34.73 -10.20 -16.43
N PRO B 250 -35.50 -10.47 -17.51
CA PRO B 250 -35.91 -11.85 -17.85
C PRO B 250 -34.89 -12.62 -18.67
N ALA B 251 -33.73 -12.92 -18.06
CA ALA B 251 -32.65 -13.64 -18.71
C ALA B 251 -32.55 -15.04 -18.09
N PRO B 252 -32.24 -16.10 -18.87
CA PRO B 252 -32.14 -17.46 -18.32
C PRO B 252 -30.91 -17.45 -17.44
N LEU B 253 -30.98 -18.17 -16.31
CA LEU B 253 -29.80 -18.36 -15.49
C LEU B 253 -28.81 -19.21 -16.26
N ALA B 254 -27.52 -18.86 -16.17
CA ALA B 254 -26.51 -19.47 -17.02
C ALA B 254 -25.52 -20.33 -16.23
N GLY B 255 -24.80 -21.20 -16.95
CA GLY B 255 -23.75 -22.02 -16.38
C GLY B 255 -22.60 -22.18 -17.37
N THR B 256 -21.39 -22.36 -16.84
CA THR B 256 -20.19 -22.47 -17.66
C THR B 256 -19.56 -23.83 -17.42
N ALA B 257 -18.95 -24.39 -18.47
CA ALA B 257 -18.25 -25.67 -18.37
C ALA B 257 -16.81 -25.44 -17.94
N SER B 258 -16.39 -26.20 -16.93
CA SER B 258 -15.04 -26.11 -16.39
C SER B 258 -14.58 -24.65 -16.34
N PRO B 259 -15.21 -23.79 -15.51
CA PRO B 259 -14.84 -22.39 -15.41
C PRO B 259 -13.45 -22.23 -14.79
N ARG B 260 -12.64 -21.31 -15.31
CA ARG B 260 -11.38 -20.95 -14.69
C ARG B 260 -11.62 -20.06 -13.47
N VAL B 261 -10.72 -20.18 -12.47
CA VAL B 261 -10.77 -19.41 -11.24
C VAL B 261 -9.52 -18.53 -11.15
N ALA B 262 -9.69 -17.28 -10.71
CA ALA B 262 -8.60 -16.35 -10.52
C ALA B 262 -8.56 -15.89 -9.06
N VAL B 263 -7.41 -16.12 -8.40
CA VAL B 263 -7.23 -15.75 -7.01
C VAL B 263 -6.96 -14.25 -6.93
N LEU B 264 -7.82 -13.53 -6.20
CA LEU B 264 -7.64 -12.12 -5.92
C LEU B 264 -7.23 -11.94 -4.47
N ARG B 265 -6.13 -11.19 -4.25
CA ARG B 265 -5.67 -10.87 -2.91
C ARG B 265 -5.68 -9.36 -2.71
N GLY B 266 -4.63 -8.69 -3.23
CA GLY B 266 -4.42 -7.29 -2.96
C GLY B 266 -4.84 -6.39 -4.13
N GLU B 267 -5.50 -6.95 -5.14
CA GLU B 267 -5.84 -6.20 -6.33
C GLU B 267 -6.94 -5.17 -6.09
N THR B 268 -7.53 -5.20 -4.87
CA THR B 268 -8.48 -4.17 -4.44
C THR B 268 -7.83 -3.31 -3.37
N GLY B 269 -6.60 -3.64 -2.97
CA GLY B 269 -5.88 -2.89 -1.95
C GLY B 269 -6.26 -3.35 -0.53
N ALA B 270 -6.80 -4.55 -0.37
CA ALA B 270 -7.27 -4.98 0.92
C ALA B 270 -6.12 -5.33 1.87
N VAL B 271 -6.34 -5.12 3.17
CA VAL B 271 -5.45 -5.58 4.21
C VAL B 271 -6.04 -6.86 4.78
N LEU B 272 -5.34 -7.99 4.59
CA LEU B 272 -5.88 -9.29 4.95
C LEU B 272 -5.14 -9.81 6.19
N ASP B 273 -5.90 -10.39 7.12
CA ASP B 273 -5.31 -11.13 8.22
C ASP B 273 -4.73 -12.41 7.62
N ALA B 274 -3.60 -12.86 8.18
CA ALA B 274 -2.96 -14.11 7.80
C ALA B 274 -3.94 -15.28 7.74
N GLU B 275 -4.84 -15.38 8.74
CA GLU B 275 -5.83 -16.46 8.82
C GLU B 275 -6.69 -16.41 7.57
N ILE B 276 -7.19 -15.22 7.21
CA ILE B 276 -8.13 -15.12 6.11
C ILE B 276 -7.38 -15.42 4.82
N GLU B 277 -6.12 -15.01 4.77
CA GLU B 277 -5.26 -15.40 3.66
C GLU B 277 -5.00 -16.90 3.65
N ALA B 278 -4.82 -17.50 4.84
CA ALA B 278 -4.61 -18.93 4.95
C ALA B 278 -5.83 -19.69 4.44
N ARG B 279 -7.02 -19.18 4.75
CA ARG B 279 -8.27 -19.80 4.33
C ARG B 279 -8.45 -19.64 2.81
N LEU B 280 -7.91 -18.54 2.26
CA LEU B 280 -7.97 -18.33 0.83
C LEU B 280 -7.15 -19.44 0.17
N ASP B 281 -5.96 -19.68 0.74
CA ASP B 281 -5.05 -20.67 0.21
C ASP B 281 -5.71 -22.05 0.33
N ALA B 282 -6.40 -22.28 1.44
CA ALA B 282 -7.03 -23.57 1.67
C ALA B 282 -8.16 -23.81 0.68
N THR B 283 -8.90 -22.74 0.34
CA THR B 283 -9.99 -22.81 -0.62
C THR B 283 -9.44 -23.00 -2.03
N VAL B 284 -8.34 -22.29 -2.35
CA VAL B 284 -7.70 -22.46 -3.64
C VAL B 284 -7.27 -23.91 -3.80
N ASP B 285 -6.78 -24.53 -2.74
CA ASP B 285 -6.28 -25.89 -2.80
C ASP B 285 -7.44 -26.85 -3.06
N ALA B 286 -8.56 -26.62 -2.37
CA ALA B 286 -9.72 -27.48 -2.52
C ALA B 286 -10.30 -27.38 -3.92
N LEU B 287 -10.37 -26.15 -4.45
CA LEU B 287 -10.75 -25.94 -5.84
C LEU B 287 -9.85 -26.77 -6.76
N ARG B 288 -8.53 -26.70 -6.54
CA ARG B 288 -7.59 -27.37 -7.40
C ARG B 288 -7.75 -28.89 -7.31
N ARG B 289 -8.00 -29.40 -6.11
CA ARG B 289 -8.28 -30.81 -5.93
C ARG B 289 -9.64 -31.15 -6.54
N ALA B 290 -10.60 -30.21 -6.55
CA ALA B 290 -11.90 -30.46 -7.14
C ALA B 290 -11.85 -30.32 -8.67
N GLY B 291 -10.64 -30.07 -9.22
CA GLY B 291 -10.41 -30.09 -10.65
C GLY B 291 -10.69 -28.73 -11.29
N PHE B 292 -10.34 -27.66 -10.59
CA PHE B 292 -10.48 -26.32 -11.15
C PHE B 292 -9.13 -25.77 -11.58
N GLU B 293 -9.13 -24.96 -12.64
CA GLU B 293 -7.95 -24.23 -13.04
C GLU B 293 -7.90 -22.92 -12.24
N VAL B 294 -6.97 -22.81 -11.29
CA VAL B 294 -6.90 -21.63 -10.44
C VAL B 294 -5.57 -20.93 -10.76
N ALA B 295 -5.67 -19.65 -11.12
CA ALA B 295 -4.50 -18.88 -11.49
C ALA B 295 -4.33 -17.74 -10.48
N GLU B 296 -3.08 -17.28 -10.32
CA GLU B 296 -2.77 -16.20 -9.40
C GLU B 296 -2.28 -14.99 -10.19
N ASP B 297 -2.29 -13.81 -9.58
CA ASP B 297 -1.65 -12.65 -10.14
C ASP B 297 -2.18 -12.36 -11.54
N VAL B 298 -3.47 -12.63 -11.78
CA VAL B 298 -4.05 -12.42 -13.09
C VAL B 298 -5.03 -11.23 -13.07
N VAL B 299 -5.50 -10.85 -11.88
CA VAL B 299 -6.62 -9.92 -11.75
C VAL B 299 -6.08 -8.52 -12.00
N PRO B 300 -6.78 -7.65 -12.77
CA PRO B 300 -6.29 -6.29 -13.04
C PRO B 300 -6.37 -5.39 -11.81
N ASP B 301 -5.85 -4.15 -11.90
CA ASP B 301 -5.84 -3.23 -10.78
C ASP B 301 -7.23 -2.65 -10.52
N LEU B 302 -7.95 -3.20 -9.53
CA LEU B 302 -9.29 -2.74 -9.19
C LEU B 302 -9.25 -2.03 -7.85
N ARG B 303 -8.21 -1.23 -7.62
CA ARG B 303 -8.02 -0.63 -6.31
C ARG B 303 -8.92 0.59 -6.13
N ARG B 304 -9.33 1.21 -7.25
CA ARG B 304 -10.24 2.34 -7.21
C ARG B 304 -11.68 1.87 -7.01
N ALA B 305 -11.94 0.62 -7.38
CA ALA B 305 -13.29 0.10 -7.36
C ALA B 305 -13.91 0.24 -5.97
N PRO B 306 -13.33 -0.33 -4.90
CA PRO B 306 -13.92 -0.16 -3.58
C PRO B 306 -14.06 1.34 -3.29
N GLU B 307 -13.11 2.14 -3.79
CA GLU B 307 -13.08 3.58 -3.55
C GLU B 307 -14.27 4.28 -4.22
N VAL B 308 -14.52 3.94 -5.49
CA VAL B 308 -15.59 4.57 -6.23
C VAL B 308 -16.94 4.19 -5.64
N TRP B 309 -17.06 2.98 -5.10
CA TRP B 309 -18.26 2.55 -4.41
C TRP B 309 -18.47 3.40 -3.15
N ALA B 310 -17.37 3.80 -2.52
CA ALA B 310 -17.46 4.58 -1.30
C ALA B 310 -17.87 6.01 -1.62
N ALA B 311 -17.46 6.52 -2.79
CA ALA B 311 -17.75 7.89 -3.18
C ALA B 311 -19.22 8.04 -3.57
N ILE B 312 -19.70 7.13 -4.43
CA ILE B 312 -21.11 7.13 -4.82
C ILE B 312 -21.98 7.01 -3.57
N ASN B 313 -21.78 5.93 -2.81
CA ASN B 313 -22.64 5.63 -1.68
C ASN B 313 -22.42 6.63 -0.54
N GLY B 314 -21.18 7.11 -0.40
CA GLY B 314 -20.79 7.94 0.73
C GLY B 314 -21.34 9.35 0.56
N THR B 315 -21.23 9.86 -0.67
CA THR B 315 -21.76 11.16 -1.03
C THR B 315 -23.25 11.16 -0.72
N GLU B 316 -23.95 10.15 -1.24
CA GLU B 316 -25.39 10.04 -1.08
C GLU B 316 -25.76 9.97 0.40
N LEU B 317 -25.12 9.08 1.15
CA LEU B 317 -25.47 8.84 2.55
C LEU B 317 -25.34 10.13 3.36
N ILE B 318 -24.18 10.77 3.24
CA ILE B 318 -23.86 11.95 4.04
C ILE B 318 -24.77 13.12 3.63
N ASN B 319 -24.84 13.40 2.32
CA ASN B 319 -25.53 14.59 1.85
C ASN B 319 -27.03 14.37 1.73
N ILE B 320 -27.48 13.18 1.31
CA ILE B 320 -28.91 12.96 1.13
C ILE B 320 -29.50 12.29 2.37
N ALA B 321 -29.18 11.02 2.62
CA ALA B 321 -29.91 10.24 3.61
C ALA B 321 -29.79 10.82 5.02
N LEU B 322 -28.56 11.02 5.50
CA LEU B 322 -28.32 11.36 6.89
C LEU B 322 -29.04 12.65 7.30
N PRO B 323 -29.00 13.73 6.50
CA PRO B 323 -29.78 14.94 6.81
C PRO B 323 -31.27 14.69 7.05
N GLU B 324 -31.83 13.69 6.37
CA GLU B 324 -33.20 13.28 6.61
C GLU B 324 -33.31 12.55 7.95
N VAL B 325 -33.02 11.23 7.97
CA VAL B 325 -33.30 10.43 9.15
C VAL B 325 -32.07 10.34 10.06
N GLY B 326 -31.18 11.33 9.98
CA GLY B 326 -29.95 11.34 10.77
C GLY B 326 -30.19 11.53 12.27
N ALA B 327 -31.30 12.20 12.62
CA ALA B 327 -31.55 12.49 14.03
C ALA B 327 -32.22 11.30 14.71
N GLU B 328 -32.85 10.41 13.93
CA GLU B 328 -33.60 9.33 14.54
C GLU B 328 -32.74 8.05 14.62
N MET B 329 -31.45 8.12 14.27
CA MET B 329 -30.62 6.93 14.23
C MET B 329 -29.56 7.00 15.34
N THR B 330 -29.02 5.83 15.74
CA THR B 330 -28.05 5.75 16.82
C THR B 330 -26.85 6.63 16.49
N GLY B 331 -26.28 7.27 17.52
CA GLY B 331 -25.16 8.17 17.32
C GLY B 331 -23.91 7.44 16.84
N SER B 332 -23.73 6.22 17.36
CA SER B 332 -22.71 5.31 16.87
C SER B 332 -22.81 5.16 15.35
N GLY B 333 -24.04 4.85 14.89
CA GLY B 333 -24.31 4.61 13.49
C GLY B 333 -24.07 5.85 12.62
N ARG B 334 -24.56 7.00 13.08
CA ARG B 334 -24.39 8.25 12.37
C ARG B 334 -22.90 8.55 12.21
N GLN B 335 -22.14 8.38 13.31
CA GLN B 335 -20.72 8.72 13.33
C GLN B 335 -19.92 7.79 12.43
N HIS B 336 -20.27 6.50 12.44
CA HIS B 336 -19.64 5.53 11.56
C HIS B 336 -19.65 6.09 10.14
N ILE B 337 -20.85 6.35 9.63
CA ILE B 337 -21.03 6.83 8.27
C ILE B 337 -20.15 8.06 8.08
N GLU B 338 -20.21 9.00 9.03
CA GLU B 338 -19.45 10.23 8.92
C GLU B 338 -17.95 9.97 9.00
N ASP B 339 -17.54 9.00 9.83
CA ASP B 339 -16.13 8.70 10.04
C ASP B 339 -15.57 7.97 8.81
N MET B 340 -16.24 6.89 8.38
CA MET B 340 -15.72 6.05 7.31
C MET B 340 -15.89 6.73 5.95
N PHE B 341 -17.11 7.22 5.68
CA PHE B 341 -17.46 7.71 4.35
C PHE B 341 -17.09 9.18 4.16
N GLY B 342 -16.56 9.83 5.21
CA GLY B 342 -16.26 11.25 5.15
C GLY B 342 -15.20 11.61 4.12
N ILE B 343 -14.16 10.77 4.02
CA ILE B 343 -13.02 11.03 3.13
C ILE B 343 -13.43 10.88 1.66
N PHE B 344 -14.37 9.95 1.40
CA PHE B 344 -14.81 9.65 0.04
C PHE B 344 -15.91 10.62 -0.42
N ASP B 345 -16.48 11.37 0.53
CA ASP B 345 -17.57 12.30 0.26
C ASP B 345 -17.14 13.28 -0.84
N LEU B 346 -17.81 13.20 -2.00
CA LEU B 346 -17.43 14.03 -3.15
C LEU B 346 -17.96 15.45 -3.00
N GLY B 347 -18.88 15.69 -2.05
CA GLY B 347 -19.52 16.98 -1.91
C GLY B 347 -20.78 17.04 -2.77
N LEU B 348 -21.37 18.23 -2.87
CA LEU B 348 -22.68 18.37 -3.48
C LEU B 348 -22.57 18.64 -4.99
N ASP B 349 -21.35 18.91 -5.45
CA ASP B 349 -21.12 19.22 -6.86
C ASP B 349 -21.39 17.99 -7.72
N LEU B 350 -22.43 18.08 -8.56
CA LEU B 350 -22.88 16.95 -9.37
C LEU B 350 -21.79 16.50 -10.34
N ARG B 351 -20.92 17.43 -10.77
CA ARG B 351 -19.94 17.14 -11.80
C ARG B 351 -19.02 16.01 -11.33
N ALA B 352 -18.72 15.97 -10.02
CA ALA B 352 -17.85 14.94 -9.45
C ALA B 352 -18.59 13.61 -9.29
N TYR B 353 -19.86 13.65 -8.89
CA TYR B 353 -20.66 12.44 -8.81
C TYR B 353 -20.76 11.78 -10.18
N HIS B 354 -20.90 12.58 -11.25
CA HIS B 354 -20.97 12.07 -12.61
C HIS B 354 -19.67 11.37 -13.01
N ALA B 355 -18.54 12.00 -12.64
CA ALA B 355 -17.21 11.50 -12.94
C ALA B 355 -17.00 10.09 -12.35
N VAL B 356 -17.34 9.89 -11.07
CA VAL B 356 -17.07 8.63 -10.43
C VAL B 356 -17.87 7.50 -11.09
N TRP B 357 -19.10 7.79 -11.52
CA TRP B 357 -19.90 6.80 -12.25
C TRP B 357 -19.22 6.45 -13.58
N LEU B 358 -18.54 7.42 -14.17
CA LEU B 358 -17.79 7.20 -15.40
C LEU B 358 -16.59 6.30 -15.12
N GLU B 359 -15.98 6.48 -13.94
CA GLU B 359 -14.89 5.64 -13.50
C GLU B 359 -15.38 4.22 -13.21
N ARG B 360 -16.63 4.09 -12.75
CA ARG B 360 -17.23 2.79 -12.59
C ARG B 360 -17.17 2.06 -13.92
N ARG B 361 -17.58 2.74 -15.01
CA ARG B 361 -17.73 2.10 -16.31
C ARG B 361 -16.38 1.70 -16.90
N ALA B 362 -15.37 2.52 -16.65
CA ALA B 362 -14.01 2.20 -17.05
C ALA B 362 -13.57 0.90 -16.40
N LEU B 363 -13.83 0.81 -15.09
CA LEU B 363 -13.50 -0.38 -14.32
C LEU B 363 -14.36 -1.56 -14.79
N GLN B 364 -15.68 -1.34 -14.87
CA GLN B 364 -16.60 -2.38 -15.26
C GLN B 364 -16.17 -2.97 -16.61
N ASP B 365 -15.90 -2.10 -17.57
CA ASP B 365 -15.46 -2.55 -18.88
C ASP B 365 -14.29 -3.51 -18.71
N ALA B 366 -13.27 -3.09 -17.96
CA ALA B 366 -12.08 -3.89 -17.77
C ALA B 366 -12.43 -5.29 -17.25
N LEU B 367 -13.24 -5.34 -16.17
CA LEU B 367 -13.50 -6.59 -15.47
C LEU B 367 -14.32 -7.53 -16.33
N VAL B 368 -15.30 -7.00 -17.06
CA VAL B 368 -16.19 -7.83 -17.84
C VAL B 368 -15.36 -8.56 -18.91
N ARG B 369 -14.34 -7.86 -19.43
CA ARG B 369 -13.40 -8.40 -20.40
C ARG B 369 -12.56 -9.53 -19.78
N PHE B 370 -12.03 -9.28 -18.58
CA PHE B 370 -11.20 -10.24 -17.86
C PHE B 370 -12.02 -11.47 -17.51
N LEU B 371 -13.29 -11.28 -17.15
CA LEU B 371 -14.14 -12.37 -16.67
C LEU B 371 -14.44 -13.35 -17.80
N GLU B 372 -14.19 -12.97 -19.06
CA GLU B 372 -14.35 -13.93 -20.13
C GLU B 372 -13.25 -14.97 -20.08
N ASP B 373 -12.02 -14.55 -19.76
CA ASP B 373 -10.89 -15.45 -19.60
C ASP B 373 -10.99 -16.22 -18.29
N TYR B 374 -11.08 -15.49 -17.17
CA TYR B 374 -11.25 -16.10 -15.84
C TYR B 374 -12.64 -15.77 -15.32
N PRO B 375 -13.67 -16.63 -15.54
CA PRO B 375 -15.05 -16.33 -15.19
C PRO B 375 -15.36 -16.22 -13.70
N ILE B 376 -14.58 -16.93 -12.87
CA ILE B 376 -14.82 -16.96 -11.44
C ILE B 376 -13.60 -16.42 -10.72
N ILE B 377 -13.82 -15.55 -9.73
CA ILE B 377 -12.77 -15.02 -8.87
C ILE B 377 -12.97 -15.58 -7.46
N VAL B 378 -11.90 -16.15 -6.90
CA VAL B 378 -11.92 -16.54 -5.50
C VAL B 378 -11.27 -15.40 -4.72
N ALA B 379 -11.99 -14.87 -3.72
CA ALA B 379 -11.56 -13.69 -2.98
C ALA B 379 -11.91 -13.80 -1.50
N PRO B 380 -11.16 -13.12 -0.61
CA PRO B 380 -11.58 -13.01 0.79
C PRO B 380 -12.80 -12.11 0.81
N VAL B 381 -13.69 -12.27 1.80
CA VAL B 381 -14.72 -11.28 2.03
C VAL B 381 -14.15 -10.19 2.93
N ALA B 382 -14.18 -10.40 4.25
CA ALA B 382 -13.86 -9.35 5.19
C ALA B 382 -12.35 -9.22 5.41
N GLY B 383 -11.57 -10.28 5.23
CA GLY B 383 -10.14 -10.13 5.42
C GLY B 383 -9.77 -10.02 6.90
N MET B 384 -10.76 -10.23 7.78
CA MET B 384 -10.57 -10.29 9.21
C MET B 384 -11.64 -11.18 9.80
N PRO B 385 -11.29 -12.05 10.77
CA PRO B 385 -12.30 -12.75 11.58
C PRO B 385 -13.22 -11.73 12.27
N ALA B 386 -14.42 -12.18 12.64
CA ALA B 386 -15.40 -11.32 13.26
C ALA B 386 -14.70 -10.45 14.29
N PRO B 387 -14.60 -9.12 14.08
CA PRO B 387 -13.98 -8.24 15.08
C PRO B 387 -14.81 -8.24 16.38
N PRO B 388 -14.37 -7.53 17.43
CA PRO B 388 -15.20 -7.30 18.62
C PRO B 388 -16.43 -6.41 18.36
N LEU B 389 -17.32 -6.31 19.35
CA LEU B 389 -18.58 -5.58 19.21
C LEU B 389 -18.38 -4.07 19.04
N ASP B 390 -17.31 -3.55 19.66
CA ASP B 390 -17.01 -2.12 19.68
C ASP B 390 -16.19 -1.70 18.46
N PHE B 391 -16.08 -2.57 17.44
CA PHE B 391 -15.12 -2.37 16.37
C PHE B 391 -15.45 -1.13 15.56
N ASP B 392 -16.73 -0.74 15.47
CA ASP B 392 -17.12 0.47 14.76
C ASP B 392 -17.68 1.51 15.73
N HIS B 393 -17.26 1.49 17.00
CA HIS B 393 -17.83 2.41 17.95
C HIS B 393 -16.98 3.65 18.13
N LEU B 394 -17.40 4.76 17.52
CA LEU B 394 -16.78 6.05 17.75
C LEU B 394 -15.26 5.88 17.63
N ILE B 395 -14.82 5.25 16.54
CA ILE B 395 -13.43 4.85 16.37
C ILE B 395 -12.61 6.04 15.85
N GLY B 396 -13.25 6.96 15.12
CA GLY B 396 -12.52 8.05 14.51
C GLY B 396 -12.20 7.79 13.05
N ARG B 397 -11.86 8.85 12.31
CA ARG B 397 -11.70 8.79 10.88
C ARG B 397 -10.51 7.90 10.51
N GLU B 398 -9.44 8.03 11.27
CA GLU B 398 -8.18 7.38 10.95
C GLU B 398 -8.39 5.87 11.08
N ALA B 399 -8.95 5.46 12.22
CA ALA B 399 -9.28 4.06 12.44
C ALA B 399 -10.30 3.56 11.41
N SER B 400 -11.20 4.45 10.98
CA SER B 400 -12.26 4.08 10.06
C SER B 400 -11.70 3.77 8.69
N ALA B 401 -10.64 4.46 8.29
CA ALA B 401 -9.95 4.17 7.04
C ALA B 401 -9.33 2.78 7.09
N ARG B 402 -8.77 2.44 8.25
CA ARG B 402 -8.06 1.17 8.42
C ARG B 402 -9.04 0.03 8.28
N LEU B 403 -10.21 0.14 8.93
CA LEU B 403 -11.28 -0.85 8.79
C LEU B 403 -11.70 -0.96 7.32
N PHE B 404 -11.86 0.18 6.66
CA PHE B 404 -12.28 0.19 5.27
C PHE B 404 -11.34 -0.67 4.42
N ASP B 405 -10.03 -0.48 4.67
CA ASP B 405 -9.01 -1.17 3.92
C ASP B 405 -9.13 -2.67 4.11
N ARG B 406 -9.55 -3.09 5.31
CA ARG B 406 -9.75 -4.50 5.61
C ARG B 406 -10.95 -5.09 4.86
N MET B 407 -11.94 -4.26 4.53
CA MET B 407 -13.17 -4.72 3.90
C MET B 407 -13.22 -4.34 2.43
N ARG B 408 -12.06 -4.23 1.76
CA ARG B 408 -11.98 -3.70 0.43
C ARG B 408 -12.20 -4.77 -0.65
N CYS B 409 -12.44 -6.03 -0.26
CA CYS B 409 -12.78 -7.07 -1.22
C CYS B 409 -14.29 -7.26 -1.32
N VAL B 410 -15.06 -6.56 -0.46
CA VAL B 410 -16.50 -6.72 -0.43
C VAL B 410 -17.15 -5.73 -1.42
N PRO B 411 -16.81 -4.42 -1.47
CA PRO B 411 -17.60 -3.43 -2.21
C PRO B 411 -17.60 -3.52 -3.74
N TRP B 412 -16.58 -4.15 -4.32
CA TRP B 412 -16.39 -4.16 -5.76
C TRP B 412 -17.39 -5.09 -6.46
N VAL B 413 -17.86 -6.11 -5.76
CA VAL B 413 -18.85 -7.04 -6.29
C VAL B 413 -20.16 -6.28 -6.51
N ASN B 414 -20.44 -5.32 -5.62
CA ASN B 414 -21.68 -4.56 -5.66
C ASN B 414 -21.59 -3.51 -6.77
N LEU B 415 -20.43 -2.86 -6.90
CA LEU B 415 -20.26 -1.79 -7.86
C LEU B 415 -20.52 -2.30 -9.27
N PHE B 416 -20.13 -3.55 -9.57
CA PHE B 416 -20.26 -4.12 -10.90
C PHE B 416 -21.43 -5.10 -10.97
N GLY B 417 -22.35 -5.00 -10.01
CA GLY B 417 -23.61 -5.72 -10.05
C GLY B 417 -23.42 -7.22 -10.22
N LEU B 418 -22.32 -7.75 -9.65
CA LEU B 418 -21.93 -9.13 -9.87
C LEU B 418 -22.46 -10.00 -8.74
N PRO B 419 -22.71 -11.31 -8.97
CA PRO B 419 -23.02 -12.22 -7.87
C PRO B 419 -21.81 -12.59 -7.01
N GLY B 420 -22.02 -12.68 -5.69
CA GLY B 420 -20.99 -13.15 -4.78
C GLY B 420 -21.54 -14.17 -3.77
N LEU B 421 -20.92 -15.34 -3.71
CA LEU B 421 -21.29 -16.38 -2.77
C LEU B 421 -20.23 -16.47 -1.67
N ALA B 422 -20.63 -16.23 -0.43
CA ALA B 422 -19.71 -16.22 0.69
C ALA B 422 -19.76 -17.58 1.37
N LEU B 423 -18.61 -18.28 1.33
CA LEU B 423 -18.46 -19.56 2.00
C LEU B 423 -18.35 -19.29 3.50
N PRO B 424 -18.71 -20.25 4.37
CA PRO B 424 -18.59 -20.06 5.82
C PRO B 424 -17.18 -19.79 6.33
N ASN B 425 -16.15 -20.02 5.50
CA ASN B 425 -14.78 -19.76 5.92
C ASN B 425 -14.45 -18.29 5.76
N GLY B 426 -15.36 -17.49 5.18
CA GLY B 426 -15.14 -16.08 4.91
C GLY B 426 -14.52 -15.81 3.53
N ILE B 427 -14.43 -16.86 2.70
CA ILE B 427 -13.93 -16.77 1.33
C ILE B 427 -15.11 -16.68 0.38
N GLN B 428 -15.01 -15.83 -0.65
CA GLN B 428 -16.10 -15.63 -1.58
C GLN B 428 -15.68 -16.05 -2.98
N LEU B 429 -16.65 -16.63 -3.70
CA LEU B 429 -16.55 -16.87 -5.13
C LEU B 429 -17.42 -15.82 -5.82
N VAL B 430 -16.88 -15.19 -6.88
CA VAL B 430 -17.60 -14.14 -7.59
C VAL B 430 -17.59 -14.51 -9.08
N THR B 431 -18.70 -14.24 -9.79
CA THR B 431 -18.79 -14.55 -11.22
C THR B 431 -19.62 -13.47 -11.91
N ARG B 432 -19.88 -13.69 -13.21
CA ARG B 432 -20.53 -12.72 -14.06
C ARG B 432 -22.02 -12.81 -13.78
N ARG B 433 -22.76 -11.78 -14.21
CA ARG B 433 -24.18 -11.70 -13.94
C ARG B 433 -24.90 -12.86 -14.64
N PHE B 434 -25.93 -13.41 -13.97
CA PHE B 434 -26.80 -14.44 -14.55
C PHE B 434 -26.12 -15.80 -14.47
N HIS B 435 -24.85 -15.84 -14.03
CA HIS B 435 -24.09 -17.08 -13.88
C HIS B 435 -24.07 -17.56 -12.42
N GLU B 436 -25.01 -17.04 -11.61
CA GLU B 436 -25.18 -17.45 -10.23
C GLU B 436 -25.09 -18.97 -10.08
N PRO B 437 -25.71 -19.78 -10.97
CA PRO B 437 -25.61 -21.24 -10.89
C PRO B 437 -24.23 -21.86 -10.67
N ASP B 438 -23.21 -21.35 -11.38
CA ASP B 438 -21.92 -21.99 -11.34
C ASP B 438 -21.13 -21.59 -10.08
N LEU B 439 -21.63 -20.62 -9.30
CA LEU B 439 -21.10 -20.36 -7.97
C LEU B 439 -21.63 -21.41 -7.00
N LEU B 440 -22.90 -21.80 -7.20
CA LEU B 440 -23.54 -22.81 -6.37
C LEU B 440 -22.91 -24.17 -6.66
N ALA B 441 -22.59 -24.40 -7.94
CA ALA B 441 -21.91 -25.62 -8.37
C ALA B 441 -20.49 -25.70 -7.80
N THR B 442 -19.72 -24.60 -7.88
CA THR B 442 -18.34 -24.60 -7.39
C THR B 442 -18.34 -24.77 -5.87
N ALA B 443 -19.27 -24.10 -5.18
CA ALA B 443 -19.33 -24.13 -3.73
C ALA B 443 -19.70 -25.51 -3.21
N GLU B 444 -20.58 -26.21 -3.97
CA GLU B 444 -20.94 -27.59 -3.67
C GLU B 444 -19.76 -28.53 -3.86
N ALA B 445 -18.95 -28.28 -4.91
CA ALA B 445 -17.83 -29.15 -5.28
C ALA B 445 -16.72 -29.08 -4.24
N ILE B 446 -16.55 -27.91 -3.66
CA ILE B 446 -15.48 -27.65 -2.72
C ILE B 446 -15.95 -27.96 -1.28
N GLU B 447 -17.27 -28.08 -1.09
CA GLU B 447 -17.88 -28.20 0.23
C GLU B 447 -17.35 -29.39 1.04
N PRO B 448 -17.26 -30.62 0.48
CA PRO B 448 -16.74 -31.75 1.25
C PRO B 448 -15.29 -31.63 1.73
N LEU B 449 -14.48 -30.82 1.02
CA LEU B 449 -13.04 -30.72 1.27
C LEU B 449 -12.72 -29.69 2.34
N LEU B 450 -13.55 -28.63 2.41
CA LEU B 450 -13.35 -27.56 3.39
C LEU B 450 -14.03 -27.91 4.71
N PRO B 451 -13.67 -27.22 5.82
CA PRO B 451 -14.28 -27.47 7.13
C PRO B 451 -15.81 -27.52 7.05
N ALA B 452 -16.44 -28.19 8.01
CA ALA B 452 -17.89 -28.36 8.03
C ALA B 452 -18.57 -27.20 8.77
N VAL B 453 -19.88 -27.03 8.56
CA VAL B 453 -20.67 -26.01 9.25
C VAL B 453 -21.51 -26.67 10.33
N GLU B 454 -21.42 -26.20 11.58
CA GLU B 454 -22.20 -26.74 12.69
C GLU B 454 -22.91 -25.61 13.43
N VAL B 455 -24.08 -25.89 13.99
CA VAL B 455 -24.84 -24.88 14.72
C VAL B 455 -24.12 -24.60 16.03
N ALA B 456 -24.35 -23.42 16.61
CA ALA B 456 -23.63 -23.01 17.81
C ALA B 456 -24.62 -22.61 18.89
N ASP B 457 -24.36 -23.05 20.13
CA ASP B 457 -25.20 -22.70 21.25
C ASP B 457 -24.36 -21.91 22.26
N PRO B 458 -24.57 -20.57 22.36
CA PRO B 458 -23.84 -19.74 23.31
C PRO B 458 -24.12 -20.10 24.77
N VAL B 459 -25.34 -20.53 25.09
CA VAL B 459 -25.70 -20.75 26.48
C VAL B 459 -25.06 -22.07 26.97
N LEU B 460 -24.90 -23.05 26.08
CA LEU B 460 -24.39 -24.37 26.41
C LEU B 460 -23.25 -24.77 25.44
N GLU C 5 52.59 40.10 21.72
CA GLU C 5 52.42 39.83 20.27
C GLU C 5 51.31 38.81 20.09
N PRO C 6 50.05 39.24 19.85
CA PRO C 6 48.93 38.30 19.69
C PRO C 6 49.11 37.22 18.62
N CYS C 7 49.78 37.58 17.53
CA CYS C 7 49.93 36.67 16.41
C CYS C 7 50.83 35.50 16.78
N HIS C 8 51.57 35.63 17.89
CA HIS C 8 52.40 34.53 18.39
C HIS C 8 51.92 34.12 19.78
N ALA C 9 50.62 34.28 20.06
CA ALA C 9 50.11 34.17 21.43
C ALA C 9 49.22 32.95 21.59
N THR C 10 49.33 32.31 22.77
CA THR C 10 48.50 31.18 23.17
C THR C 10 47.12 31.69 23.59
N ILE C 11 46.11 30.79 23.57
CA ILE C 11 44.76 31.15 23.93
C ILE C 11 44.79 31.87 25.28
N ALA C 12 45.64 31.38 26.20
CA ALA C 12 45.74 31.96 27.54
C ALA C 12 46.50 33.27 27.53
N GLU C 13 47.53 33.39 26.68
CA GLU C 13 48.32 34.60 26.57
C GLU C 13 47.42 35.76 26.13
N LEU C 14 46.67 35.56 25.04
CA LEU C 14 45.81 36.60 24.50
C LEU C 14 44.55 36.76 25.37
N GLN C 15 44.23 35.72 26.15
CA GLN C 15 43.16 35.81 27.13
C GLN C 15 43.57 36.75 28.26
N ALA C 16 44.89 36.84 28.51
CA ALA C 16 45.47 37.74 29.49
C ALA C 16 45.40 39.20 29.02
N GLY C 17 45.72 39.42 27.74
CA GLY C 17 45.86 40.77 27.20
C GLY C 17 44.52 41.48 27.05
N ILE C 18 43.51 40.76 26.54
CA ILE C 18 42.15 41.27 26.51
C ILE C 18 41.78 41.70 27.93
N ALA C 19 42.01 40.81 28.90
CA ALA C 19 41.60 41.04 30.28
C ALA C 19 42.52 42.01 31.02
N SER C 20 43.68 42.36 30.43
CA SER C 20 44.58 43.32 31.06
C SER C 20 44.36 44.72 30.51
N GLY C 21 43.51 44.85 29.49
CA GLY C 21 43.40 46.10 28.76
C GLY C 21 44.56 46.26 27.79
N ALA C 22 45.42 45.24 27.73
CA ALA C 22 46.59 45.27 26.86
C ALA C 22 46.13 45.43 25.42
N TYR C 23 45.13 44.64 25.01
CA TYR C 23 44.57 44.74 23.68
C TYR C 23 43.06 44.50 23.76
N SER C 24 42.43 44.58 22.59
CA SER C 24 41.03 44.25 22.44
C SER C 24 40.90 43.10 21.45
N ARG C 25 39.80 42.34 21.55
CA ARG C 25 39.52 41.30 20.57
C ARG C 25 39.71 41.88 19.18
N GLU C 26 39.29 43.13 19.01
CA GLU C 26 39.40 43.79 17.72
C GLU C 26 40.87 43.84 17.30
N ASP C 27 41.73 44.31 18.23
CA ASP C 27 43.15 44.42 17.97
C ASP C 27 43.64 43.07 17.44
N VAL C 28 43.37 42.00 18.21
CA VAL C 28 43.85 40.67 17.91
C VAL C 28 43.39 40.28 16.51
N VAL C 29 42.09 40.46 16.22
CA VAL C 29 41.56 40.07 14.92
C VAL C 29 42.26 40.89 13.84
N ALA C 30 42.34 42.20 14.03
CA ALA C 30 42.93 43.08 13.03
C ALA C 30 44.38 42.69 12.80
N ALA C 31 45.09 42.44 13.90
CA ALA C 31 46.46 41.95 13.87
C ALA C 31 46.53 40.72 12.95
N HIS C 32 45.81 39.67 13.33
CA HIS C 32 45.83 38.42 12.58
C HIS C 32 45.48 38.71 11.12
N LEU C 33 44.51 39.60 10.91
CA LEU C 33 44.02 39.91 9.58
C LEU C 33 45.13 40.58 8.79
N GLY C 34 45.83 41.52 9.44
CA GLY C 34 46.87 42.28 8.77
C GLY C 34 47.99 41.36 8.28
N ARG C 35 48.57 40.62 9.24
CA ARG C 35 49.59 39.63 8.95
C ARG C 35 49.16 38.75 7.78
N THR C 36 47.88 38.37 7.76
CA THR C 36 47.32 37.55 6.70
C THR C 36 47.55 38.22 5.35
N GLU C 37 47.38 39.56 5.30
CA GLU C 37 47.45 40.31 4.05
C GLU C 37 48.80 40.07 3.39
N ARG C 38 49.87 40.12 4.20
CA ARG C 38 51.23 39.88 3.75
C ARG C 38 51.40 38.39 3.44
N ILE C 39 51.31 37.53 4.47
CA ILE C 39 51.80 36.17 4.36
C ILE C 39 50.97 35.34 3.38
N ASN C 40 49.67 35.65 3.24
CA ASN C 40 48.75 34.78 2.51
C ASN C 40 49.11 34.62 1.03
N PRO C 41 49.56 35.67 0.31
CA PRO C 41 50.03 35.49 -1.07
C PRO C 41 51.08 34.40 -1.27
N VAL C 42 51.90 34.19 -0.25
CA VAL C 42 52.89 33.11 -0.26
C VAL C 42 52.17 31.79 0.02
N THR C 43 51.51 31.71 1.19
CA THR C 43 50.94 30.46 1.70
C THR C 43 49.74 30.02 0.85
N ASN C 44 48.90 30.98 0.42
CA ASN C 44 47.65 30.68 -0.27
C ASN C 44 46.84 29.72 0.60
N SER C 45 46.93 29.91 1.91
CA SER C 45 46.31 29.05 2.90
C SER C 45 44.81 29.34 3.00
N TYR C 46 44.43 30.62 3.11
CA TYR C 46 43.05 31.04 3.26
C TYR C 46 42.41 31.19 1.88
N CYS C 47 41.31 30.45 1.60
CA CYS C 47 40.58 30.62 0.36
C CYS C 47 39.56 31.75 0.46
N GLU C 48 38.83 31.82 1.59
CA GLU C 48 37.81 32.84 1.83
C GLU C 48 38.04 33.48 3.19
N LEU C 49 37.87 34.80 3.27
CA LEU C 49 38.06 35.52 4.52
C LEU C 49 36.79 36.31 4.85
N ARG C 50 36.63 36.65 6.13
CA ARG C 50 35.43 37.35 6.60
C ARG C 50 35.85 38.43 7.59
N GLY C 51 36.66 39.37 7.10
CA GLY C 51 37.34 40.33 7.96
C GLY C 51 36.36 41.34 8.56
N ASP C 52 35.50 41.91 7.71
CA ASP C 52 34.50 42.86 8.16
C ASP C 52 33.63 42.16 9.19
N GLN C 53 33.21 40.94 8.84
CA GLN C 53 32.30 40.16 9.65
C GLN C 53 32.92 39.84 11.01
N VAL C 54 34.17 39.38 11.03
CA VAL C 54 34.78 38.92 12.29
C VAL C 54 35.11 40.10 13.18
N LEU C 55 35.59 41.20 12.58
CA LEU C 55 35.98 42.39 13.31
C LEU C 55 34.76 42.97 14.01
N ALA C 56 33.64 42.99 13.27
CA ALA C 56 32.35 43.35 13.82
C ALA C 56 32.07 42.53 15.07
N GLU C 57 32.31 41.22 14.97
CA GLU C 57 32.02 40.28 16.06
C GLU C 57 32.92 40.54 17.26
N ALA C 58 34.18 40.91 16.99
CA ALA C 58 35.15 41.16 18.04
C ALA C 58 34.80 42.45 18.80
N ARG C 59 34.39 43.47 18.03
CA ARG C 59 33.98 44.75 18.59
C ARG C 59 32.81 44.56 19.53
N ALA C 60 31.78 43.85 19.04
CA ALA C 60 30.59 43.53 19.79
C ALA C 60 30.94 42.95 21.17
N ALA C 61 31.78 41.92 21.16
CA ALA C 61 32.23 41.28 22.38
C ALA C 61 33.01 42.26 23.24
N ASP C 62 33.82 43.12 22.59
CA ASP C 62 34.56 44.15 23.30
C ASP C 62 33.59 45.06 24.07
N ARG C 63 32.51 45.48 23.39
CA ARG C 63 31.49 46.32 23.99
C ARG C 63 30.67 45.57 25.04
N GLU C 64 30.37 44.28 24.78
CA GLU C 64 29.56 43.48 25.71
C GLU C 64 30.35 43.14 26.96
N TYR C 65 31.37 42.29 26.84
CA TYR C 65 32.07 41.76 28.00
C TYR C 65 33.31 42.59 28.33
N GLY C 66 34.01 43.10 27.32
CA GLY C 66 35.23 43.87 27.52
C GLY C 66 36.37 43.04 28.11
N ARG C 67 36.82 43.40 29.31
CA ARG C 67 37.91 42.69 29.96
C ARG C 67 37.41 41.40 30.62
N GLU C 68 36.08 41.21 30.64
CA GLU C 68 35.49 39.93 30.99
C GLU C 68 35.70 38.96 29.84
N LEU C 69 35.85 37.66 30.13
CA LEU C 69 35.99 36.66 29.08
C LEU C 69 34.73 35.81 28.98
N SER C 70 34.08 35.87 27.81
CA SER C 70 32.83 35.18 27.52
C SER C 70 32.97 33.67 27.70
N GLY C 71 33.94 33.07 27.00
CA GLY C 71 34.09 31.62 27.01
C GLY C 71 35.56 31.23 26.86
N PRO C 72 35.88 29.91 26.90
CA PRO C 72 37.26 29.45 26.87
C PRO C 72 37.97 29.74 25.55
N LEU C 73 37.21 30.20 24.54
CA LEU C 73 37.75 30.60 23.26
C LEU C 73 37.39 32.05 22.96
N ASP C 74 37.33 32.92 23.98
CA ASP C 74 37.01 34.33 23.73
C ASP C 74 38.26 35.09 23.29
N GLY C 75 38.20 35.67 22.10
CA GLY C 75 39.31 36.45 21.56
C GLY C 75 40.28 35.61 20.74
N VAL C 76 39.88 34.40 20.34
CA VAL C 76 40.77 33.51 19.63
C VAL C 76 40.42 33.55 18.14
N PRO C 77 41.30 34.10 17.28
CA PRO C 77 41.09 34.02 15.84
C PRO C 77 41.32 32.56 15.43
N MET C 78 40.50 32.05 14.51
CA MET C 78 40.51 30.64 14.17
C MET C 78 40.31 30.45 12.67
N SER C 79 41.01 29.45 12.11
CA SER C 79 40.87 29.08 10.71
C SER C 79 40.03 27.81 10.60
N ILE C 80 39.00 27.84 9.74
CA ILE C 80 38.08 26.72 9.59
C ILE C 80 38.20 26.20 8.17
N LYS C 81 38.48 24.90 8.00
CA LYS C 81 38.63 24.31 6.69
C LYS C 81 37.35 24.45 5.89
N ASP C 82 37.46 24.49 4.56
CA ASP C 82 36.33 24.66 3.67
C ASP C 82 35.29 23.59 3.92
N SER C 83 35.75 22.38 4.29
CA SER C 83 34.87 21.25 4.54
C SER C 83 33.82 21.58 5.60
N PHE C 84 34.24 22.30 6.65
CA PHE C 84 33.33 22.80 7.66
C PHE C 84 32.61 24.00 7.09
N ALA C 85 31.37 24.21 7.54
CA ALA C 85 30.52 25.26 6.99
C ALA C 85 30.47 26.41 7.97
N VAL C 86 30.77 27.61 7.46
CA VAL C 86 30.56 28.85 8.20
C VAL C 86 29.51 29.61 7.41
N ARG C 87 28.66 30.36 8.13
CA ARG C 87 27.56 31.09 7.51
C ARG C 87 28.15 32.16 6.59
N GLY C 88 27.66 32.22 5.35
CA GLY C 88 28.12 33.23 4.42
C GLY C 88 29.37 32.78 3.68
N LEU C 89 30.35 32.22 4.40
CA LEU C 89 31.51 31.62 3.74
C LEU C 89 31.04 30.45 2.88
N ARG C 90 31.72 30.27 1.74
CA ARG C 90 31.30 29.32 0.74
C ARG C 90 31.96 27.97 0.96
N ARG C 91 31.25 26.91 0.57
CA ARG C 91 31.74 25.54 0.66
C ARG C 91 32.11 25.04 -0.73
N THR C 92 33.33 25.35 -1.15
CA THR C 92 33.80 25.05 -2.48
C THR C 92 34.22 23.59 -2.61
N ASP C 93 34.85 23.04 -1.56
CA ASP C 93 35.47 21.72 -1.61
C ASP C 93 36.62 21.72 -2.61
N GLY C 94 37.09 22.92 -3.00
CA GLY C 94 38.17 23.06 -3.96
C GLY C 94 37.67 23.02 -5.41
N LEU C 95 36.38 22.71 -5.59
CA LEU C 95 35.81 22.57 -6.92
C LEU C 95 35.30 23.92 -7.37
N PRO C 96 35.64 24.38 -8.60
CA PRO C 96 35.16 25.67 -9.11
C PRO C 96 33.64 25.68 -9.30
N VAL C 97 33.07 24.52 -9.59
CA VAL C 97 31.64 24.36 -9.78
C VAL C 97 30.88 24.91 -8.57
N HIS C 98 31.46 24.77 -7.37
CA HIS C 98 30.77 25.16 -6.14
C HIS C 98 31.37 26.47 -5.62
N ALA C 99 31.84 27.34 -6.52
CA ALA C 99 32.43 28.61 -6.11
C ALA C 99 31.36 29.56 -5.55
N ASP C 100 30.11 29.37 -6.00
CA ASP C 100 28.97 30.17 -5.56
C ASP C 100 28.00 29.28 -4.77
N ARG C 101 28.54 28.36 -3.97
CA ARG C 101 27.75 27.63 -2.99
C ARG C 101 27.94 28.28 -1.62
N VAL C 102 26.92 29.02 -1.15
CA VAL C 102 27.00 29.72 0.12
C VAL C 102 26.20 28.93 1.15
N ALA C 103 26.64 29.03 2.41
CA ALA C 103 26.06 28.26 3.50
C ALA C 103 25.17 29.17 4.35
N ASP C 104 23.93 28.73 4.58
CA ASP C 104 22.98 29.46 5.42
C ASP C 104 23.26 29.19 6.89
N GLU C 105 23.90 28.05 7.21
CA GLU C 105 24.07 27.61 8.59
C GLU C 105 25.53 27.27 8.85
N ASP C 106 25.92 27.20 10.13
CA ASP C 106 27.24 26.72 10.53
C ASP C 106 27.10 25.26 10.99
N ASP C 107 28.15 24.45 10.78
CA ASP C 107 28.21 23.09 11.29
C ASP C 107 28.31 23.17 12.82
N GLU C 108 27.90 22.09 13.51
CA GLU C 108 27.79 22.11 14.97
C GLU C 108 29.15 22.45 15.59
N VAL C 109 30.22 21.88 15.03
CA VAL C 109 31.56 22.07 15.54
C VAL C 109 31.86 23.58 15.57
N VAL C 110 31.64 24.23 14.42
CA VAL C 110 31.88 25.65 14.23
C VAL C 110 31.00 26.43 15.21
N ALA C 111 29.70 26.11 15.22
CA ALA C 111 28.76 26.67 16.18
C ALA C 111 29.35 26.63 17.60
N ARG C 112 29.78 25.44 18.04
CA ARG C 112 30.28 25.26 19.39
C ARG C 112 31.51 26.13 19.63
N LEU C 113 32.42 26.17 18.65
CA LEU C 113 33.62 26.97 18.74
C LEU C 113 33.24 28.44 18.93
N ARG C 114 32.40 28.94 18.01
CA ARG C 114 31.98 30.33 18.02
C ARG C 114 31.26 30.66 19.31
N ASP C 115 30.37 29.75 19.75
CA ASP C 115 29.61 29.94 20.98
C ASP C 115 30.54 29.97 22.19
N ALA C 116 31.79 29.52 22.01
CA ALA C 116 32.77 29.59 23.08
C ALA C 116 33.52 30.92 23.04
N GLY C 117 33.15 31.80 22.10
CA GLY C 117 33.75 33.12 21.96
C GLY C 117 34.80 33.18 20.85
N GLY C 118 34.92 32.08 20.11
CA GLY C 118 35.91 31.97 19.05
C GLY C 118 35.55 32.92 17.90
N LEU C 119 36.58 33.37 17.16
CA LEU C 119 36.40 34.29 16.07
C LEU C 119 36.93 33.65 14.78
N VAL C 120 36.01 33.10 13.98
CA VAL C 120 36.38 32.51 12.71
C VAL C 120 36.90 33.62 11.78
N LEU C 121 38.18 33.58 11.46
CA LEU C 121 38.80 34.58 10.61
C LEU C 121 38.42 34.33 9.15
N GLY C 122 38.33 33.04 8.77
CA GLY C 122 37.97 32.68 7.40
C GLY C 122 38.18 31.20 7.10
N HIS C 123 37.78 30.78 5.90
CA HIS C 123 37.95 29.41 5.42
C HIS C 123 39.37 29.19 4.86
N ALA C 124 39.79 27.92 4.81
CA ALA C 124 41.16 27.55 4.44
C ALA C 124 41.14 26.66 3.21
N ASN C 125 42.12 26.86 2.31
CA ASN C 125 42.19 26.11 1.05
C ASN C 125 42.33 24.61 1.36
N VAL C 126 41.85 23.78 0.42
CA VAL C 126 41.84 22.33 0.57
C VAL C 126 42.06 21.71 -0.81
N PRO C 127 42.48 20.43 -0.91
CA PRO C 127 42.46 19.70 -2.19
C PRO C 127 41.06 19.57 -2.81
N ASP C 128 40.98 18.97 -4.00
CA ASP C 128 39.76 19.08 -4.80
C ASP C 128 38.58 18.33 -4.18
N ILE C 129 38.80 17.22 -3.48
CA ILE C 129 37.67 16.61 -2.78
C ILE C 129 38.06 16.39 -1.33
N CYS C 130 39.09 17.12 -0.88
CA CYS C 130 39.72 16.91 0.42
C CYS C 130 40.32 15.51 0.46
N ILE C 131 40.73 14.99 -0.70
CA ILE C 131 41.28 13.64 -0.83
C ILE C 131 42.69 13.73 -1.45
N ARG C 132 43.61 14.44 -0.79
CA ARG C 132 44.97 14.55 -1.28
C ARG C 132 45.89 15.01 -0.15
N TRP C 133 47.16 14.62 -0.25
CA TRP C 133 48.14 14.99 0.76
C TRP C 133 48.87 16.27 0.36
N ASN C 134 48.38 16.98 -0.66
CA ASN C 134 48.88 18.29 -1.01
C ASN C 134 47.68 19.21 -1.23
N THR C 135 47.71 20.42 -0.66
CA THR C 135 46.56 21.30 -0.70
C THR C 135 46.58 22.13 -1.98
N ILE C 136 46.10 21.53 -3.08
CA ILE C 136 45.98 22.17 -4.38
C ILE C 136 44.53 22.07 -4.87
N SER C 137 43.89 23.23 -5.06
CA SER C 137 42.50 23.28 -5.50
C SER C 137 42.40 23.96 -6.87
N GLY C 138 41.37 23.57 -7.63
CA GLY C 138 41.07 24.20 -8.91
C GLY C 138 40.72 25.68 -8.77
N LEU C 139 40.04 26.07 -7.68
CA LEU C 139 39.67 27.46 -7.47
C LEU C 139 40.90 28.23 -6.98
N TYR C 140 41.32 27.99 -5.73
CA TYR C 140 42.25 28.88 -5.06
C TYR C 140 43.72 28.51 -5.34
N GLY C 141 43.97 27.35 -5.97
CA GLY C 141 45.32 26.94 -6.38
C GLY C 141 46.10 26.19 -5.29
N ILE C 142 47.43 26.38 -5.26
CA ILE C 142 48.34 25.59 -4.43
C ILE C 142 48.57 26.33 -3.12
N ALA C 143 48.84 25.56 -2.05
CA ALA C 143 49.14 26.11 -0.74
C ALA C 143 50.59 25.80 -0.42
N ARG C 144 51.29 26.76 0.20
CA ARG C 144 52.73 26.64 0.38
C ARG C 144 53.07 26.68 1.87
N ASN C 145 54.06 25.86 2.25
CA ASN C 145 54.50 25.75 3.63
C ASN C 145 55.05 27.10 4.07
N PRO C 146 54.60 27.66 5.22
CA PRO C 146 55.16 28.93 5.69
C PRO C 146 56.63 28.81 6.11
N ARG C 147 57.05 27.60 6.49
CA ARG C 147 58.44 27.34 6.86
C ARG C 147 59.36 27.34 5.63
N ASP C 148 59.08 26.50 4.62
CA ASP C 148 59.73 26.60 3.32
C ASP C 148 58.70 26.39 2.21
N PRO C 149 58.28 27.45 1.49
CA PRO C 149 57.22 27.33 0.49
C PRO C 149 57.58 26.55 -0.79
N SER C 150 58.83 26.12 -0.90
CA SER C 150 59.20 25.18 -1.95
C SER C 150 58.53 23.84 -1.64
N ARG C 151 58.37 23.56 -0.34
CA ARG C 151 57.75 22.35 0.18
C ARG C 151 56.26 22.59 0.44
N THR C 152 55.46 21.52 0.30
CA THR C 152 54.02 21.59 0.49
C THR C 152 53.65 21.74 1.97
N ALA C 153 52.45 22.27 2.21
CA ALA C 153 51.75 22.17 3.48
C ALA C 153 50.72 21.06 3.35
N GLY C 154 51.18 19.81 3.39
CA GLY C 154 50.43 18.69 2.84
C GLY C 154 49.05 18.50 3.47
N GLY C 155 48.46 17.32 3.23
CA GLY C 155 47.20 16.86 3.81
C GLY C 155 46.00 17.51 3.15
N SER C 156 44.80 17.05 3.48
CA SER C 156 43.60 17.76 3.05
C SER C 156 43.52 19.10 3.76
N SER C 157 43.76 19.12 5.08
CA SER C 157 43.61 20.34 5.87
C SER C 157 44.93 21.10 5.95
N GLY C 158 45.56 21.31 4.78
CA GLY C 158 46.88 21.93 4.68
C GLY C 158 46.88 23.42 5.03
N GLY C 159 45.85 24.12 4.57
CA GLY C 159 45.74 25.54 4.84
C GLY C 159 45.72 25.83 6.34
N ASP C 160 44.88 25.10 7.08
CA ASP C 160 44.65 25.40 8.48
C ASP C 160 45.95 25.22 9.26
N ALA C 161 46.74 24.21 8.83
CA ALA C 161 48.07 23.98 9.41
C ALA C 161 48.96 25.18 9.12
N ALA C 162 49.00 25.59 7.84
CA ALA C 162 49.73 26.77 7.43
C ALA C 162 49.31 27.97 8.26
N ASN C 163 48.00 28.22 8.33
CA ASN C 163 47.48 29.41 8.98
C ASN C 163 47.92 29.47 10.45
N VAL C 164 47.92 28.31 11.13
CA VAL C 164 48.26 28.25 12.54
C VAL C 164 49.78 28.39 12.69
N ALA C 165 50.53 27.73 11.80
CA ALA C 165 51.97 27.83 11.78
C ALA C 165 52.43 29.27 11.49
N ALA C 166 51.76 29.92 10.52
CA ALA C 166 52.18 31.22 10.01
C ALA C 166 51.82 32.38 10.95
N GLY C 167 50.99 32.14 11.98
CA GLY C 167 50.55 33.19 12.87
C GLY C 167 49.23 33.82 12.41
N MET C 168 48.77 33.46 11.21
CA MET C 168 47.55 34.00 10.61
C MET C 168 46.30 33.44 11.30
N ALA C 169 46.48 32.43 12.16
CA ALA C 169 45.41 31.94 13.03
C ALA C 169 46.02 31.34 14.29
N THR C 170 45.39 31.57 15.45
CA THR C 170 45.89 30.99 16.68
C THR C 170 45.61 29.49 16.71
N VAL C 171 44.50 29.09 16.07
CA VAL C 171 43.95 27.75 16.14
C VAL C 171 43.29 27.41 14.82
N GLY C 172 43.10 26.11 14.57
CA GLY C 172 42.50 25.66 13.32
C GLY C 172 41.70 24.36 13.52
N MET C 173 40.86 24.05 12.53
CA MET C 173 40.05 22.84 12.54
C MET C 173 40.22 22.13 11.19
N GLY C 174 40.34 20.79 11.22
CA GLY C 174 40.48 19.97 10.03
C GLY C 174 39.81 18.61 10.21
N GLN C 175 39.84 17.76 9.16
CA GLN C 175 39.21 16.46 9.17
C GLN C 175 40.21 15.39 8.70
N ASP C 176 40.16 14.18 9.27
CA ASP C 176 41.19 13.17 9.08
C ASP C 176 40.57 11.82 8.69
N LEU C 177 40.37 11.58 7.38
CA LEU C 177 40.00 10.25 6.91
C LEU C 177 41.26 9.43 6.72
N GLY C 178 42.14 9.88 5.83
CA GLY C 178 43.54 9.47 5.81
C GLY C 178 44.29 10.30 6.83
N GLY C 179 45.55 10.62 6.59
CA GLY C 179 46.28 11.38 7.61
C GLY C 179 45.98 12.88 7.55
N SER C 180 44.72 13.22 7.22
CA SER C 180 44.41 14.51 6.61
C SER C 180 44.48 15.68 7.62
N ILE C 181 44.69 15.44 8.93
CA ILE C 181 45.08 16.53 9.83
C ILE C 181 46.46 16.27 10.42
N ARG C 182 46.84 14.99 10.57
CA ARG C 182 48.10 14.66 11.22
C ARG C 182 49.26 14.97 10.28
N VAL C 183 49.09 14.65 8.98
CA VAL C 183 50.12 14.89 7.98
C VAL C 183 50.42 16.39 7.89
N PRO C 184 49.42 17.26 7.61
CA PRO C 184 49.67 18.70 7.61
C PRO C 184 50.42 19.15 8.86
N ALA C 185 49.91 18.72 10.01
CA ALA C 185 50.46 19.13 11.29
C ALA C 185 51.97 18.88 11.30
N SER C 186 52.35 17.67 10.87
CA SER C 186 53.73 17.25 10.85
C SER C 186 54.53 18.05 9.83
N PHE C 187 53.97 18.27 8.64
CA PHE C 187 54.67 19.00 7.59
C PHE C 187 54.84 20.48 7.94
N CYS C 188 53.88 21.07 8.65
CA CYS C 188 53.92 22.50 8.93
C CYS C 188 54.41 22.78 10.34
N GLY C 189 54.82 21.72 11.06
CA GLY C 189 55.48 21.87 12.35
C GLY C 189 54.59 22.51 13.42
N VAL C 190 53.36 21.97 13.59
CA VAL C 190 52.42 22.38 14.62
C VAL C 190 51.68 21.15 15.15
N TYR C 191 51.10 21.27 16.35
CA TYR C 191 50.26 20.23 16.94
C TYR C 191 49.01 20.01 16.06
N GLY C 192 48.59 18.74 15.93
CA GLY C 192 47.32 18.42 15.27
C GLY C 192 46.66 17.19 15.88
N LEU C 193 45.43 17.34 16.40
CA LEU C 193 44.72 16.24 17.04
C LEU C 193 43.65 15.65 16.12
N ARG C 194 43.70 14.34 15.89
CA ARG C 194 42.62 13.62 15.23
C ARG C 194 41.81 12.91 16.32
N PRO C 195 40.59 13.38 16.64
CA PRO C 195 39.76 12.70 17.63
C PRO C 195 39.45 11.28 17.16
N GLY C 196 39.10 10.41 18.12
CA GLY C 196 38.66 9.07 17.81
C GLY C 196 37.18 9.04 17.46
N ALA C 197 36.69 7.85 17.13
CA ALA C 197 35.35 7.71 16.60
C ALA C 197 34.35 7.90 17.74
N GLY C 198 33.38 8.80 17.55
CA GLY C 198 32.30 9.00 18.51
C GLY C 198 32.47 10.24 19.39
N THR C 199 33.67 10.80 19.44
CA THR C 199 34.02 11.85 20.40
C THR C 199 33.45 13.20 19.95
N VAL C 200 33.59 13.52 18.67
CA VAL C 200 33.20 14.83 18.16
C VAL C 200 32.16 14.63 17.07
N PRO C 201 31.02 15.36 17.10
CA PRO C 201 29.94 15.15 16.13
C PRO C 201 30.30 15.67 14.75
N ASN C 202 29.90 14.92 13.73
CA ASN C 202 30.00 15.40 12.36
C ASN C 202 28.59 15.69 11.85
N LEU C 203 28.13 16.92 12.09
CA LEU C 203 26.88 17.38 11.50
C LEU C 203 27.16 18.43 10.42
N SER C 204 27.02 18.02 9.16
CA SER C 204 27.42 18.82 8.02
C SER C 204 26.19 19.31 7.25
N VAL C 205 26.09 20.63 7.05
CA VAL C 205 25.00 21.24 6.31
C VAL C 205 25.09 20.81 4.84
N ILE C 206 26.25 21.08 4.19
CA ILE C 206 26.54 20.54 2.87
C ILE C 206 27.75 19.63 3.00
N PRO C 207 27.57 18.29 2.92
CA PRO C 207 28.64 17.34 3.22
C PRO C 207 29.82 17.35 2.23
N PRO C 208 31.08 17.27 2.71
CA PRO C 208 32.24 17.11 1.83
C PRO C 208 32.27 15.76 1.13
N PHE C 209 32.11 14.69 1.92
CA PHE C 209 32.13 13.32 1.42
C PHE C 209 30.75 12.70 1.71
N PRO C 210 30.43 11.51 1.13
CA PRO C 210 29.19 10.79 1.50
C PRO C 210 29.21 10.41 2.97
N ALA C 211 28.02 10.23 3.57
CA ALA C 211 27.93 9.70 4.92
C ALA C 211 28.15 8.19 4.89
N SER C 212 29.24 7.74 4.25
CA SER C 212 29.51 6.32 4.09
C SER C 212 29.85 5.72 5.46
N PRO C 213 29.66 4.41 5.67
CA PRO C 213 30.22 3.74 6.86
C PRO C 213 31.71 3.91 7.06
N THR C 214 32.47 4.09 5.98
CA THR C 214 33.91 4.22 6.05
C THR C 214 34.25 5.60 6.63
N LEU C 215 33.40 6.60 6.35
CA LEU C 215 33.57 7.94 6.92
C LEU C 215 33.22 7.88 8.40
N ASP C 216 32.16 7.14 8.72
CA ASP C 216 31.72 6.92 10.09
C ASP C 216 32.83 6.24 10.90
N ALA C 217 33.50 5.26 10.29
CA ALA C 217 34.49 4.45 10.98
C ALA C 217 35.80 5.22 11.10
N MET C 218 36.26 5.80 9.99
CA MET C 218 37.63 6.28 9.89
C MET C 218 37.73 7.81 9.83
N GLY C 219 36.59 8.53 9.74
CA GLY C 219 36.60 9.97 9.55
C GLY C 219 36.21 10.75 10.82
N THR C 220 37.05 11.73 11.19
CA THR C 220 36.79 12.56 12.36
C THR C 220 37.17 14.01 12.03
N SER C 221 36.76 14.95 12.90
CA SER C 221 37.07 16.37 12.78
C SER C 221 37.88 16.81 13.99
N GLY C 222 38.96 17.54 13.77
CA GLY C 222 39.86 17.83 14.86
C GLY C 222 40.51 19.21 14.78
N PRO C 223 41.19 19.64 15.85
CA PRO C 223 41.87 20.94 15.91
C PRO C 223 43.37 20.97 15.61
N PHE C 224 43.83 22.15 15.15
CA PHE C 224 45.24 22.47 14.98
C PHE C 224 45.57 23.55 16.00
N ALA C 225 46.77 23.47 16.60
CA ALA C 225 47.26 24.55 17.46
C ALA C 225 48.78 24.49 17.54
N ARG C 226 49.39 25.48 18.19
CA ARG C 226 50.84 25.51 18.37
C ARG C 226 51.18 25.20 19.82
N SER C 227 50.16 24.92 20.64
CA SER C 227 50.35 24.52 22.02
C SER C 227 49.51 23.28 22.31
N ALA C 228 50.07 22.36 23.08
CA ALA C 228 49.33 21.19 23.54
C ALA C 228 48.16 21.63 24.40
N ALA C 229 48.36 22.74 25.11
CA ALA C 229 47.37 23.35 25.98
C ALA C 229 46.20 23.92 25.19
N ASP C 230 46.48 24.58 24.08
CA ASP C 230 45.44 25.18 23.25
C ASP C 230 44.67 24.08 22.54
N LEU C 231 45.32 22.93 22.33
CA LEU C 231 44.66 21.79 21.70
C LEU C 231 43.57 21.28 22.61
N ARG C 232 43.89 21.15 23.91
CA ARG C 232 42.95 20.61 24.87
C ARG C 232 41.73 21.54 24.93
N THR C 233 42.00 22.84 25.04
CA THR C 233 40.95 23.84 25.07
C THR C 233 39.99 23.63 23.90
N MET C 234 40.55 23.48 22.71
CA MET C 234 39.78 23.30 21.49
C MET C 234 38.94 22.04 21.60
N PHE C 235 39.62 20.90 21.77
CA PHE C 235 38.98 19.60 21.78
C PHE C 235 37.88 19.59 22.83
N SER C 236 38.12 20.19 24.00
CA SER C 236 37.12 20.29 25.04
C SER C 236 35.82 20.97 24.58
N VAL C 237 35.92 21.88 23.59
CA VAL C 237 34.75 22.61 23.11
C VAL C 237 34.03 21.78 22.05
N ILE C 238 34.78 21.24 21.09
CA ILE C 238 34.16 20.53 19.97
C ILE C 238 33.69 19.16 20.43
N ALA C 239 34.32 18.62 21.49
CA ALA C 239 34.03 17.29 22.00
C ALA C 239 32.62 17.22 22.57
N GLY C 240 32.08 16.00 22.68
CA GLY C 240 30.73 15.78 23.19
C GLY C 240 29.77 15.30 22.10
N ALA C 241 28.89 14.34 22.46
CA ALA C 241 27.99 13.73 21.49
C ALA C 241 26.82 14.67 21.16
N HIS C 242 26.23 14.45 19.98
CA HIS C 242 25.03 15.16 19.59
C HIS C 242 24.03 14.13 19.07
N PRO C 243 22.74 14.17 19.51
CA PRO C 243 21.76 13.16 19.10
C PRO C 243 21.58 13.01 17.58
N HIS C 244 21.88 14.10 16.86
CA HIS C 244 21.63 14.16 15.43
C HIS C 244 22.77 13.51 14.65
N ASP C 245 23.89 13.23 15.32
CA ASP C 245 24.95 12.45 14.70
C ASP C 245 24.87 11.03 15.25
N PRO C 246 24.40 10.03 14.46
CA PRO C 246 24.26 8.67 14.98
C PRO C 246 25.62 8.08 15.37
N VAL C 247 26.71 8.63 14.81
CA VAL C 247 28.05 8.09 15.00
C VAL C 247 28.61 8.64 16.31
N SER C 248 28.09 9.76 16.80
CA SER C 248 28.56 10.30 18.06
C SER C 248 27.99 9.47 19.20
N VAL C 249 28.83 9.08 20.16
CA VAL C 249 28.40 8.22 21.24
C VAL C 249 28.49 8.99 22.55
N PRO C 250 27.42 8.99 23.39
CA PRO C 250 27.46 9.65 24.70
C PRO C 250 28.32 8.95 25.76
N ALA C 251 29.62 8.79 25.45
CA ALA C 251 30.53 8.07 26.32
C ALA C 251 31.48 9.07 26.98
N PRO C 252 31.72 8.95 28.29
CA PRO C 252 32.61 9.87 28.99
C PRO C 252 34.02 9.63 28.47
N LEU C 253 34.75 10.73 28.24
CA LEU C 253 36.15 10.66 27.87
C LEU C 253 36.95 10.13 29.06
N ALA C 254 37.98 9.32 28.77
CA ALA C 254 38.65 8.53 29.80
C ALA C 254 40.13 8.82 29.85
N GLY C 255 40.75 8.52 30.99
CA GLY C 255 42.19 8.65 31.15
C GLY C 255 42.77 7.51 32.01
N THR C 256 44.08 7.27 31.88
CA THR C 256 44.74 6.20 32.61
C THR C 256 45.76 6.81 33.57
N ALA C 257 45.98 6.13 34.70
CA ALA C 257 46.91 6.58 35.72
C ALA C 257 48.35 6.51 35.20
N SER C 258 48.79 5.29 34.87
CA SER C 258 50.11 5.07 34.34
C SER C 258 49.96 4.33 33.02
N PRO C 259 50.11 5.00 31.87
CA PRO C 259 50.03 4.31 30.58
C PRO C 259 51.40 3.85 30.11
N ARG C 260 51.46 2.62 29.60
CA ARG C 260 52.66 2.10 28.99
C ARG C 260 52.67 2.46 27.50
N VAL C 261 53.86 2.70 26.96
CA VAL C 261 53.99 3.19 25.59
C VAL C 261 54.79 2.20 24.74
N ALA C 262 54.33 2.02 23.51
CA ALA C 262 54.95 1.10 22.57
C ALA C 262 55.38 1.89 21.34
N VAL C 263 56.62 1.68 20.89
CA VAL C 263 57.13 2.43 19.77
C VAL C 263 56.84 1.63 18.50
N LEU C 264 56.20 2.27 17.51
CA LEU C 264 55.87 1.61 16.26
C LEU C 264 56.74 2.17 15.14
N ARG C 265 57.77 1.40 14.76
CA ARG C 265 58.69 1.80 13.71
C ARG C 265 58.21 1.28 12.36
N GLY C 266 58.26 -0.04 12.16
CA GLY C 266 58.05 -0.60 10.82
C GLY C 266 56.95 -1.66 10.76
N GLU C 267 56.05 -1.68 11.75
CA GLU C 267 55.08 -2.76 11.87
C GLU C 267 53.94 -2.58 10.87
N THR C 268 53.82 -1.37 10.31
CA THR C 268 52.85 -1.10 9.25
C THR C 268 53.51 -1.22 7.88
N GLY C 269 54.81 -1.53 7.86
CA GLY C 269 55.56 -1.67 6.62
C GLY C 269 56.08 -0.33 6.09
N ALA C 270 56.19 0.67 6.96
CA ALA C 270 56.53 2.02 6.53
C ALA C 270 58.00 2.13 6.16
N VAL C 271 58.30 3.09 5.27
CA VAL C 271 59.66 3.45 4.91
C VAL C 271 59.97 4.80 5.55
N LEU C 272 60.93 4.84 6.48
CA LEU C 272 61.18 6.02 7.29
C LEU C 272 62.57 6.59 7.01
N ASP C 273 62.63 7.91 6.84
CA ASP C 273 63.90 8.62 6.72
C ASP C 273 64.61 8.62 8.07
N ALA C 274 65.90 8.98 8.02
CA ALA C 274 66.72 9.04 9.22
C ALA C 274 66.27 10.21 10.09
N GLU C 275 65.83 11.29 9.45
CA GLU C 275 65.45 12.48 10.19
C GLU C 275 64.29 12.09 11.10
N ILE C 276 63.26 11.47 10.50
CA ILE C 276 62.01 11.16 11.19
C ILE C 276 62.27 10.14 12.31
N GLU C 277 63.16 9.18 12.03
CA GLU C 277 63.45 8.12 12.97
C GLU C 277 64.14 8.68 14.21
N ALA C 278 64.98 9.72 14.03
CA ALA C 278 65.69 10.35 15.13
C ALA C 278 64.73 11.18 15.98
N ARG C 279 63.72 11.76 15.32
CA ARG C 279 62.67 12.49 16.01
C ARG C 279 61.85 11.51 16.83
N LEU C 280 61.52 10.35 16.24
CA LEU C 280 60.87 9.29 16.99
C LEU C 280 61.72 9.00 18.22
N ASP C 281 63.02 8.77 18.00
CA ASP C 281 63.95 8.40 19.05
C ASP C 281 64.00 9.51 20.09
N ALA C 282 64.03 10.76 19.63
CA ALA C 282 64.02 11.91 20.52
C ALA C 282 62.75 11.91 21.35
N THR C 283 61.59 11.73 20.68
CA THR C 283 60.31 11.69 21.34
C THR C 283 60.31 10.55 22.35
N VAL C 284 60.85 9.40 21.94
CA VAL C 284 60.92 8.26 22.86
C VAL C 284 61.70 8.66 24.11
N ASP C 285 62.84 9.36 23.94
CA ASP C 285 63.69 9.71 25.06
C ASP C 285 63.00 10.74 25.95
N ALA C 286 62.31 11.70 25.33
CA ALA C 286 61.54 12.69 26.05
C ALA C 286 60.49 12.01 26.92
N LEU C 287 59.82 11.00 26.34
CA LEU C 287 58.83 10.22 27.05
C LEU C 287 59.45 9.57 28.29
N ARG C 288 60.62 8.95 28.11
CA ARG C 288 61.29 8.26 29.20
C ARG C 288 61.69 9.27 30.27
N ARG C 289 62.16 10.43 29.85
CA ARG C 289 62.55 11.50 30.76
C ARG C 289 61.34 12.01 31.54
N ALA C 290 60.14 11.85 30.97
CA ALA C 290 58.92 12.28 31.63
C ALA C 290 58.37 11.22 32.58
N GLY C 291 59.05 10.06 32.66
CA GLY C 291 58.69 9.01 33.61
C GLY C 291 57.73 7.95 33.04
N PHE C 292 57.84 7.67 31.74
CA PHE C 292 56.92 6.76 31.08
C PHE C 292 57.63 5.45 30.79
N GLU C 293 56.97 4.32 31.04
CA GLU C 293 57.44 3.03 30.55
C GLU C 293 57.26 3.01 29.03
N VAL C 294 58.36 3.02 28.27
CA VAL C 294 58.28 3.00 26.82
C VAL C 294 58.94 1.72 26.32
N ALA C 295 58.22 0.95 25.49
CA ALA C 295 58.65 -0.37 25.08
C ALA C 295 58.79 -0.46 23.56
N GLU C 296 59.76 -1.27 23.11
CA GLU C 296 60.10 -1.42 21.70
C GLU C 296 59.88 -2.86 21.23
N ASP C 297 59.67 -3.02 19.92
CA ASP C 297 59.49 -4.33 19.30
C ASP C 297 58.34 -5.10 19.95
N VAL C 298 57.28 -4.38 20.35
CA VAL C 298 56.11 -4.96 21.00
C VAL C 298 54.93 -4.99 20.03
N VAL C 299 54.82 -4.00 19.13
CA VAL C 299 53.62 -3.82 18.32
C VAL C 299 53.47 -4.99 17.36
N PRO C 300 52.26 -5.58 17.23
CA PRO C 300 52.03 -6.73 16.36
C PRO C 300 52.12 -6.32 14.89
N ASP C 301 51.85 -7.25 13.99
CA ASP C 301 52.05 -7.02 12.56
C ASP C 301 50.82 -6.39 11.92
N LEU C 302 50.84 -5.06 11.77
CA LEU C 302 49.72 -4.33 11.20
C LEU C 302 50.09 -3.85 9.80
N ARG C 303 50.78 -4.70 9.04
CA ARG C 303 51.26 -4.35 7.71
C ARG C 303 50.11 -4.39 6.71
N ARG C 304 49.06 -5.16 6.99
CA ARG C 304 47.89 -5.22 6.13
C ARG C 304 46.97 -4.02 6.41
N ALA C 305 47.11 -3.41 7.58
CA ALA C 305 46.23 -2.32 8.00
C ALA C 305 46.23 -1.17 7.00
N PRO C 306 47.38 -0.53 6.69
CA PRO C 306 47.40 0.55 5.70
C PRO C 306 46.82 0.04 4.38
N GLU C 307 47.02 -1.25 4.10
CA GLU C 307 46.57 -1.85 2.84
C GLU C 307 45.04 -1.97 2.83
N VAL C 308 44.46 -2.51 3.90
CA VAL C 308 43.01 -2.62 4.02
C VAL C 308 42.37 -1.23 3.92
N TRP C 309 43.00 -0.22 4.51
CA TRP C 309 42.43 1.11 4.47
C TRP C 309 42.32 1.60 3.03
N ALA C 310 43.38 1.36 2.25
CA ALA C 310 43.43 1.84 0.88
C ALA C 310 42.45 1.07 0.02
N ALA C 311 42.34 -0.23 0.27
CA ALA C 311 41.40 -1.07 -0.45
C ALA C 311 39.99 -0.49 -0.33
N ILE C 312 39.54 -0.27 0.91
CA ILE C 312 38.20 0.20 1.16
C ILE C 312 38.06 1.58 0.52
N ASN C 313 38.82 2.55 1.02
CA ASN C 313 38.73 3.93 0.56
C ASN C 313 38.99 3.99 -0.94
N GLY C 314 40.11 3.42 -1.38
CA GLY C 314 40.51 3.45 -2.78
C GLY C 314 39.44 2.85 -3.71
N THR C 315 39.06 1.59 -3.46
CA THR C 315 38.06 0.93 -4.28
C THR C 315 36.85 1.85 -4.49
N GLU C 316 36.43 2.54 -3.42
CA GLU C 316 35.30 3.45 -3.49
C GLU C 316 35.61 4.66 -4.34
N LEU C 317 36.70 5.37 -3.97
CA LEU C 317 37.11 6.56 -4.69
C LEU C 317 37.04 6.30 -6.20
N ILE C 318 37.67 5.22 -6.67
CA ILE C 318 37.76 4.98 -8.10
C ILE C 318 36.38 4.63 -8.66
N ASN C 319 35.69 3.67 -8.05
CA ASN C 319 34.46 3.17 -8.64
C ASN C 319 33.27 4.11 -8.34
N ILE C 320 33.18 4.66 -7.12
CA ILE C 320 32.01 5.45 -6.76
C ILE C 320 32.30 6.94 -6.92
N ALA C 321 33.38 7.45 -6.30
CA ALA C 321 33.60 8.88 -6.18
C ALA C 321 33.99 9.53 -7.52
N LEU C 322 35.16 9.15 -8.04
CA LEU C 322 35.76 9.78 -9.21
C LEU C 322 34.76 9.89 -10.35
N PRO C 323 34.01 8.82 -10.71
CA PRO C 323 33.03 8.92 -11.78
C PRO C 323 32.04 10.05 -11.53
N GLU C 324 31.70 10.30 -10.25
CA GLU C 324 30.77 11.35 -9.90
C GLU C 324 31.38 12.74 -10.17
N VAL C 325 32.56 13.03 -9.61
CA VAL C 325 33.07 14.39 -9.62
C VAL C 325 34.29 14.50 -10.53
N GLY C 326 34.41 13.58 -11.50
CA GLY C 326 35.66 13.38 -12.23
C GLY C 326 36.16 14.66 -12.90
N ALA C 327 35.32 15.22 -13.78
CA ALA C 327 35.71 16.31 -14.67
C ALA C 327 36.01 17.59 -13.89
N GLU C 328 35.34 17.78 -12.75
CA GLU C 328 35.46 19.02 -12.00
C GLU C 328 36.73 19.03 -11.14
N MET C 329 37.41 17.89 -11.06
CA MET C 329 38.59 17.75 -10.23
C MET C 329 39.84 18.15 -11.03
N THR C 330 40.89 18.58 -10.34
CA THR C 330 42.20 18.79 -10.98
C THR C 330 42.69 17.46 -11.51
N GLY C 331 43.18 17.45 -12.75
CA GLY C 331 43.74 16.24 -13.35
C GLY C 331 44.95 15.71 -12.57
N SER C 332 45.57 16.58 -11.78
CA SER C 332 46.62 16.17 -10.86
C SER C 332 46.05 15.24 -9.79
N GLY C 333 44.98 15.68 -9.11
CA GLY C 333 44.34 14.95 -8.03
C GLY C 333 43.59 13.71 -8.54
N ARG C 334 42.90 13.86 -9.66
CA ARG C 334 42.28 12.73 -10.33
C ARG C 334 43.32 11.63 -10.42
N GLN C 335 44.44 11.95 -11.07
CA GLN C 335 45.51 10.99 -11.35
C GLN C 335 46.13 10.49 -10.06
N HIS C 336 46.31 11.38 -9.08
CA HIS C 336 46.88 10.96 -7.82
C HIS C 336 46.14 9.71 -7.36
N ILE C 337 44.81 9.79 -7.29
CA ILE C 337 44.02 8.70 -6.74
C ILE C 337 44.15 7.46 -7.62
N GLU C 338 44.10 7.64 -8.94
CA GLU C 338 44.20 6.52 -9.86
C GLU C 338 45.58 5.87 -9.76
N ASP C 339 46.61 6.71 -9.68
CA ASP C 339 48.00 6.27 -9.59
C ASP C 339 48.19 5.48 -8.29
N MET C 340 47.96 6.14 -7.14
CA MET C 340 48.18 5.52 -5.84
C MET C 340 47.15 4.41 -5.57
N PHE C 341 45.85 4.73 -5.62
CA PHE C 341 44.82 3.82 -5.14
C PHE C 341 44.45 2.73 -6.16
N GLY C 342 44.99 2.83 -7.39
CA GLY C 342 44.68 1.88 -8.45
C GLY C 342 45.10 0.44 -8.13
N ILE C 343 46.26 0.27 -7.49
CA ILE C 343 46.72 -1.04 -7.09
C ILE C 343 45.73 -1.65 -6.10
N PHE C 344 45.27 -0.85 -5.13
CA PHE C 344 44.45 -1.34 -4.04
C PHE C 344 42.99 -1.52 -4.47
N ASP C 345 42.60 -0.93 -5.61
CA ASP C 345 41.24 -1.06 -6.11
C ASP C 345 40.90 -2.55 -6.26
N LEU C 346 39.86 -3.00 -5.54
CA LEU C 346 39.42 -4.39 -5.53
C LEU C 346 38.37 -4.61 -6.62
N GLY C 347 37.90 -3.53 -7.26
CA GLY C 347 36.88 -3.62 -8.31
C GLY C 347 35.45 -3.51 -7.78
N LEU C 348 34.49 -4.14 -8.50
CA LEU C 348 33.09 -3.94 -8.20
C LEU C 348 32.44 -5.17 -7.57
N ASP C 349 33.19 -6.24 -7.34
CA ASP C 349 32.62 -7.37 -6.64
C ASP C 349 32.52 -7.04 -5.15
N LEU C 350 31.29 -7.04 -4.63
CA LEU C 350 31.05 -6.75 -3.24
C LEU C 350 31.79 -7.78 -2.37
N ARG C 351 31.82 -9.05 -2.82
CA ARG C 351 32.40 -10.12 -2.03
C ARG C 351 33.84 -9.77 -1.64
N ALA C 352 34.51 -9.00 -2.51
CA ALA C 352 35.88 -8.57 -2.25
C ALA C 352 35.88 -7.45 -1.22
N TYR C 353 35.01 -6.47 -1.42
CA TYR C 353 34.86 -5.34 -0.51
C TYR C 353 34.47 -5.86 0.88
N HIS C 354 33.54 -6.82 0.92
CA HIS C 354 33.13 -7.46 2.17
C HIS C 354 34.33 -8.12 2.84
N ALA C 355 35.22 -8.71 2.04
CA ALA C 355 36.34 -9.48 2.56
C ALA C 355 37.30 -8.62 3.37
N VAL C 356 37.67 -7.45 2.82
CA VAL C 356 38.63 -6.56 3.47
C VAL C 356 38.03 -5.97 4.74
N TRP C 357 36.70 -5.80 4.77
CA TRP C 357 36.02 -5.29 5.95
C TRP C 357 36.11 -6.29 7.10
N LEU C 358 35.92 -7.58 6.78
CA LEU C 358 36.10 -8.61 7.77
C LEU C 358 37.54 -8.60 8.26
N GLU C 359 38.48 -8.44 7.32
CA GLU C 359 39.89 -8.41 7.63
C GLU C 359 40.20 -7.31 8.64
N ARG C 360 39.57 -6.14 8.45
CA ARG C 360 39.70 -5.04 9.38
C ARG C 360 39.35 -5.49 10.80
N ARG C 361 38.28 -6.27 10.96
CA ARG C 361 37.86 -6.64 12.30
C ARG C 361 38.93 -7.50 12.96
N ALA C 362 39.46 -8.45 12.20
CA ALA C 362 40.49 -9.36 12.70
C ALA C 362 41.64 -8.54 13.27
N LEU C 363 42.24 -7.73 12.39
CA LEU C 363 43.33 -6.84 12.78
C LEU C 363 42.92 -6.02 14.00
N GLN C 364 41.71 -5.44 13.92
CA GLN C 364 41.19 -4.58 14.96
C GLN C 364 41.13 -5.34 16.28
N ASP C 365 40.66 -6.59 16.22
CA ASP C 365 40.46 -7.37 17.42
C ASP C 365 41.82 -7.56 18.08
N ALA C 366 42.87 -7.73 17.27
CA ALA C 366 44.20 -7.91 17.80
C ALA C 366 44.70 -6.65 18.49
N LEU C 367 44.50 -5.49 17.84
CA LEU C 367 45.08 -4.24 18.29
C LEU C 367 44.41 -3.78 19.59
N VAL C 368 43.11 -4.03 19.71
CA VAL C 368 42.35 -3.57 20.86
C VAL C 368 42.86 -4.29 22.10
N ARG C 369 43.24 -5.56 21.92
CA ARG C 369 43.77 -6.37 23.00
C ARG C 369 45.15 -5.85 23.41
N PHE C 370 46.01 -5.58 22.41
CA PHE C 370 47.33 -5.02 22.64
C PHE C 370 47.24 -3.69 23.38
N LEU C 371 46.32 -2.83 22.93
CA LEU C 371 46.20 -1.48 23.47
C LEU C 371 45.84 -1.53 24.96
N GLU C 372 45.53 -2.72 25.47
CA GLU C 372 45.28 -2.87 26.89
C GLU C 372 46.61 -2.99 27.64
N ASP C 373 47.53 -3.80 27.09
CA ASP C 373 48.85 -3.97 27.68
C ASP C 373 49.68 -2.72 27.46
N TYR C 374 49.67 -2.21 26.22
CA TYR C 374 50.37 -0.98 25.87
C TYR C 374 49.35 0.03 25.36
N PRO C 375 48.75 0.85 26.26
CA PRO C 375 47.68 1.79 25.90
C PRO C 375 48.00 2.79 24.80
N ILE C 376 49.25 3.29 24.81
CA ILE C 376 49.64 4.35 23.91
C ILE C 376 50.62 3.76 22.91
N ILE C 377 50.58 4.28 21.68
CA ILE C 377 51.59 3.95 20.67
C ILE C 377 52.25 5.26 20.25
N VAL C 378 53.59 5.31 20.25
CA VAL C 378 54.32 6.43 19.68
C VAL C 378 54.74 6.00 18.29
N ALA C 379 54.49 6.84 17.29
CA ALA C 379 54.80 6.42 15.93
C ALA C 379 55.09 7.64 15.06
N PRO C 380 55.75 7.43 13.90
CA PRO C 380 55.89 8.48 12.90
C PRO C 380 54.55 8.72 12.20
N VAL C 381 54.32 9.96 11.75
CA VAL C 381 53.25 10.25 10.82
C VAL C 381 53.74 9.94 9.40
N ALA C 382 54.54 10.86 8.84
CA ALA C 382 54.88 10.81 7.43
C ALA C 382 56.03 9.84 7.19
N GLY C 383 57.13 9.98 7.94
CA GLY C 383 58.34 9.21 7.63
C GLY C 383 59.11 9.84 6.47
N MET C 384 58.70 11.05 6.09
CA MET C 384 59.36 11.90 5.11
C MET C 384 59.13 13.33 5.58
N PRO C 385 60.17 14.19 5.66
CA PRO C 385 59.96 15.60 5.94
C PRO C 385 59.15 16.20 4.80
N ALA C 386 58.62 17.39 5.03
CA ALA C 386 57.74 18.06 4.08
C ALA C 386 58.26 17.91 2.65
N PRO C 387 57.64 17.06 1.78
CA PRO C 387 58.14 16.85 0.42
C PRO C 387 58.08 18.14 -0.40
N PRO C 388 58.81 18.24 -1.53
CA PRO C 388 58.57 19.31 -2.50
C PRO C 388 57.15 19.25 -3.04
N LEU C 389 56.61 20.42 -3.43
CA LEU C 389 55.22 20.56 -3.82
C LEU C 389 54.87 19.64 -4.99
N ASP C 390 55.87 19.07 -5.66
CA ASP C 390 55.63 18.28 -6.86
C ASP C 390 55.58 16.78 -6.53
N PHE C 391 55.53 16.44 -5.24
CA PHE C 391 55.67 15.04 -4.84
C PHE C 391 54.57 14.18 -5.48
N ASP C 392 53.36 14.73 -5.67
CA ASP C 392 52.24 13.93 -6.16
C ASP C 392 51.83 14.35 -7.57
N HIS C 393 52.75 14.94 -8.34
CA HIS C 393 52.41 15.49 -9.64
C HIS C 393 52.78 14.51 -10.76
N LEU C 394 51.80 13.69 -11.19
CA LEU C 394 51.93 12.83 -12.36
C LEU C 394 53.06 11.81 -12.22
N ILE C 395 53.34 11.39 -10.97
CA ILE C 395 54.52 10.61 -10.64
C ILE C 395 54.35 9.15 -11.05
N GLY C 396 53.12 8.71 -11.30
CA GLY C 396 52.89 7.36 -11.80
C GLY C 396 52.76 6.35 -10.67
N ARG C 397 52.33 5.13 -11.03
CA ARG C 397 51.99 4.08 -10.08
C ARG C 397 53.17 3.72 -9.17
N GLU C 398 54.26 3.26 -9.79
CA GLU C 398 55.43 2.76 -9.06
C GLU C 398 55.93 3.79 -8.06
N ALA C 399 55.99 5.07 -8.46
CA ALA C 399 56.41 6.15 -7.58
C ALA C 399 55.37 6.42 -6.49
N SER C 400 54.09 6.24 -6.85
CA SER C 400 52.99 6.45 -5.92
C SER C 400 52.99 5.35 -4.87
N ALA C 401 53.42 4.15 -5.27
CA ALA C 401 53.57 3.06 -4.32
C ALA C 401 54.61 3.40 -3.26
N ARG C 402 55.66 4.15 -3.64
CA ARG C 402 56.71 4.52 -2.72
C ARG C 402 56.21 5.52 -1.67
N LEU C 403 55.50 6.55 -2.14
CA LEU C 403 54.84 7.49 -1.25
C LEU C 403 53.95 6.74 -0.27
N PHE C 404 53.05 5.90 -0.77
CA PHE C 404 52.13 5.17 0.08
C PHE C 404 52.91 4.58 1.27
N ASP C 405 54.01 3.90 0.95
CA ASP C 405 54.78 3.15 1.94
C ASP C 405 55.40 4.09 2.97
N ARG C 406 55.70 5.34 2.60
CA ARG C 406 56.21 6.29 3.58
C ARG C 406 55.12 6.66 4.57
N MET C 407 53.90 6.86 4.06
CA MET C 407 52.79 7.35 4.85
C MET C 407 52.07 6.18 5.51
N ARG C 408 52.60 4.95 5.38
CA ARG C 408 51.94 3.75 5.86
C ARG C 408 51.69 3.80 7.37
N CYS C 409 52.36 4.74 8.03
CA CYS C 409 52.21 4.93 9.47
C CYS C 409 50.98 5.78 9.80
N VAL C 410 50.40 6.49 8.82
CA VAL C 410 49.32 7.42 9.14
C VAL C 410 47.93 6.76 9.05
N PRO C 411 47.57 5.98 8.00
CA PRO C 411 46.15 5.61 7.77
C PRO C 411 45.55 4.56 8.70
N TRP C 412 46.41 3.76 9.36
CA TRP C 412 45.94 2.68 10.22
C TRP C 412 45.12 3.24 11.39
N VAL C 413 45.54 4.40 11.93
CA VAL C 413 44.87 5.04 13.05
C VAL C 413 43.40 5.24 12.71
N ASN C 414 43.16 5.59 11.44
CA ASN C 414 41.81 5.84 10.96
C ASN C 414 41.03 4.53 10.84
N LEU C 415 41.69 3.50 10.31
CA LEU C 415 41.03 2.24 10.05
C LEU C 415 40.39 1.71 11.32
N PHE C 416 41.05 1.90 12.47
CA PHE C 416 40.55 1.32 13.71
C PHE C 416 39.85 2.38 14.56
N GLY C 417 39.51 3.52 13.93
CA GLY C 417 38.79 4.61 14.57
C GLY C 417 39.46 5.09 15.85
N LEU C 418 40.78 5.30 15.79
CA LEU C 418 41.57 5.56 16.98
C LEU C 418 41.95 7.04 17.01
N PRO C 419 42.15 7.63 18.20
CA PRO C 419 42.68 9.00 18.29
C PRO C 419 44.18 9.09 18.00
N GLY C 420 44.57 10.12 17.25
CA GLY C 420 45.97 10.40 16.95
C GLY C 420 46.32 11.86 17.20
N LEU C 421 47.26 12.11 18.12
CA LEU C 421 47.79 13.45 18.35
C LEU C 421 49.15 13.55 17.67
N ALA C 422 49.23 14.34 16.60
CA ALA C 422 50.49 14.60 15.92
C ALA C 422 51.20 15.73 16.65
N LEU C 423 52.41 15.44 17.16
CA LEU C 423 53.26 16.43 17.80
C LEU C 423 53.90 17.28 16.70
N PRO C 424 54.43 18.49 17.00
CA PRO C 424 54.97 19.34 15.96
C PRO C 424 56.11 18.67 15.22
N ASN C 425 56.73 17.67 15.85
CA ASN C 425 57.92 17.00 15.33
C ASN C 425 57.58 16.03 14.18
N GLY C 426 56.30 15.77 13.90
CA GLY C 426 55.93 14.78 12.90
C GLY C 426 55.82 13.36 13.48
N ILE C 427 55.87 13.26 14.82
CA ILE C 427 55.65 12.03 15.55
C ILE C 427 54.23 12.11 16.10
N GLN C 428 53.55 10.96 16.19
CA GLN C 428 52.17 10.94 16.67
C GLN C 428 52.08 10.08 17.94
N LEU C 429 51.04 10.36 18.71
CA LEU C 429 50.64 9.54 19.85
C LEU C 429 49.22 9.03 19.60
N VAL C 430 49.07 7.70 19.53
CA VAL C 430 47.78 7.05 19.32
C VAL C 430 47.40 6.30 20.60
N THR C 431 46.08 6.24 20.89
CA THR C 431 45.60 5.43 22.01
C THR C 431 44.25 4.80 21.66
N ARG C 432 43.56 4.35 22.71
CA ARG C 432 42.27 3.70 22.59
C ARG C 432 41.23 4.78 22.34
N ARG C 433 40.04 4.37 21.90
CA ARG C 433 38.95 5.31 21.67
C ARG C 433 38.47 5.86 23.00
N PHE C 434 38.08 7.14 23.01
CA PHE C 434 37.49 7.78 24.19
C PHE C 434 38.58 8.07 25.23
N HIS C 435 39.84 7.79 24.90
CA HIS C 435 40.96 8.04 25.80
C HIS C 435 41.79 9.21 25.29
N GLU C 436 41.16 10.16 24.60
CA GLU C 436 41.83 11.32 24.02
C GLU C 436 42.52 12.18 25.09
N PRO C 437 41.97 12.26 26.33
CA PRO C 437 42.66 12.96 27.42
C PRO C 437 44.06 12.44 27.75
N ASP C 438 44.29 11.14 27.54
CA ASP C 438 45.60 10.55 27.80
C ASP C 438 46.64 11.10 26.84
N LEU C 439 46.22 11.33 25.58
CA LEU C 439 47.11 11.86 24.57
C LEU C 439 47.48 13.30 24.94
N LEU C 440 46.48 14.12 25.20
CA LEU C 440 46.70 15.52 25.53
C LEU C 440 47.67 15.64 26.71
N ALA C 441 47.51 14.78 27.72
CA ALA C 441 48.33 14.84 28.92
C ALA C 441 49.78 14.45 28.62
N THR C 442 50.00 13.37 27.84
CA THR C 442 51.35 12.95 27.50
C THR C 442 52.04 14.07 26.72
N ALA C 443 51.31 14.66 25.76
CA ALA C 443 51.79 15.76 24.97
C ALA C 443 52.28 16.90 25.86
N GLU C 444 51.46 17.30 26.82
CA GLU C 444 51.82 18.41 27.70
C GLU C 444 53.09 18.10 28.49
N ALA C 445 53.34 16.83 28.82
CA ALA C 445 54.51 16.43 29.58
C ALA C 445 55.79 16.46 28.74
N ILE C 446 55.66 16.09 27.46
CA ILE C 446 56.78 16.05 26.52
C ILE C 446 57.10 17.44 25.97
N GLU C 447 56.14 18.37 26.02
CA GLU C 447 56.30 19.66 25.38
C GLU C 447 57.55 20.38 25.89
N PRO C 448 57.73 20.51 27.23
CA PRO C 448 58.95 21.09 27.79
C PRO C 448 60.21 20.46 27.21
N LEU C 449 60.25 19.12 27.18
CA LEU C 449 61.44 18.36 26.82
C LEU C 449 61.75 18.48 25.32
N LEU C 450 60.76 18.26 24.45
CA LEU C 450 61.01 18.27 23.02
C LEU C 450 61.13 19.71 22.49
N PRO C 451 61.44 19.94 21.18
CA PRO C 451 61.71 21.29 20.66
C PRO C 451 60.50 22.21 20.60
N ALA C 452 60.73 23.52 20.77
CA ALA C 452 59.69 24.52 20.89
C ALA C 452 59.12 24.88 19.52
N VAL C 453 57.89 25.40 19.52
CA VAL C 453 57.18 25.76 18.30
C VAL C 453 57.22 27.28 18.16
N GLU C 454 57.78 27.74 17.04
CA GLU C 454 57.86 29.17 16.74
C GLU C 454 57.02 29.42 15.49
N VAL C 455 56.49 30.64 15.37
CA VAL C 455 55.58 30.96 14.28
C VAL C 455 56.46 31.26 13.06
N ALA C 456 55.99 30.87 11.88
CA ALA C 456 56.77 30.99 10.67
C ALA C 456 56.44 32.31 9.98
N ASP C 457 57.46 32.95 9.37
CA ASP C 457 57.24 34.14 8.56
C ASP C 457 57.97 34.01 7.22
N PRO C 458 57.27 33.55 6.16
CA PRO C 458 57.83 33.60 4.81
C PRO C 458 58.25 35.02 4.46
N GLU D 5 -35.91 -0.24 -60.03
CA GLU D 5 -34.47 -0.60 -59.90
C GLU D 5 -34.21 -1.19 -58.52
N PRO D 6 -32.98 -1.68 -58.22
CA PRO D 6 -32.58 -2.05 -56.85
C PRO D 6 -32.66 -0.99 -55.75
N CYS D 7 -32.24 0.23 -56.07
CA CYS D 7 -32.27 1.35 -55.13
C CYS D 7 -33.66 1.52 -54.52
N HIS D 8 -34.68 0.95 -55.18
CA HIS D 8 -36.06 1.02 -54.72
C HIS D 8 -36.54 -0.39 -54.38
N ALA D 9 -35.63 -1.30 -54.02
CA ALA D 9 -35.97 -2.70 -53.80
C ALA D 9 -35.70 -3.11 -52.35
N THR D 10 -36.48 -4.07 -51.86
CA THR D 10 -36.37 -4.58 -50.49
C THR D 10 -35.09 -5.42 -50.40
N ILE D 11 -34.64 -5.69 -49.16
CA ILE D 11 -33.40 -6.41 -48.92
C ILE D 11 -33.46 -7.79 -49.59
N ALA D 12 -34.52 -8.54 -49.31
CA ALA D 12 -34.71 -9.85 -49.92
C ALA D 12 -34.78 -9.73 -51.44
N GLU D 13 -35.51 -8.71 -51.92
CA GLU D 13 -35.64 -8.45 -53.35
C GLU D 13 -34.25 -8.39 -54.00
N LEU D 14 -33.45 -7.37 -53.63
CA LEU D 14 -32.13 -7.17 -54.23
C LEU D 14 -31.25 -8.40 -53.98
N GLN D 15 -31.54 -9.16 -52.92
CA GLN D 15 -30.81 -10.39 -52.67
C GLN D 15 -31.16 -11.43 -53.73
N ALA D 16 -32.45 -11.56 -54.07
CA ALA D 16 -32.91 -12.55 -55.04
C ALA D 16 -32.29 -12.29 -56.41
N GLY D 17 -32.15 -11.02 -56.78
CA GLY D 17 -31.52 -10.67 -58.04
C GLY D 17 -30.08 -11.13 -58.13
N ILE D 18 -29.29 -10.82 -57.09
CA ILE D 18 -27.92 -11.34 -56.99
C ILE D 18 -27.93 -12.85 -57.22
N ALA D 19 -28.86 -13.53 -56.54
CA ALA D 19 -29.00 -14.97 -56.61
C ALA D 19 -29.26 -15.43 -58.05
N SER D 20 -30.22 -14.76 -58.72
CA SER D 20 -30.65 -15.13 -60.06
C SER D 20 -29.71 -14.56 -61.12
N GLY D 21 -28.61 -13.93 -60.70
CA GLY D 21 -27.65 -13.36 -61.63
C GLY D 21 -28.15 -12.08 -62.26
N ALA D 22 -29.38 -11.67 -61.91
CA ALA D 22 -29.93 -10.42 -62.41
C ALA D 22 -28.89 -9.31 -62.31
N TYR D 23 -28.53 -8.94 -61.07
CA TYR D 23 -27.56 -7.87 -60.83
C TYR D 23 -26.47 -8.42 -59.92
N SER D 24 -25.23 -7.95 -60.13
CA SER D 24 -24.12 -8.25 -59.24
C SER D 24 -24.14 -7.26 -58.08
N ARG D 25 -23.46 -7.62 -56.97
CA ARG D 25 -23.29 -6.70 -55.85
C ARG D 25 -22.63 -5.43 -56.35
N GLU D 26 -21.62 -5.60 -57.23
CA GLU D 26 -20.88 -4.48 -57.79
C GLU D 26 -21.84 -3.49 -58.44
N ASP D 27 -22.84 -4.03 -59.13
CA ASP D 27 -23.91 -3.25 -59.73
C ASP D 27 -24.66 -2.51 -58.61
N VAL D 28 -25.14 -3.27 -57.62
CA VAL D 28 -26.05 -2.77 -56.60
C VAL D 28 -25.42 -1.57 -55.88
N VAL D 29 -24.14 -1.70 -55.51
CA VAL D 29 -23.40 -0.61 -54.86
C VAL D 29 -23.23 0.55 -55.83
N ALA D 30 -22.63 0.26 -57.00
CA ALA D 30 -22.31 1.28 -57.98
C ALA D 30 -23.55 2.11 -58.33
N ALA D 31 -24.67 1.43 -58.59
CA ALA D 31 -25.93 2.10 -58.83
C ALA D 31 -26.23 3.08 -57.70
N HIS D 32 -26.11 2.59 -56.46
CA HIS D 32 -26.36 3.40 -55.28
C HIS D 32 -25.40 4.59 -55.26
N LEU D 33 -24.12 4.35 -55.60
CA LEU D 33 -23.08 5.38 -55.56
C LEU D 33 -23.35 6.47 -56.59
N GLY D 34 -23.85 6.09 -57.76
CA GLY D 34 -24.16 7.03 -58.82
C GLY D 34 -25.33 7.93 -58.41
N ARG D 35 -26.38 7.32 -57.85
CA ARG D 35 -27.52 8.05 -57.32
C ARG D 35 -27.06 9.07 -56.28
N THR D 36 -25.98 8.74 -55.55
CA THR D 36 -25.47 9.58 -54.48
C THR D 36 -24.68 10.75 -55.07
N GLU D 37 -24.15 10.61 -56.29
CA GLU D 37 -23.52 11.74 -56.95
C GLU D 37 -24.62 12.74 -57.35
N ARG D 38 -25.76 12.20 -57.78
CA ARG D 38 -26.92 13.00 -58.18
C ARG D 38 -27.61 13.58 -56.95
N ILE D 39 -28.21 12.74 -56.10
CA ILE D 39 -29.13 13.20 -55.08
C ILE D 39 -28.41 13.87 -53.90
N ASN D 40 -27.23 13.36 -53.49
CA ASN D 40 -26.70 13.74 -52.18
C ASN D 40 -26.26 15.20 -52.10
N PRO D 41 -25.70 15.84 -53.15
CA PRO D 41 -25.43 17.27 -53.08
C PRO D 41 -26.64 18.07 -52.61
N VAL D 42 -27.84 17.57 -52.92
CA VAL D 42 -29.10 18.15 -52.48
C VAL D 42 -29.35 17.82 -51.00
N THR D 43 -29.35 16.53 -50.64
CA THR D 43 -29.72 16.10 -49.29
C THR D 43 -28.61 16.43 -48.27
N ASN D 44 -27.35 16.26 -48.68
CA ASN D 44 -26.21 16.41 -47.79
C ASN D 44 -26.26 15.36 -46.68
N SER D 45 -26.83 14.18 -46.99
CA SER D 45 -27.06 13.13 -46.01
C SER D 45 -25.80 12.33 -45.68
N TYR D 46 -25.02 11.94 -46.71
CA TYR D 46 -23.74 11.27 -46.50
C TYR D 46 -22.64 12.32 -46.33
N CYS D 47 -21.71 12.08 -45.39
CA CYS D 47 -20.56 12.96 -45.17
C CYS D 47 -19.25 12.38 -45.69
N GLU D 48 -19.06 11.07 -45.54
CA GLU D 48 -17.82 10.41 -45.95
C GLU D 48 -18.18 9.07 -46.59
N LEU D 49 -17.89 8.91 -47.89
CA LEU D 49 -18.31 7.72 -48.62
C LEU D 49 -17.09 6.94 -49.10
N ARG D 50 -17.11 5.62 -48.89
CA ARG D 50 -15.99 4.75 -49.19
C ARG D 50 -16.25 3.98 -50.49
N GLY D 51 -16.50 4.73 -51.58
CA GLY D 51 -16.91 4.16 -52.86
C GLY D 51 -15.88 3.22 -53.46
N ASP D 52 -14.63 3.70 -53.59
CA ASP D 52 -13.52 2.88 -54.05
C ASP D 52 -13.46 1.59 -53.23
N GLN D 53 -13.42 1.76 -51.90
CA GLN D 53 -13.23 0.66 -50.96
C GLN D 53 -14.42 -0.31 -51.01
N VAL D 54 -15.64 0.23 -50.95
CA VAL D 54 -16.85 -0.59 -50.90
C VAL D 54 -16.97 -1.39 -52.19
N LEU D 55 -16.57 -0.78 -53.31
CA LEU D 55 -16.67 -1.45 -54.61
C LEU D 55 -15.75 -2.66 -54.61
N ALA D 56 -14.59 -2.55 -53.94
CA ALA D 56 -13.66 -3.67 -53.80
C ALA D 56 -14.34 -4.85 -53.10
N GLU D 57 -15.12 -4.53 -52.05
CA GLU D 57 -15.84 -5.54 -51.28
C GLU D 57 -16.96 -6.13 -52.13
N ALA D 58 -17.56 -5.30 -52.98
CA ALA D 58 -18.59 -5.76 -53.91
C ALA D 58 -18.01 -6.77 -54.89
N ARG D 59 -16.85 -6.43 -55.49
CA ARG D 59 -16.18 -7.29 -56.45
C ARG D 59 -15.85 -8.64 -55.82
N ALA D 60 -15.04 -8.61 -54.76
CA ALA D 60 -14.56 -9.82 -54.11
C ALA D 60 -15.72 -10.73 -53.70
N ALA D 61 -16.76 -10.15 -53.11
CA ALA D 61 -17.92 -10.94 -52.70
C ALA D 61 -18.58 -11.55 -53.93
N ASP D 62 -18.70 -10.74 -55.00
CA ASP D 62 -19.20 -11.20 -56.28
C ASP D 62 -18.33 -12.34 -56.81
N ARG D 63 -17.00 -12.19 -56.68
CA ARG D 63 -16.07 -13.21 -57.11
C ARG D 63 -16.32 -14.51 -56.32
N GLU D 64 -16.02 -14.52 -55.01
CA GLU D 64 -16.05 -15.74 -54.22
C GLU D 64 -17.43 -16.37 -54.23
N TYR D 65 -18.44 -15.62 -53.75
CA TYR D 65 -19.77 -16.17 -53.55
C TYR D 65 -20.54 -16.22 -54.86
N GLY D 66 -20.57 -15.11 -55.62
CA GLY D 66 -21.34 -15.05 -56.86
C GLY D 66 -22.83 -15.17 -56.59
N ARG D 67 -23.50 -16.14 -57.22
CA ARG D 67 -24.92 -16.38 -57.02
C ARG D 67 -25.15 -16.91 -55.62
N GLU D 68 -24.07 -17.32 -54.92
CA GLU D 68 -24.15 -17.69 -53.52
C GLU D 68 -24.43 -16.43 -52.68
N LEU D 69 -25.36 -16.56 -51.72
CA LEU D 69 -25.66 -15.49 -50.77
C LEU D 69 -24.95 -15.76 -49.44
N SER D 70 -23.97 -14.90 -49.11
CA SER D 70 -23.14 -15.07 -47.93
C SER D 70 -23.98 -15.06 -46.66
N GLY D 71 -24.41 -13.87 -46.23
CA GLY D 71 -25.21 -13.72 -45.02
C GLY D 71 -26.54 -13.03 -45.32
N PRO D 72 -27.39 -12.78 -44.29
CA PRO D 72 -28.70 -12.18 -44.54
C PRO D 72 -28.63 -10.79 -45.19
N LEU D 73 -27.48 -10.12 -45.07
CA LEU D 73 -27.32 -8.78 -45.61
C LEU D 73 -26.33 -8.78 -46.77
N ASP D 74 -26.08 -9.94 -47.38
CA ASP D 74 -25.15 -10.00 -48.50
C ASP D 74 -25.72 -9.20 -49.67
N GLY D 75 -24.95 -8.19 -50.12
CA GLY D 75 -25.36 -7.34 -51.21
C GLY D 75 -26.34 -6.24 -50.76
N VAL D 76 -26.46 -6.00 -49.46
CA VAL D 76 -27.31 -4.94 -48.95
C VAL D 76 -26.44 -3.71 -48.72
N PRO D 77 -26.62 -2.59 -49.48
CA PRO D 77 -25.92 -1.34 -49.20
C PRO D 77 -26.48 -0.66 -47.96
N MET D 78 -25.60 -0.09 -47.11
CA MET D 78 -26.00 0.46 -45.83
C MET D 78 -25.47 1.88 -45.63
N SER D 79 -26.23 2.66 -44.85
CA SER D 79 -25.82 3.99 -44.40
C SER D 79 -25.46 3.93 -42.92
N ILE D 80 -24.22 4.33 -42.57
CA ILE D 80 -23.75 4.26 -41.20
C ILE D 80 -23.58 5.68 -40.65
N LYS D 81 -24.27 5.98 -39.54
CA LYS D 81 -24.14 7.26 -38.85
C LYS D 81 -22.68 7.53 -38.53
N ASP D 82 -22.33 8.80 -38.33
CA ASP D 82 -20.96 9.15 -37.98
C ASP D 82 -20.62 8.58 -36.60
N SER D 83 -21.66 8.32 -35.80
CA SER D 83 -21.50 7.94 -34.41
C SER D 83 -21.02 6.49 -34.29
N PHE D 84 -21.29 5.65 -35.31
CA PHE D 84 -20.80 4.27 -35.33
C PHE D 84 -19.48 4.21 -36.07
N ALA D 85 -18.40 3.90 -35.37
CA ALA D 85 -17.07 3.95 -35.97
C ALA D 85 -16.95 2.92 -37.09
N VAL D 86 -16.46 3.37 -38.25
CA VAL D 86 -16.09 2.50 -39.37
C VAL D 86 -14.64 2.80 -39.74
N ARG D 87 -13.86 1.73 -39.97
CA ARG D 87 -12.45 1.84 -40.28
C ARG D 87 -12.28 2.55 -41.63
N GLY D 88 -11.32 3.47 -41.70
CA GLY D 88 -11.06 4.22 -42.91
C GLY D 88 -11.98 5.45 -43.05
N LEU D 89 -12.94 5.59 -42.14
CA LEU D 89 -13.76 6.78 -42.07
C LEU D 89 -13.38 7.54 -40.80
N ARG D 90 -14.17 8.54 -40.41
CA ARG D 90 -13.80 9.36 -39.28
C ARG D 90 -14.98 9.48 -38.33
N ARG D 91 -14.67 9.38 -37.02
CA ARG D 91 -15.59 9.74 -35.96
C ARG D 91 -15.43 11.24 -35.71
N THR D 92 -15.94 12.04 -36.66
CA THR D 92 -15.81 13.49 -36.61
C THR D 92 -16.73 14.04 -35.52
N ASP D 93 -17.91 13.43 -35.42
CA ASP D 93 -18.97 13.89 -34.54
C ASP D 93 -19.44 15.27 -34.99
N GLY D 94 -19.13 15.62 -36.24
CA GLY D 94 -19.56 16.87 -36.84
C GLY D 94 -18.64 18.06 -36.52
N LEU D 95 -17.52 17.80 -35.82
CA LEU D 95 -16.67 18.88 -35.32
C LEU D 95 -15.43 18.99 -36.20
N PRO D 96 -15.01 20.21 -36.57
CA PRO D 96 -13.77 20.41 -37.34
C PRO D 96 -12.50 19.92 -36.65
N VAL D 97 -12.51 19.98 -35.31
CA VAL D 97 -11.38 19.56 -34.50
C VAL D 97 -11.08 18.08 -34.73
N HIS D 98 -12.12 17.31 -35.07
CA HIS D 98 -12.02 15.86 -35.20
C HIS D 98 -12.16 15.43 -36.66
N ALA D 99 -11.51 16.17 -37.57
CA ALA D 99 -11.56 15.87 -39.00
C ALA D 99 -10.64 14.70 -39.34
N ASP D 100 -9.45 14.69 -38.72
CA ASP D 100 -8.47 13.64 -38.94
C ASP D 100 -8.54 12.62 -37.80
N ARG D 101 -9.71 12.49 -37.18
CA ARG D 101 -9.97 11.41 -36.25
C ARG D 101 -10.34 10.16 -37.03
N VAL D 102 -9.34 9.55 -37.70
CA VAL D 102 -9.55 8.36 -38.50
C VAL D 102 -9.82 7.20 -37.55
N ALA D 103 -10.72 6.29 -37.96
CA ALA D 103 -11.13 5.17 -37.14
C ALA D 103 -10.37 3.93 -37.59
N ASP D 104 -9.69 3.26 -36.66
CA ASP D 104 -8.91 2.07 -36.99
C ASP D 104 -9.76 0.81 -36.85
N GLU D 105 -10.89 0.88 -36.11
CA GLU D 105 -11.69 -0.31 -35.84
C GLU D 105 -13.17 -0.01 -36.10
N ASP D 106 -13.95 -1.09 -36.27
CA ASP D 106 -15.38 -1.00 -36.51
C ASP D 106 -16.13 -1.41 -35.25
N ASP D 107 -17.00 -0.53 -34.75
CA ASP D 107 -17.84 -0.87 -33.61
C ASP D 107 -18.54 -2.21 -33.89
N GLU D 108 -18.85 -2.93 -32.81
CA GLU D 108 -19.32 -4.31 -32.91
C GLU D 108 -20.54 -4.36 -33.84
N VAL D 109 -21.49 -3.45 -33.62
CA VAL D 109 -22.70 -3.41 -34.43
C VAL D 109 -22.33 -3.37 -35.91
N VAL D 110 -21.41 -2.47 -36.27
CA VAL D 110 -20.98 -2.33 -37.66
C VAL D 110 -20.44 -3.69 -38.11
N ALA D 111 -19.41 -4.18 -37.38
CA ALA D 111 -18.77 -5.45 -37.64
C ALA D 111 -19.78 -6.59 -37.76
N ARG D 112 -20.81 -6.55 -36.92
CA ARG D 112 -21.89 -7.52 -36.94
C ARG D 112 -22.57 -7.59 -38.30
N LEU D 113 -22.84 -6.41 -38.89
CA LEU D 113 -23.57 -6.29 -40.14
C LEU D 113 -22.70 -6.74 -41.30
N ARG D 114 -21.47 -6.20 -41.36
CA ARG D 114 -20.50 -6.50 -42.40
C ARG D 114 -20.22 -8.01 -42.45
N ASP D 115 -20.32 -8.65 -41.29
CA ASP D 115 -20.15 -10.09 -41.17
C ASP D 115 -21.29 -10.83 -41.85
N ALA D 116 -22.43 -10.16 -42.03
CA ALA D 116 -23.60 -10.77 -42.65
C ALA D 116 -23.77 -10.26 -44.08
N GLY D 117 -22.78 -9.47 -44.56
CA GLY D 117 -22.88 -8.81 -45.86
C GLY D 117 -23.13 -7.31 -45.72
N GLY D 118 -22.05 -6.53 -45.68
CA GLY D 118 -22.12 -5.17 -45.20
C GLY D 118 -22.46 -4.23 -46.34
N LEU D 119 -21.51 -4.06 -47.25
CA LEU D 119 -21.65 -3.07 -48.30
C LEU D 119 -22.01 -1.74 -47.61
N VAL D 120 -21.10 -1.26 -46.77
CA VAL D 120 -21.28 0.01 -46.08
C VAL D 120 -20.81 1.11 -47.03
N LEU D 121 -21.75 1.93 -47.50
CA LEU D 121 -21.42 2.91 -48.52
C LEU D 121 -20.60 4.04 -47.92
N GLY D 122 -21.13 4.70 -46.87
CA GLY D 122 -20.50 5.89 -46.33
C GLY D 122 -21.08 6.30 -44.97
N HIS D 123 -20.45 7.33 -44.38
CA HIS D 123 -20.83 7.85 -43.07
C HIS D 123 -21.92 8.91 -43.21
N ALA D 124 -23.05 8.69 -42.53
CA ALA D 124 -24.18 9.61 -42.57
C ALA D 124 -23.91 10.83 -41.68
N ASN D 125 -24.52 11.96 -42.03
CA ASN D 125 -24.28 13.21 -41.35
C ASN D 125 -25.10 13.26 -40.05
N VAL D 126 -24.62 14.07 -39.09
CA VAL D 126 -25.21 14.17 -37.76
C VAL D 126 -25.08 15.62 -37.30
N PRO D 127 -25.84 16.08 -36.28
CA PRO D 127 -25.61 17.38 -35.66
C PRO D 127 -24.22 17.55 -35.08
N ASP D 128 -23.94 18.70 -34.45
CA ASP D 128 -22.60 18.98 -33.97
C ASP D 128 -22.21 18.01 -32.86
N ILE D 129 -23.04 17.80 -31.84
CA ILE D 129 -22.67 16.85 -30.81
C ILE D 129 -23.68 15.71 -30.80
N CYS D 130 -24.43 15.51 -31.90
CA CYS D 130 -25.45 14.49 -31.97
C CYS D 130 -26.61 14.79 -31.01
N ILE D 131 -26.71 16.05 -30.54
CA ILE D 131 -27.74 16.47 -29.61
C ILE D 131 -28.51 17.62 -30.24
N ARG D 132 -29.34 17.29 -31.23
CA ARG D 132 -30.19 18.25 -31.91
C ARG D 132 -31.30 17.46 -32.59
N TRP D 133 -32.38 18.15 -32.97
CA TRP D 133 -33.43 17.54 -33.77
C TRP D 133 -33.35 17.97 -35.23
N ASN D 134 -32.21 18.56 -35.62
CA ASN D 134 -31.96 18.93 -37.01
C ASN D 134 -30.51 18.59 -37.34
N THR D 135 -30.32 17.80 -38.41
CA THR D 135 -28.99 17.33 -38.76
C THR D 135 -28.20 18.47 -39.37
N ILE D 136 -27.84 19.45 -38.53
CA ILE D 136 -27.03 20.58 -38.95
C ILE D 136 -25.65 20.46 -38.32
N SER D 137 -24.62 20.32 -39.16
CA SER D 137 -23.26 20.02 -38.70
C SER D 137 -22.28 21.09 -39.17
N GLY D 138 -21.53 21.63 -38.21
CA GLY D 138 -20.54 22.67 -38.49
C GLY D 138 -19.56 22.25 -39.57
N LEU D 139 -19.02 21.02 -39.46
CA LEU D 139 -18.12 20.51 -40.47
C LEU D 139 -18.88 20.31 -41.79
N TYR D 140 -19.73 19.29 -41.86
CA TYR D 140 -20.29 18.88 -43.15
C TYR D 140 -21.27 19.92 -43.67
N GLY D 141 -22.46 20.05 -43.05
CA GLY D 141 -23.40 21.08 -43.45
C GLY D 141 -24.80 20.80 -42.92
N ILE D 142 -25.80 20.87 -43.81
CA ILE D 142 -27.19 20.76 -43.41
C ILE D 142 -27.83 19.65 -44.23
N ALA D 143 -28.35 18.62 -43.57
CA ALA D 143 -29.10 17.59 -44.25
C ALA D 143 -30.46 18.16 -44.65
N ARG D 144 -30.90 17.82 -45.87
CA ARG D 144 -32.13 18.36 -46.43
C ARG D 144 -33.05 17.20 -46.74
N ASN D 145 -34.24 17.22 -46.13
CA ASN D 145 -35.22 16.15 -46.29
C ASN D 145 -35.43 15.95 -47.80
N PRO D 146 -35.20 14.74 -48.35
CA PRO D 146 -35.36 14.54 -49.78
C PRO D 146 -36.79 14.80 -50.24
N ARG D 147 -37.76 14.55 -49.35
CA ARG D 147 -39.16 14.84 -49.64
C ARG D 147 -39.30 16.32 -49.98
N ASP D 148 -39.08 17.22 -49.00
CA ASP D 148 -39.06 18.66 -49.23
C ASP D 148 -37.71 19.21 -48.75
N PRO D 149 -36.71 19.44 -49.63
CA PRO D 149 -35.38 19.91 -49.19
C PRO D 149 -35.35 21.19 -48.35
N SER D 150 -36.48 21.91 -48.31
CA SER D 150 -36.61 23.04 -47.42
C SER D 150 -36.75 22.58 -45.97
N ARG D 151 -37.31 21.38 -45.75
CA ARG D 151 -37.64 20.89 -44.42
C ARG D 151 -36.42 20.24 -43.76
N THR D 152 -36.56 19.88 -42.47
CA THR D 152 -35.50 19.23 -41.71
C THR D 152 -35.51 17.72 -41.95
N ALA D 153 -34.31 17.14 -41.98
CA ALA D 153 -34.15 15.70 -42.07
C ALA D 153 -34.58 15.08 -40.74
N GLY D 154 -33.77 15.29 -39.69
CA GLY D 154 -34.14 14.77 -38.38
C GLY D 154 -33.10 15.08 -37.32
N GLY D 155 -33.31 14.46 -36.14
CA GLY D 155 -32.52 14.74 -34.95
C GLY D 155 -31.43 13.70 -34.71
N SER D 156 -30.20 14.09 -35.04
CA SER D 156 -29.03 13.22 -34.89
C SER D 156 -28.92 12.31 -36.10
N SER D 157 -29.85 11.35 -36.22
CA SER D 157 -29.72 10.28 -37.21
C SER D 157 -30.34 10.66 -38.55
N GLY D 158 -30.64 11.95 -38.75
CA GLY D 158 -31.39 12.39 -39.91
C GLY D 158 -30.71 12.05 -41.23
N GLY D 159 -29.37 12.18 -41.25
CA GLY D 159 -28.57 11.84 -42.42
C GLY D 159 -28.84 10.42 -42.89
N ASP D 160 -28.90 9.49 -41.94
CA ASP D 160 -29.18 8.10 -42.25
C ASP D 160 -30.55 8.00 -42.92
N ALA D 161 -31.57 8.60 -42.28
CA ALA D 161 -32.94 8.53 -42.79
C ALA D 161 -33.02 9.18 -44.17
N ALA D 162 -32.19 10.19 -44.41
CA ALA D 162 -32.14 10.84 -45.72
C ALA D 162 -31.59 9.88 -46.78
N ASN D 163 -30.54 9.13 -46.42
CA ASN D 163 -29.91 8.18 -47.33
C ASN D 163 -30.82 7.00 -47.64
N VAL D 164 -31.66 6.59 -46.66
CA VAL D 164 -32.61 5.51 -46.84
C VAL D 164 -33.83 6.03 -47.62
N ALA D 165 -34.25 7.26 -47.30
CA ALA D 165 -35.40 7.86 -47.95
C ALA D 165 -35.09 8.15 -49.43
N ALA D 166 -33.89 8.69 -49.69
CA ALA D 166 -33.45 9.08 -51.02
C ALA D 166 -32.79 7.90 -51.74
N GLY D 167 -33.11 6.66 -51.33
CA GLY D 167 -32.72 5.48 -52.06
C GLY D 167 -31.21 5.27 -52.14
N MET D 168 -30.43 6.24 -51.61
CA MET D 168 -28.98 6.18 -51.65
C MET D 168 -28.44 5.10 -50.69
N ALA D 169 -29.33 4.45 -49.94
CA ALA D 169 -28.98 3.26 -49.18
C ALA D 169 -30.24 2.50 -48.81
N THR D 170 -30.17 1.17 -48.87
CA THR D 170 -31.31 0.32 -48.57
C THR D 170 -31.67 0.45 -47.09
N VAL D 171 -30.64 0.41 -46.22
CA VAL D 171 -30.79 0.44 -44.77
C VAL D 171 -29.77 1.41 -44.17
N GLY D 172 -30.07 1.89 -42.95
CA GLY D 172 -29.20 2.84 -42.26
C GLY D 172 -29.17 2.58 -40.75
N MET D 173 -28.14 3.12 -40.08
CA MET D 173 -27.90 2.81 -38.68
C MET D 173 -27.90 4.10 -37.84
N GLY D 174 -28.78 4.16 -36.83
CA GLY D 174 -28.90 5.35 -35.98
C GLY D 174 -29.04 4.99 -34.49
N GLN D 175 -29.02 6.04 -33.64
CA GLN D 175 -29.09 5.92 -32.18
C GLN D 175 -30.22 6.80 -31.66
N ASP D 176 -30.84 6.41 -30.53
CA ASP D 176 -32.02 7.12 -30.03
C ASP D 176 -31.89 7.42 -28.54
N LEU D 177 -31.02 8.36 -28.20
CA LEU D 177 -30.94 8.89 -26.85
C LEU D 177 -32.17 9.76 -26.57
N GLY D 178 -32.50 10.63 -27.52
CA GLY D 178 -33.57 11.61 -27.33
C GLY D 178 -34.50 11.67 -28.54
N GLY D 179 -35.01 10.51 -28.96
CA GLY D 179 -35.75 10.43 -30.21
C GLY D 179 -34.80 10.65 -31.38
N SER D 180 -33.51 10.36 -31.16
CA SER D 180 -32.49 10.66 -32.15
C SER D 180 -32.55 9.65 -33.31
N ILE D 181 -33.55 8.75 -33.32
CA ILE D 181 -33.79 7.84 -34.44
C ILE D 181 -35.26 7.91 -34.86
N ARG D 182 -36.20 7.84 -33.89
CA ARG D 182 -37.62 7.75 -34.21
C ARG D 182 -38.16 9.05 -34.81
N VAL D 183 -37.62 10.19 -34.34
CA VAL D 183 -37.96 11.51 -34.86
C VAL D 183 -37.50 11.62 -36.32
N PRO D 184 -36.18 11.56 -36.63
CA PRO D 184 -35.72 11.72 -38.01
C PRO D 184 -36.44 10.77 -38.96
N ALA D 185 -36.86 9.62 -38.41
CA ALA D 185 -37.61 8.63 -39.15
C ALA D 185 -38.91 9.23 -39.67
N SER D 186 -39.79 9.64 -38.74
CA SER D 186 -41.10 10.19 -39.09
C SER D 186 -40.96 11.32 -40.11
N PHE D 187 -39.87 12.11 -40.00
CA PHE D 187 -39.66 13.25 -40.87
C PHE D 187 -39.28 12.83 -42.29
N CYS D 188 -38.52 11.74 -42.44
CA CYS D 188 -38.09 11.28 -43.77
C CYS D 188 -39.04 10.22 -44.31
N GLY D 189 -40.02 9.79 -43.51
CA GLY D 189 -41.04 8.83 -43.94
C GLY D 189 -40.54 7.39 -43.94
N VAL D 190 -39.32 7.18 -43.43
CA VAL D 190 -38.68 5.86 -43.39
C VAL D 190 -39.17 5.14 -42.12
N TYR D 191 -38.87 3.83 -42.03
CA TYR D 191 -39.08 3.04 -40.82
C TYR D 191 -37.88 3.20 -39.88
N GLY D 192 -38.13 3.33 -38.56
CA GLY D 192 -37.05 3.49 -37.60
C GLY D 192 -37.30 2.72 -36.31
N LEU D 193 -36.31 1.90 -35.91
CA LEU D 193 -36.38 1.13 -34.66
C LEU D 193 -35.31 1.66 -33.71
N ARG D 194 -35.74 2.19 -32.55
CA ARG D 194 -34.91 2.24 -31.37
C ARG D 194 -35.11 0.93 -30.62
N PRO D 195 -34.07 0.06 -30.54
CA PRO D 195 -34.16 -1.15 -29.72
C PRO D 195 -34.24 -0.73 -28.25
N GLY D 196 -34.70 -1.65 -27.41
CA GLY D 196 -34.73 -1.42 -25.97
C GLY D 196 -33.34 -1.53 -25.35
N ALA D 197 -33.24 -1.24 -24.06
CA ALA D 197 -31.98 -1.37 -23.37
C ALA D 197 -31.69 -2.85 -23.16
N GLY D 198 -30.49 -3.30 -23.55
CA GLY D 198 -30.06 -4.67 -23.28
C GLY D 198 -30.05 -5.57 -24.51
N THR D 199 -30.64 -5.12 -25.65
CA THR D 199 -30.76 -5.97 -26.83
C THR D 199 -29.58 -5.78 -27.77
N VAL D 200 -29.06 -4.55 -27.92
CA VAL D 200 -28.01 -4.32 -28.89
C VAL D 200 -26.76 -3.86 -28.17
N PRO D 201 -25.58 -4.45 -28.46
CA PRO D 201 -24.34 -4.04 -27.80
C PRO D 201 -23.90 -2.69 -28.33
N ASN D 202 -23.35 -1.87 -27.43
CA ASN D 202 -22.73 -0.61 -27.83
C ASN D 202 -21.27 -0.63 -27.39
N LEU D 203 -20.36 -0.86 -28.35
CA LEU D 203 -18.94 -0.92 -28.07
C LEU D 203 -18.19 0.03 -29.00
N SER D 204 -18.11 1.32 -28.63
CA SER D 204 -17.55 2.32 -29.51
C SER D 204 -16.06 2.50 -29.23
N VAL D 205 -15.24 2.50 -30.29
CA VAL D 205 -13.81 2.80 -30.20
C VAL D 205 -13.67 4.27 -29.80
N ILE D 206 -13.75 5.17 -30.77
CA ILE D 206 -13.89 6.58 -30.47
C ILE D 206 -15.38 6.82 -30.22
N PRO D 207 -15.80 7.06 -28.97
CA PRO D 207 -17.23 7.09 -28.64
C PRO D 207 -17.85 8.49 -28.58
N PRO D 208 -19.10 8.68 -29.06
CA PRO D 208 -19.84 9.94 -28.84
C PRO D 208 -20.31 10.01 -27.39
N PHE D 209 -20.09 11.17 -26.74
CA PHE D 209 -20.42 11.36 -25.33
C PHE D 209 -19.59 10.37 -24.52
N PRO D 210 -19.70 10.33 -23.17
CA PRO D 210 -19.08 9.27 -22.38
C PRO D 210 -20.08 8.11 -22.26
N ALA D 211 -19.81 7.19 -21.31
CA ALA D 211 -20.74 6.11 -21.04
C ALA D 211 -21.47 6.42 -19.75
N SER D 212 -22.18 7.56 -19.72
CA SER D 212 -22.92 7.94 -18.53
C SER D 212 -23.95 6.86 -18.21
N PRO D 213 -24.39 6.71 -16.94
CA PRO D 213 -25.54 5.86 -16.62
C PRO D 213 -26.87 6.28 -17.27
N THR D 214 -26.94 7.52 -17.79
CA THR D 214 -28.15 8.02 -18.41
C THR D 214 -28.32 7.41 -19.81
N LEU D 215 -27.25 7.41 -20.62
CA LEU D 215 -27.28 6.80 -21.94
C LEU D 215 -27.26 5.27 -21.83
N ASP D 216 -26.86 4.74 -20.68
CA ASP D 216 -26.95 3.31 -20.43
C ASP D 216 -28.42 2.90 -20.31
N ALA D 217 -29.27 3.81 -19.79
CA ALA D 217 -30.68 3.50 -19.60
C ALA D 217 -31.55 4.07 -20.71
N MET D 218 -31.12 5.19 -21.31
CA MET D 218 -32.00 5.95 -22.19
C MET D 218 -31.55 5.92 -23.66
N GLY D 219 -30.29 5.53 -23.95
CA GLY D 219 -29.76 5.58 -25.31
C GLY D 219 -29.55 4.19 -25.91
N THR D 220 -29.89 4.01 -27.20
CA THR D 220 -29.75 2.72 -27.87
C THR D 220 -29.35 2.94 -29.33
N SER D 221 -28.95 1.84 -29.99
CA SER D 221 -28.54 1.84 -31.39
C SER D 221 -29.54 1.03 -32.21
N GLY D 222 -29.97 1.57 -33.35
CA GLY D 222 -31.07 0.98 -34.10
C GLY D 222 -30.96 1.18 -35.61
N PRO D 223 -31.79 0.46 -36.40
CA PRO D 223 -31.74 0.53 -37.86
C PRO D 223 -32.74 1.49 -38.49
N PHE D 224 -32.47 1.84 -39.76
CA PHE D 224 -33.39 2.59 -40.60
C PHE D 224 -33.64 1.78 -41.87
N ALA D 225 -34.90 1.73 -42.35
CA ALA D 225 -35.26 0.92 -43.49
C ALA D 225 -36.62 1.34 -44.07
N ARG D 226 -36.92 0.90 -45.30
CA ARG D 226 -38.18 1.23 -45.96
C ARG D 226 -39.16 0.06 -45.95
N SER D 227 -38.79 -1.06 -45.31
CA SER D 227 -39.71 -2.17 -45.09
C SER D 227 -39.60 -2.67 -43.65
N ALA D 228 -40.70 -3.24 -43.16
CA ALA D 228 -40.75 -3.80 -41.82
C ALA D 228 -39.90 -5.07 -41.74
N ALA D 229 -39.86 -5.83 -42.86
CA ALA D 229 -39.07 -7.04 -42.93
C ALA D 229 -37.61 -6.72 -43.19
N ASP D 230 -37.33 -5.53 -43.74
CA ASP D 230 -35.96 -5.02 -43.76
C ASP D 230 -35.52 -4.76 -42.33
N LEU D 231 -36.38 -4.09 -41.55
CA LEU D 231 -36.07 -3.74 -40.16
C LEU D 231 -35.78 -5.01 -39.35
N ARG D 232 -36.70 -5.97 -39.41
CA ARG D 232 -36.58 -7.21 -38.66
C ARG D 232 -35.24 -7.85 -38.97
N THR D 233 -34.83 -7.79 -40.25
CA THR D 233 -33.60 -8.42 -40.69
C THR D 233 -32.40 -7.74 -40.02
N MET D 234 -32.32 -6.42 -40.12
CA MET D 234 -31.18 -5.69 -39.58
C MET D 234 -31.11 -5.87 -38.06
N PHE D 235 -32.28 -5.95 -37.40
CA PHE D 235 -32.36 -6.15 -35.96
C PHE D 235 -31.72 -7.48 -35.61
N SER D 236 -32.17 -8.56 -36.26
CA SER D 236 -31.69 -9.90 -35.96
C SER D 236 -30.17 -10.01 -36.13
N VAL D 237 -29.57 -9.12 -36.92
CA VAL D 237 -28.13 -9.13 -37.14
C VAL D 237 -27.44 -8.46 -35.95
N ILE D 238 -27.90 -7.26 -35.59
CA ILE D 238 -27.26 -6.47 -34.55
C ILE D 238 -27.69 -6.93 -33.16
N ALA D 239 -28.89 -7.51 -33.06
CA ALA D 239 -29.39 -8.00 -31.78
C ALA D 239 -28.41 -9.03 -31.23
N GLY D 240 -28.48 -9.29 -29.92
CA GLY D 240 -27.55 -10.19 -29.26
C GLY D 240 -26.69 -9.47 -28.22
N ALA D 241 -26.45 -10.15 -27.11
CA ALA D 241 -25.74 -9.56 -25.98
C ALA D 241 -24.25 -9.81 -26.13
N HIS D 242 -23.43 -8.78 -25.88
CA HIS D 242 -21.99 -8.97 -25.90
C HIS D 242 -21.44 -8.83 -24.48
N PRO D 243 -20.65 -9.82 -23.99
CA PRO D 243 -19.99 -9.74 -22.68
C PRO D 243 -19.26 -8.44 -22.37
N HIS D 244 -18.65 -7.84 -23.39
CA HIS D 244 -17.83 -6.64 -23.21
C HIS D 244 -18.71 -5.42 -22.96
N ASP D 245 -19.95 -5.43 -23.46
CA ASP D 245 -20.91 -4.38 -23.10
C ASP D 245 -21.68 -4.82 -21.86
N PRO D 246 -21.41 -4.20 -20.69
CA PRO D 246 -22.16 -4.53 -19.46
C PRO D 246 -23.65 -4.18 -19.50
N VAL D 247 -24.06 -3.28 -20.41
CA VAL D 247 -25.45 -2.88 -20.55
C VAL D 247 -26.20 -3.95 -21.33
N SER D 248 -25.46 -4.76 -22.11
CA SER D 248 -25.99 -5.90 -22.85
C SER D 248 -26.52 -6.96 -21.87
N VAL D 249 -27.70 -7.50 -22.15
CA VAL D 249 -28.31 -8.48 -21.27
C VAL D 249 -28.47 -9.81 -22.01
N PRO D 250 -28.05 -10.95 -21.42
CA PRO D 250 -28.26 -12.27 -22.01
C PRO D 250 -29.71 -12.75 -21.89
N ALA D 251 -30.66 -11.95 -22.39
CA ALA D 251 -32.07 -12.26 -22.20
C ALA D 251 -32.72 -12.55 -23.55
N PRO D 252 -33.50 -13.64 -23.67
CA PRO D 252 -34.12 -14.00 -24.94
C PRO D 252 -35.15 -12.93 -25.28
N LEU D 253 -35.28 -12.63 -26.59
CA LEU D 253 -36.34 -11.76 -27.06
C LEU D 253 -37.68 -12.46 -26.84
N ALA D 254 -38.74 -11.66 -26.69
CA ALA D 254 -40.04 -12.19 -26.30
C ALA D 254 -41.15 -11.61 -27.18
N GLY D 255 -42.31 -12.28 -27.15
CA GLY D 255 -43.47 -11.82 -27.88
C GLY D 255 -44.77 -12.37 -27.29
N THR D 256 -45.76 -11.49 -27.14
CA THR D 256 -47.07 -11.90 -26.63
C THR D 256 -47.99 -12.11 -27.83
N ALA D 257 -48.70 -13.24 -27.84
CA ALA D 257 -49.54 -13.62 -28.98
C ALA D 257 -50.81 -12.79 -29.03
N SER D 258 -51.27 -12.27 -27.86
CA SER D 258 -52.52 -11.53 -27.77
C SER D 258 -52.25 -10.11 -27.27
N PRO D 259 -51.44 -9.28 -27.97
CA PRO D 259 -51.05 -7.98 -27.44
C PRO D 259 -52.24 -7.02 -27.45
N ARG D 260 -52.84 -6.77 -26.28
CA ARG D 260 -53.83 -5.71 -26.18
C ARG D 260 -53.13 -4.38 -26.45
N VAL D 261 -53.85 -3.41 -27.02
CA VAL D 261 -53.20 -2.18 -27.47
C VAL D 261 -53.84 -0.97 -26.79
N ALA D 262 -53.09 0.14 -26.77
CA ALA D 262 -53.52 1.39 -26.18
C ALA D 262 -52.95 2.56 -26.98
N VAL D 263 -53.64 3.70 -26.95
CA VAL D 263 -53.22 4.89 -27.69
C VAL D 263 -52.89 5.97 -26.66
N LEU D 264 -51.80 6.70 -26.90
CA LEU D 264 -51.36 7.75 -25.99
C LEU D 264 -51.40 9.09 -26.71
N ARG D 265 -52.49 9.85 -26.53
CA ARG D 265 -52.59 11.19 -27.09
C ARG D 265 -51.90 12.18 -26.15
N GLY D 266 -52.58 12.56 -25.07
CA GLY D 266 -52.16 13.71 -24.27
C GLY D 266 -51.61 13.33 -22.90
N GLU D 267 -51.27 12.05 -22.70
CA GLU D 267 -50.77 11.61 -21.41
C GLU D 267 -49.34 12.10 -21.19
N THR D 268 -48.68 12.63 -22.24
CA THR D 268 -47.34 13.21 -22.11
C THR D 268 -47.39 14.73 -22.28
N GLY D 269 -48.60 15.30 -22.27
CA GLY D 269 -48.79 16.75 -22.32
C GLY D 269 -48.26 17.37 -23.60
N ALA D 270 -48.41 16.68 -24.74
CA ALA D 270 -47.87 17.18 -26.00
C ALA D 270 -48.92 18.01 -26.74
N VAL D 271 -48.47 18.78 -27.74
CA VAL D 271 -49.35 19.62 -28.57
C VAL D 271 -49.22 19.14 -30.02
N LEU D 272 -50.16 18.29 -30.45
CA LEU D 272 -50.06 17.58 -31.71
C LEU D 272 -51.05 18.18 -32.70
N ASP D 273 -50.67 18.28 -33.98
CA ASP D 273 -51.57 18.75 -35.03
C ASP D 273 -52.61 17.66 -35.34
N ALA D 274 -53.71 18.06 -35.98
CA ALA D 274 -54.74 17.13 -36.38
C ALA D 274 -54.28 16.31 -37.59
N GLU D 275 -53.19 16.74 -38.23
CA GLU D 275 -52.51 15.94 -39.22
C GLU D 275 -52.11 14.60 -38.61
N ILE D 276 -51.26 14.66 -37.57
CA ILE D 276 -50.69 13.47 -36.97
C ILE D 276 -51.74 12.81 -36.07
N GLU D 277 -52.68 13.60 -35.55
CA GLU D 277 -53.81 13.06 -34.80
C GLU D 277 -54.63 12.14 -35.71
N ALA D 278 -54.72 12.51 -37.00
CA ALA D 278 -55.44 11.73 -37.99
C ALA D 278 -54.61 10.50 -38.37
N ARG D 279 -53.30 10.70 -38.59
CA ARG D 279 -52.39 9.62 -38.93
C ARG D 279 -52.43 8.55 -37.83
N LEU D 280 -52.37 9.01 -36.58
CA LEU D 280 -52.52 8.12 -35.43
C LEU D 280 -53.86 7.40 -35.50
N ASP D 281 -54.95 8.17 -35.62
CA ASP D 281 -56.30 7.63 -35.63
C ASP D 281 -56.41 6.59 -36.75
N ALA D 282 -55.73 6.85 -37.88
CA ALA D 282 -55.67 5.93 -39.01
C ALA D 282 -55.01 4.61 -38.61
N THR D 283 -53.85 4.73 -37.94
CA THR D 283 -53.05 3.59 -37.54
C THR D 283 -53.86 2.73 -36.57
N VAL D 284 -54.67 3.39 -35.73
CA VAL D 284 -55.46 2.70 -34.73
C VAL D 284 -56.39 1.69 -35.42
N ASP D 285 -57.13 2.15 -36.43
CA ASP D 285 -58.16 1.34 -37.06
C ASP D 285 -57.52 0.10 -37.68
N ALA D 286 -56.42 0.33 -38.40
CA ALA D 286 -55.68 -0.73 -39.04
C ALA D 286 -55.41 -1.87 -38.06
N LEU D 287 -55.07 -1.51 -36.81
CA LEU D 287 -54.75 -2.49 -35.79
C LEU D 287 -55.99 -3.32 -35.47
N ARG D 288 -57.09 -2.64 -35.13
CA ARG D 288 -58.32 -3.33 -34.76
C ARG D 288 -58.82 -4.19 -35.91
N ARG D 289 -58.58 -3.72 -37.14
CA ARG D 289 -58.86 -4.51 -38.33
C ARG D 289 -58.03 -5.80 -38.31
N ALA D 290 -56.78 -5.70 -37.84
CA ALA D 290 -55.88 -6.84 -37.72
C ALA D 290 -56.04 -7.51 -36.35
N GLY D 291 -57.26 -7.46 -35.80
CA GLY D 291 -57.64 -8.19 -34.59
C GLY D 291 -56.91 -7.70 -33.34
N PHE D 292 -56.58 -6.40 -33.30
CA PHE D 292 -55.92 -5.81 -32.14
C PHE D 292 -56.95 -5.03 -31.32
N GLU D 293 -57.05 -5.37 -30.03
CA GLU D 293 -58.06 -4.81 -29.15
C GLU D 293 -57.62 -3.44 -28.66
N VAL D 294 -57.49 -2.47 -29.57
CA VAL D 294 -56.93 -1.16 -29.25
C VAL D 294 -57.93 -0.42 -28.34
N ALA D 295 -57.41 0.34 -27.37
CA ALA D 295 -58.22 1.05 -26.39
C ALA D 295 -57.67 2.46 -26.18
N GLU D 296 -58.54 3.39 -25.74
CA GLU D 296 -58.14 4.76 -25.47
C GLU D 296 -58.51 5.13 -24.03
N ASP D 297 -57.91 6.21 -23.52
CA ASP D 297 -58.19 6.78 -22.22
C ASP D 297 -57.67 5.92 -21.06
N VAL D 298 -56.90 4.87 -21.36
CA VAL D 298 -56.51 3.91 -20.35
C VAL D 298 -55.05 4.11 -19.92
N VAL D 299 -54.32 5.03 -20.58
CA VAL D 299 -52.89 5.23 -20.29
C VAL D 299 -52.73 6.16 -19.09
N PRO D 300 -52.05 5.73 -17.99
CA PRO D 300 -51.69 6.64 -16.90
C PRO D 300 -50.92 7.89 -17.33
N ASP D 301 -51.02 8.96 -16.54
CA ASP D 301 -50.48 10.27 -16.91
C ASP D 301 -48.96 10.28 -16.76
N LEU D 302 -48.26 10.50 -17.87
CA LEU D 302 -46.81 10.55 -17.89
C LEU D 302 -46.37 11.95 -18.31
N ARG D 303 -47.03 12.97 -17.78
CA ARG D 303 -46.74 14.35 -18.15
C ARG D 303 -45.33 14.74 -17.71
N ARG D 304 -44.89 14.23 -16.54
CA ARG D 304 -43.60 14.57 -15.96
C ARG D 304 -42.44 13.88 -16.69
N ALA D 305 -42.69 12.68 -17.23
CA ALA D 305 -41.66 11.83 -17.81
C ALA D 305 -40.76 12.58 -18.80
N PRO D 306 -41.30 13.25 -19.84
CA PRO D 306 -40.44 14.03 -20.74
C PRO D 306 -39.58 15.05 -19.98
N GLU D 307 -40.14 15.58 -18.89
CA GLU D 307 -39.51 16.64 -18.12
C GLU D 307 -38.34 16.04 -17.35
N VAL D 308 -38.62 14.94 -16.62
CA VAL D 308 -37.60 14.20 -15.91
C VAL D 308 -36.44 13.97 -16.87
N TRP D 309 -36.74 13.37 -18.03
CA TRP D 309 -35.75 13.16 -19.06
C TRP D 309 -35.07 14.47 -19.41
N ALA D 310 -35.87 15.51 -19.64
CA ALA D 310 -35.35 16.81 -20.04
C ALA D 310 -34.32 17.31 -19.01
N ALA D 311 -34.66 17.14 -17.73
CA ALA D 311 -33.85 17.64 -16.64
C ALA D 311 -32.55 16.86 -16.51
N ILE D 312 -32.66 15.53 -16.40
CA ILE D 312 -31.49 14.67 -16.34
C ILE D 312 -30.55 15.08 -17.46
N ASN D 313 -31.03 14.99 -18.70
CA ASN D 313 -30.21 15.25 -19.88
C ASN D 313 -29.71 16.70 -19.85
N GLY D 314 -30.67 17.62 -19.84
CA GLY D 314 -30.39 19.05 -19.91
C GLY D 314 -29.33 19.47 -18.89
N THR D 315 -29.53 19.05 -17.63
CA THR D 315 -28.60 19.37 -16.55
C THR D 315 -27.18 19.01 -17.00
N GLU D 316 -26.97 17.78 -17.49
CA GLU D 316 -25.64 17.29 -17.81
C GLU D 316 -25.08 18.03 -19.03
N LEU D 317 -25.96 18.28 -20.01
CA LEU D 317 -25.56 19.00 -21.21
C LEU D 317 -24.97 20.35 -20.83
N ILE D 318 -25.70 21.12 -20.01
CA ILE D 318 -25.30 22.48 -19.70
C ILE D 318 -24.12 22.43 -18.74
N ASN D 319 -24.33 21.78 -17.58
CA ASN D 319 -23.35 21.86 -16.50
C ASN D 319 -22.09 21.06 -16.85
N ILE D 320 -22.26 19.84 -17.40
CA ILE D 320 -21.10 18.98 -17.65
C ILE D 320 -20.63 19.12 -19.10
N ALA D 321 -21.50 18.81 -20.08
CA ALA D 321 -21.06 18.64 -21.47
C ALA D 321 -20.50 19.94 -22.06
N LEU D 322 -21.39 20.93 -22.25
CA LEU D 322 -21.12 22.11 -23.04
C LEU D 322 -19.84 22.84 -22.63
N PRO D 323 -19.53 23.00 -21.33
CA PRO D 323 -18.31 23.72 -20.93
C PRO D 323 -17.02 23.21 -21.52
N GLU D 324 -17.07 22.06 -22.21
CA GLU D 324 -15.98 21.62 -23.06
C GLU D 324 -16.36 21.76 -24.54
N VAL D 325 -17.50 21.18 -24.92
CA VAL D 325 -17.83 20.98 -26.33
C VAL D 325 -18.38 22.27 -26.94
N GLY D 326 -18.82 23.22 -26.11
CA GLY D 326 -19.39 24.47 -26.61
C GLY D 326 -18.40 25.27 -27.44
N ALA D 327 -17.09 25.01 -27.23
CA ALA D 327 -16.01 25.69 -27.92
C ALA D 327 -16.02 25.39 -29.41
N GLU D 328 -16.16 24.11 -29.78
CA GLU D 328 -16.08 23.70 -31.18
C GLU D 328 -17.48 23.47 -31.74
N MET D 329 -18.51 23.63 -30.90
CA MET D 329 -19.88 23.33 -31.29
C MET D 329 -20.39 24.47 -32.16
N THR D 330 -21.50 24.23 -32.88
CA THR D 330 -22.23 25.29 -33.56
C THR D 330 -22.92 26.14 -32.49
N GLY D 331 -22.73 27.47 -32.57
CA GLY D 331 -23.48 28.40 -31.76
C GLY D 331 -24.99 28.24 -31.96
N SER D 332 -25.38 27.64 -33.09
CA SER D 332 -26.77 27.27 -33.33
C SER D 332 -27.25 26.29 -32.25
N GLY D 333 -26.52 25.19 -32.11
CA GLY D 333 -26.86 24.10 -31.20
C GLY D 333 -26.57 24.46 -29.74
N ARG D 334 -25.44 25.15 -29.50
CA ARG D 334 -25.12 25.67 -28.19
C ARG D 334 -26.33 26.44 -27.68
N GLN D 335 -26.77 27.44 -28.46
CA GLN D 335 -27.91 28.26 -28.12
C GLN D 335 -29.19 27.43 -28.10
N HIS D 336 -29.28 26.42 -28.97
CA HIS D 336 -30.41 25.52 -28.92
C HIS D 336 -30.50 24.86 -27.54
N ILE D 337 -29.38 24.27 -27.07
CA ILE D 337 -29.35 23.55 -25.81
C ILE D 337 -29.62 24.53 -24.67
N GLU D 338 -28.88 25.64 -24.64
CA GLU D 338 -29.07 26.67 -23.64
C GLU D 338 -30.55 27.06 -23.60
N ASP D 339 -31.12 27.40 -24.77
CA ASP D 339 -32.50 27.85 -24.86
C ASP D 339 -33.48 26.72 -24.55
N MET D 340 -33.26 25.52 -25.11
CA MET D 340 -34.19 24.41 -24.96
C MET D 340 -34.10 23.83 -23.54
N PHE D 341 -32.92 23.36 -23.14
CA PHE D 341 -32.77 22.57 -21.92
C PHE D 341 -32.43 23.45 -20.72
N GLY D 342 -32.21 24.75 -20.94
CA GLY D 342 -31.85 25.69 -19.89
C GLY D 342 -32.91 25.82 -18.79
N ILE D 343 -34.18 25.55 -19.12
CA ILE D 343 -35.26 25.63 -18.15
C ILE D 343 -35.05 24.57 -17.07
N PHE D 344 -34.80 23.33 -17.48
CA PHE D 344 -34.84 22.20 -16.57
C PHE D 344 -33.47 21.98 -15.92
N ASP D 345 -32.46 22.78 -16.29
CA ASP D 345 -31.14 22.70 -15.67
C ASP D 345 -31.31 22.69 -14.15
N LEU D 346 -31.14 21.51 -13.54
CA LEU D 346 -31.30 21.32 -12.10
C LEU D 346 -30.13 21.95 -11.35
N GLY D 347 -29.17 22.52 -12.08
CA GLY D 347 -28.00 23.16 -11.50
C GLY D 347 -26.96 22.12 -11.09
N LEU D 348 -25.83 22.62 -10.58
CA LEU D 348 -24.71 21.79 -10.17
C LEU D 348 -24.98 20.99 -8.89
N ASP D 349 -26.11 21.21 -8.20
CA ASP D 349 -26.36 20.50 -6.96
C ASP D 349 -26.92 19.11 -7.24
N LEU D 350 -26.29 18.08 -6.64
CA LEU D 350 -26.59 16.69 -6.94
C LEU D 350 -27.86 16.26 -6.22
N ARG D 351 -28.21 16.91 -5.10
CA ARG D 351 -29.42 16.53 -4.38
C ARG D 351 -30.62 16.58 -5.32
N ALA D 352 -30.57 17.49 -6.30
CA ALA D 352 -31.65 17.68 -7.26
C ALA D 352 -31.63 16.62 -8.36
N TYR D 353 -30.42 16.27 -8.82
CA TYR D 353 -30.22 15.22 -9.82
C TYR D 353 -30.77 13.90 -9.25
N HIS D 354 -30.37 13.59 -8.02
CA HIS D 354 -30.85 12.40 -7.35
C HIS D 354 -32.38 12.40 -7.34
N ALA D 355 -32.95 13.55 -6.98
CA ALA D 355 -34.39 13.73 -6.80
C ALA D 355 -35.16 13.35 -8.07
N VAL D 356 -34.76 13.94 -9.19
CA VAL D 356 -35.42 13.73 -10.48
C VAL D 356 -35.21 12.28 -10.90
N TRP D 357 -34.02 11.73 -10.63
CA TRP D 357 -33.71 10.35 -10.98
C TRP D 357 -34.67 9.40 -10.28
N LEU D 358 -35.07 9.72 -9.04
CA LEU D 358 -35.93 8.84 -8.26
C LEU D 358 -37.37 8.90 -8.75
N GLU D 359 -37.78 10.05 -9.33
CA GLU D 359 -39.12 10.21 -9.85
C GLU D 359 -39.29 9.32 -11.08
N ARG D 360 -38.23 9.25 -11.90
CA ARG D 360 -38.19 8.34 -13.04
C ARG D 360 -38.73 6.98 -12.60
N ARG D 361 -38.10 6.41 -11.57
CA ARG D 361 -38.47 5.09 -11.07
C ARG D 361 -39.93 5.05 -10.65
N ALA D 362 -40.42 6.16 -10.09
CA ALA D 362 -41.82 6.28 -9.72
C ALA D 362 -42.69 6.06 -10.96
N LEU D 363 -42.48 6.91 -11.97
CA LEU D 363 -43.22 6.83 -13.21
C LEU D 363 -43.08 5.41 -13.76
N GLN D 364 -41.84 5.02 -14.06
CA GLN D 364 -41.52 3.73 -14.67
C GLN D 364 -42.20 2.59 -13.92
N ASP D 365 -42.08 2.58 -12.59
CA ASP D 365 -42.62 1.50 -11.79
C ASP D 365 -44.10 1.34 -12.12
N ALA D 366 -44.73 2.48 -12.42
CA ALA D 366 -46.13 2.49 -12.81
C ALA D 366 -46.29 1.97 -14.24
N LEU D 367 -45.47 2.49 -15.18
CA LEU D 367 -45.60 2.17 -16.59
C LEU D 367 -45.50 0.67 -16.82
N VAL D 368 -44.57 0.00 -16.11
CA VAL D 368 -44.33 -1.41 -16.31
C VAL D 368 -45.53 -2.26 -15.86
N ARG D 369 -46.30 -1.77 -14.88
CA ARG D 369 -47.45 -2.52 -14.37
C ARG D 369 -48.63 -2.39 -15.34
N PHE D 370 -48.66 -1.26 -16.06
CA PHE D 370 -49.67 -0.96 -17.06
C PHE D 370 -49.48 -1.86 -18.28
N LEU D 371 -48.24 -1.89 -18.78
CA LEU D 371 -47.91 -2.63 -19.98
C LEU D 371 -48.12 -4.12 -19.78
N GLU D 372 -48.44 -4.53 -18.55
CA GLU D 372 -48.83 -5.92 -18.35
C GLU D 372 -50.22 -6.16 -18.92
N ASP D 373 -51.08 -5.14 -18.86
CA ASP D 373 -52.42 -5.21 -19.40
C ASP D 373 -52.53 -4.41 -20.70
N TYR D 374 -51.54 -3.55 -20.99
CA TYR D 374 -51.53 -2.84 -22.27
C TYR D 374 -50.14 -2.91 -22.88
N PRO D 375 -49.67 -4.11 -23.29
CA PRO D 375 -48.27 -4.28 -23.71
C PRO D 375 -47.78 -3.40 -24.85
N ILE D 376 -48.69 -2.90 -25.69
CA ILE D 376 -48.28 -2.11 -26.85
C ILE D 376 -49.03 -0.79 -26.85
N ILE D 377 -48.29 0.29 -27.11
CA ILE D 377 -48.82 1.65 -27.08
C ILE D 377 -48.52 2.32 -28.42
N VAL D 378 -49.58 2.65 -29.17
CA VAL D 378 -49.49 3.42 -30.40
C VAL D 378 -49.44 4.89 -29.98
N ALA D 379 -48.58 5.72 -30.59
CA ALA D 379 -48.44 7.09 -30.12
C ALA D 379 -47.77 8.02 -31.14
N PRO D 380 -48.02 9.34 -31.05
CA PRO D 380 -47.43 10.31 -31.97
C PRO D 380 -45.95 10.49 -31.69
N VAL D 381 -45.12 10.38 -32.73
CA VAL D 381 -43.71 10.72 -32.60
C VAL D 381 -43.59 12.25 -32.55
N ALA D 382 -43.50 12.88 -33.73
CA ALA D 382 -43.08 14.28 -33.82
C ALA D 382 -44.09 15.19 -33.14
N GLY D 383 -45.39 14.90 -33.29
CA GLY D 383 -46.44 15.83 -32.88
C GLY D 383 -46.47 17.08 -33.76
N MET D 384 -45.47 17.18 -34.65
CA MET D 384 -45.38 18.26 -35.63
C MET D 384 -45.02 17.60 -36.96
N PRO D 385 -45.66 17.98 -38.09
CA PRO D 385 -45.16 17.57 -39.41
C PRO D 385 -43.78 18.18 -39.67
N ALA D 386 -43.04 17.62 -40.63
CA ALA D 386 -41.65 17.98 -40.86
C ALA D 386 -41.46 19.51 -40.82
N PRO D 387 -40.79 20.08 -39.78
CA PRO D 387 -40.58 21.52 -39.69
C PRO D 387 -39.57 22.07 -40.70
N PRO D 388 -39.49 23.40 -40.88
CA PRO D 388 -38.46 24.01 -41.72
C PRO D 388 -37.07 23.81 -41.13
N LEU D 389 -36.02 24.09 -41.92
CA LEU D 389 -34.65 23.97 -41.46
C LEU D 389 -34.35 24.99 -40.37
N ASP D 390 -35.10 26.09 -40.38
CA ASP D 390 -34.91 27.18 -39.43
C ASP D 390 -35.69 26.92 -38.14
N PHE D 391 -36.29 25.73 -37.97
CA PHE D 391 -37.18 25.52 -36.83
C PHE D 391 -36.45 25.86 -35.53
N ASP D 392 -35.13 25.56 -35.46
CA ASP D 392 -34.36 25.74 -34.23
C ASP D 392 -33.16 26.67 -34.40
N HIS D 393 -33.09 27.43 -35.51
CA HIS D 393 -31.93 28.29 -35.74
C HIS D 393 -32.07 29.57 -34.93
N LEU D 394 -31.40 29.61 -33.76
CA LEU D 394 -31.33 30.79 -32.89
C LEU D 394 -32.73 31.27 -32.47
N ILE D 395 -33.67 30.34 -32.36
CA ILE D 395 -35.02 30.61 -31.87
C ILE D 395 -34.93 30.95 -30.38
N GLY D 396 -35.91 31.70 -29.87
CA GLY D 396 -35.93 32.11 -28.48
C GLY D 396 -36.54 31.05 -27.56
N ARG D 397 -36.33 31.20 -26.25
CA ARG D 397 -37.03 30.39 -25.26
C ARG D 397 -38.50 30.76 -25.28
N GLU D 398 -39.35 29.86 -24.77
CA GLU D 398 -40.78 29.92 -25.03
C GLU D 398 -40.99 29.34 -26.43
N ALA D 399 -40.24 29.88 -27.41
CA ALA D 399 -40.17 29.33 -28.73
C ALA D 399 -39.53 27.94 -28.67
N SER D 400 -38.37 27.85 -27.99
CA SER D 400 -37.67 26.58 -27.79
C SER D 400 -38.55 25.64 -26.98
N ALA D 401 -39.18 26.18 -25.92
CA ALA D 401 -40.04 25.40 -25.06
C ALA D 401 -41.22 24.83 -25.85
N ARG D 402 -41.82 25.67 -26.71
CA ARG D 402 -43.02 25.28 -27.44
C ARG D 402 -42.75 24.09 -28.35
N LEU D 403 -41.53 24.02 -28.90
CA LEU D 403 -41.10 22.86 -29.66
C LEU D 403 -41.16 21.63 -28.77
N PHE D 404 -40.46 21.69 -27.63
CA PHE D 404 -40.40 20.60 -26.68
C PHE D 404 -41.81 20.14 -26.35
N ASP D 405 -42.74 21.10 -26.19
CA ASP D 405 -44.13 20.78 -25.93
C ASP D 405 -44.68 19.86 -27.03
N ARG D 406 -44.31 20.13 -28.28
CA ARG D 406 -44.83 19.36 -29.41
C ARG D 406 -44.14 17.98 -29.48
N MET D 407 -42.81 17.96 -29.28
CA MET D 407 -42.04 16.72 -29.36
C MET D 407 -42.02 16.00 -28.01
N ARG D 408 -43.15 16.04 -27.28
CA ARG D 408 -43.17 15.57 -25.90
C ARG D 408 -43.51 14.09 -25.79
N CYS D 409 -43.81 13.45 -26.94
CA CYS D 409 -44.11 12.02 -26.92
C CYS D 409 -42.89 11.20 -27.31
N VAL D 410 -41.81 11.88 -27.71
CA VAL D 410 -40.61 11.18 -28.16
C VAL D 410 -39.81 10.72 -26.93
N PRO D 411 -39.40 11.61 -25.99
CA PRO D 411 -38.45 11.26 -24.94
C PRO D 411 -38.81 10.17 -23.92
N TRP D 412 -40.10 10.01 -23.60
CA TRP D 412 -40.49 9.15 -22.48
C TRP D 412 -40.02 7.71 -22.69
N VAL D 413 -39.89 7.31 -23.96
CA VAL D 413 -39.50 5.95 -24.34
C VAL D 413 -38.03 5.75 -23.98
N ASN D 414 -37.21 6.76 -24.29
CA ASN D 414 -35.81 6.76 -23.95
C ASN D 414 -35.63 6.65 -22.44
N LEU D 415 -36.32 7.53 -21.70
CA LEU D 415 -36.16 7.60 -20.26
C LEU D 415 -36.38 6.22 -19.63
N PHE D 416 -37.40 5.48 -20.09
CA PHE D 416 -37.76 4.22 -19.45
C PHE D 416 -37.14 3.02 -20.18
N GLY D 417 -36.08 3.28 -20.96
CA GLY D 417 -35.40 2.20 -21.66
C GLY D 417 -36.39 1.27 -22.35
N LEU D 418 -37.32 1.87 -23.12
CA LEU D 418 -38.37 1.12 -23.78
C LEU D 418 -38.04 1.01 -25.27
N PRO D 419 -38.38 -0.12 -25.93
CA PRO D 419 -38.23 -0.23 -27.37
C PRO D 419 -39.32 0.56 -28.08
N GLY D 420 -38.91 1.47 -28.97
CA GLY D 420 -39.83 2.32 -29.71
C GLY D 420 -39.66 2.16 -31.21
N LEU D 421 -40.69 1.59 -31.88
CA LEU D 421 -40.67 1.37 -33.31
C LEU D 421 -41.42 2.49 -34.02
N ALA D 422 -40.72 3.20 -34.91
CA ALA D 422 -41.29 4.31 -35.66
C ALA D 422 -41.78 3.83 -37.01
N LEU D 423 -43.11 3.89 -37.23
CA LEU D 423 -43.71 3.62 -38.52
C LEU D 423 -43.48 4.82 -39.45
N PRO D 424 -43.60 4.65 -40.79
CA PRO D 424 -43.35 5.74 -41.73
C PRO D 424 -44.41 6.86 -41.72
N ASN D 425 -45.61 6.55 -41.22
CA ASN D 425 -46.70 7.51 -41.08
C ASN D 425 -46.38 8.53 -39.97
N GLY D 426 -45.26 8.33 -39.26
CA GLY D 426 -44.87 9.21 -38.18
C GLY D 426 -45.56 8.86 -36.87
N ILE D 427 -46.13 7.65 -36.81
CA ILE D 427 -46.65 7.09 -35.58
C ILE D 427 -45.66 6.00 -35.15
N GLN D 428 -45.52 5.81 -33.83
CA GLN D 428 -44.59 4.82 -33.30
C GLN D 428 -45.37 3.74 -32.58
N LEU D 429 -44.67 2.63 -32.29
CA LEU D 429 -45.20 1.58 -31.43
C LEU D 429 -44.19 1.33 -30.31
N VAL D 430 -44.66 1.29 -29.05
CA VAL D 430 -43.79 1.08 -27.91
C VAL D 430 -44.28 -0.14 -27.12
N THR D 431 -43.34 -0.97 -26.62
CA THR D 431 -43.71 -2.14 -25.84
C THR D 431 -42.78 -2.32 -24.63
N ARG D 432 -42.91 -3.50 -24.01
CA ARG D 432 -42.10 -3.92 -22.88
C ARG D 432 -40.67 -4.18 -23.36
N ARG D 433 -39.71 -4.10 -22.44
CA ARG D 433 -38.32 -4.35 -22.76
C ARG D 433 -38.15 -5.83 -23.13
N PHE D 434 -37.38 -6.10 -24.20
CA PHE D 434 -37.11 -7.45 -24.67
C PHE D 434 -38.30 -8.01 -25.46
N HIS D 435 -39.33 -7.19 -25.67
CA HIS D 435 -40.47 -7.57 -26.50
C HIS D 435 -40.38 -6.90 -27.87
N GLU D 436 -39.18 -6.43 -28.24
CA GLU D 436 -38.93 -5.73 -29.49
C GLU D 436 -39.54 -6.43 -30.69
N PRO D 437 -39.54 -7.79 -30.76
CA PRO D 437 -40.21 -8.52 -31.83
C PRO D 437 -41.71 -8.22 -31.96
N ASP D 438 -42.39 -8.08 -30.82
CA ASP D 438 -43.82 -7.78 -30.80
C ASP D 438 -44.11 -6.55 -31.67
N LEU D 439 -43.20 -5.57 -31.65
CA LEU D 439 -43.37 -4.35 -32.44
C LEU D 439 -43.19 -4.66 -33.92
N LEU D 440 -42.10 -5.36 -34.26
CA LEU D 440 -41.80 -5.74 -35.63
C LEU D 440 -42.92 -6.57 -36.21
N ALA D 441 -43.44 -7.51 -35.40
CA ALA D 441 -44.56 -8.36 -35.77
C ALA D 441 -45.81 -7.55 -36.11
N THR D 442 -46.24 -6.70 -35.16
CA THR D 442 -47.43 -5.89 -35.32
C THR D 442 -47.27 -4.86 -36.44
N ALA D 443 -46.03 -4.39 -36.68
CA ALA D 443 -45.76 -3.43 -37.74
C ALA D 443 -45.73 -4.10 -39.12
N GLU D 444 -45.62 -5.43 -39.13
CA GLU D 444 -45.75 -6.17 -40.37
C GLU D 444 -47.23 -6.23 -40.76
N ALA D 445 -48.13 -6.15 -39.77
CA ALA D 445 -49.57 -6.26 -40.01
C ALA D 445 -50.17 -4.95 -40.53
N ILE D 446 -49.62 -3.81 -40.10
CA ILE D 446 -50.08 -2.51 -40.55
C ILE D 446 -49.36 -2.09 -41.82
N GLU D 447 -48.26 -2.76 -42.19
CA GLU D 447 -47.52 -2.41 -43.39
C GLU D 447 -48.45 -2.48 -44.60
N PRO D 448 -49.23 -3.59 -44.80
CA PRO D 448 -50.22 -3.68 -45.86
C PRO D 448 -51.36 -2.65 -45.78
N LEU D 449 -52.08 -2.64 -44.65
CA LEU D 449 -53.26 -1.81 -44.45
C LEU D 449 -52.96 -0.33 -44.68
N LEU D 450 -51.87 0.18 -44.09
CA LEU D 450 -51.52 1.60 -44.20
C LEU D 450 -50.86 1.89 -45.55
N PRO D 451 -50.51 3.16 -45.86
CA PRO D 451 -49.81 3.52 -47.10
C PRO D 451 -48.40 2.94 -47.19
N ALA D 452 -48.00 2.50 -48.39
CA ALA D 452 -46.69 1.90 -48.58
C ALA D 452 -45.62 2.98 -48.77
N VAL D 453 -44.38 2.64 -48.41
CA VAL D 453 -43.25 3.57 -48.43
C VAL D 453 -42.70 3.61 -49.86
N GLU D 454 -42.31 4.80 -50.32
CA GLU D 454 -41.72 4.95 -51.65
C GLU D 454 -40.47 5.81 -51.54
N VAL D 455 -39.50 5.56 -52.44
CA VAL D 455 -38.23 6.25 -52.43
C VAL D 455 -38.46 7.71 -52.83
N ALA D 456 -37.63 8.62 -52.28
CA ALA D 456 -37.77 10.05 -52.48
C ALA D 456 -36.94 10.49 -53.69
N ASP D 457 -37.31 11.65 -54.26
CA ASP D 457 -36.75 12.12 -55.52
C ASP D 457 -36.54 13.63 -55.46
N PRO D 458 -35.33 14.12 -55.06
CA PRO D 458 -34.97 15.52 -55.22
C PRO D 458 -34.62 15.80 -56.69
N VAL D 459 -35.57 15.49 -57.57
CA VAL D 459 -35.38 15.64 -59.01
C VAL D 459 -35.83 17.07 -59.38
#